data_6L7U
#
_entry.id   6L7U
#
_cell.length_a   77.147
_cell.length_b   119.241
_cell.length_c   255.839
_cell.angle_alpha   90.000
_cell.angle_beta   90.000
_cell.angle_gamma   90.000
#
_symmetry.space_group_name_H-M   'P 21 21 21'
#
loop_
_entity.id
_entity.type
_entity.pdbx_description
1 polymer 'Fukutin-related protein'
2 non-polymer 'ZINC ION'
3 non-polymer 2-acetamido-2-deoxy-beta-D-glucopyranose
4 non-polymer 'BARIUM ION'
5 water water
#
_entity_poly.entity_id   1
_entity_poly.type   'polypeptide(L)'
_entity_poly.pdbx_seq_one_letter_code
;GGRPAGPRVTVLVREFEAFDNAVPELVDSFLQQDPAQPVVVAADTLPYPPLALPRIPNVRLALLQPALDRPAAASRPETY
VATEFVALVPDGARAEAPGLLERMVEALRAGSARLVAAPVATANPARCLALNVSLREWTARYGAAPAAPRCDALDGDAVV
LLRARDLFNLSAPLARPVGTSLFLQTALRGWAVQLLDLTFAAARQPPLATAHARWKAEREGRARRAALLRALGIRLVSWE
GGRLEWFGCNKETTRCFGTVVGDTPAYLYEERWTPPCCLRALRETARYVVGVLEAAGVRYWLEGGSLLGAARHGDIIPWD
YDVDLGIYLEDVGNCEQLRGAEAGSVVDERGFVWEKAVEGDFFRVQYSESNHLHVDLWPFYPRNGVMTKDTWLDHRQDVE
FPEHFLQPLVPLPFAGFVAQAPNNYRRFLELKFGPGVIENPQYPNPALLSLTGSG
;
_entity_poly.pdbx_strand_id   A,B,C,D
#
loop_
_chem_comp.id
_chem_comp.type
_chem_comp.name
_chem_comp.formula
BA non-polymer 'BARIUM ION' 'Ba 2'
NAG D-saccharide, beta linking 2-acetamido-2-deoxy-beta-D-glucopyranose 'C8 H15 N O6'
ZN non-polymer 'ZINC ION' 'Zn 2'
#
# COMPACT_ATOMS: atom_id res chain seq x y z
N GLY A 6 -23.78 -21.72 26.97
CA GLY A 6 -23.19 -22.21 25.73
C GLY A 6 -21.67 -22.12 25.73
N PRO A 7 -21.02 -23.16 25.21
CA PRO A 7 -19.56 -23.18 25.19
C PRO A 7 -18.97 -22.00 24.43
N ARG A 8 -17.82 -21.54 24.92
CA ARG A 8 -17.16 -20.36 24.35
C ARG A 8 -15.82 -20.71 23.70
N VAL A 9 -15.47 -21.98 23.61
CA VAL A 9 -14.22 -22.43 23.00
C VAL A 9 -14.54 -23.51 21.97
N THR A 10 -13.91 -23.41 20.80
CA THR A 10 -13.95 -24.47 19.80
C THR A 10 -12.59 -25.15 19.78
N VAL A 11 -12.57 -26.46 20.04
CA VAL A 11 -11.35 -27.23 19.90
C VAL A 11 -11.05 -27.44 18.43
N LEU A 12 -9.83 -27.14 18.02
CA LEU A 12 -9.38 -27.32 16.65
C LEU A 12 -8.17 -28.24 16.64
N VAL A 13 -8.22 -29.28 15.82
CA VAL A 13 -7.14 -30.25 15.69
C VAL A 13 -6.59 -30.16 14.28
N ARG A 14 -5.32 -29.82 14.16
CA ARG A 14 -4.64 -29.72 12.88
C ARG A 14 -3.41 -30.59 12.77
N GLU A 15 -2.66 -30.77 13.86
CA GLU A 15 -1.42 -31.54 13.83
C GLU A 15 -1.73 -32.99 14.16
N PHE A 16 -1.85 -33.82 13.13
CA PHE A 16 -2.00 -35.25 13.28
C PHE A 16 -1.64 -35.89 11.95
N GLU A 17 -1.35 -37.19 11.98
CA GLU A 17 -1.06 -37.94 10.78
C GLU A 17 -2.19 -38.92 10.50
N ALA A 18 -2.61 -38.99 9.24
CA ALA A 18 -3.74 -39.85 8.90
C ALA A 18 -3.43 -41.33 9.10
N PHE A 19 -2.18 -41.75 8.84
CA PHE A 19 -1.84 -43.17 8.96
C PHE A 19 -1.73 -43.64 10.40
N ASP A 20 -1.58 -42.72 11.35
CA ASP A 20 -1.37 -43.07 12.75
C ASP A 20 -1.66 -41.86 13.63
N ASN A 21 -2.83 -41.86 14.28
CA ASN A 21 -3.21 -40.73 15.11
C ASN A 21 -4.09 -41.22 16.25
N ALA A 22 -4.27 -40.34 17.24
CA ALA A 22 -5.17 -40.56 18.36
C ALA A 22 -6.29 -39.53 18.37
N VAL A 23 -6.68 -39.07 17.20
CA VAL A 23 -7.70 -38.02 17.07
C VAL A 23 -9.08 -38.52 17.52
N PRO A 24 -9.53 -39.73 17.16
CA PRO A 24 -10.82 -40.19 17.70
C PRO A 24 -10.86 -40.22 19.22
N GLU A 25 -9.77 -40.63 19.87
CA GLU A 25 -9.73 -40.56 21.33
C GLU A 25 -9.77 -39.12 21.82
N LEU A 26 -9.02 -38.24 21.14
CA LEU A 26 -9.01 -36.82 21.51
C LEU A 26 -10.42 -36.24 21.49
N VAL A 27 -11.14 -36.44 20.38
CA VAL A 27 -12.48 -35.90 20.24
C VAL A 27 -13.41 -36.47 21.31
N ASP A 28 -13.32 -37.77 21.56
CA ASP A 28 -14.21 -38.42 22.52
C ASP A 28 -13.96 -37.89 23.94
N SER A 29 -12.70 -37.61 24.27
CA SER A 29 -12.39 -37.12 25.61
C SER A 29 -13.04 -35.77 25.87
N PHE A 30 -13.05 -34.89 24.87
CA PHE A 30 -13.64 -33.57 25.05
C PHE A 30 -15.17 -33.66 25.10
N LEU A 31 -15.76 -34.54 24.30
CA LEU A 31 -17.21 -34.72 24.32
C LEU A 31 -17.69 -35.36 25.63
N GLN A 32 -16.80 -36.05 26.35
CA GLN A 32 -17.20 -36.69 27.60
C GLN A 32 -17.31 -35.69 28.75
N GLN A 33 -16.68 -34.53 28.64
CA GLN A 33 -16.89 -33.46 29.62
C GLN A 33 -18.12 -32.61 29.29
N ASP A 34 -18.46 -32.51 28.01
CA ASP A 34 -19.57 -31.70 27.52
C ASP A 34 -19.99 -32.23 26.16
N PRO A 35 -21.07 -33.01 26.08
CA PRO A 35 -21.45 -33.61 24.79
C PRO A 35 -21.70 -32.61 23.68
N ALA A 36 -21.91 -31.33 24.01
CA ALA A 36 -22.16 -30.30 23.01
C ALA A 36 -20.90 -29.52 22.63
N GLN A 37 -19.76 -29.86 23.21
CA GLN A 37 -18.50 -29.17 22.98
C GLN A 37 -18.19 -29.09 21.48
N PRO A 38 -17.97 -27.90 20.93
CA PRO A 38 -17.62 -27.80 19.50
C PRO A 38 -16.21 -28.33 19.26
N VAL A 39 -16.08 -29.22 18.29
CA VAL A 39 -14.79 -29.80 17.90
C VAL A 39 -14.67 -29.75 16.39
N VAL A 40 -13.54 -29.24 15.91
CA VAL A 40 -13.24 -29.19 14.47
C VAL A 40 -11.92 -29.91 14.23
N VAL A 41 -11.95 -30.88 13.32
CA VAL A 41 -10.73 -31.50 12.80
C VAL A 41 -10.50 -30.93 11.41
N ALA A 42 -9.36 -30.27 11.21
CA ALA A 42 -9.03 -29.64 9.95
C ALA A 42 -7.96 -30.46 9.23
N ALA A 43 -8.10 -30.56 7.91
CA ALA A 43 -7.18 -31.37 7.12
C ALA A 43 -7.16 -30.85 5.70
N ASP A 44 -6.06 -31.11 5.00
CA ASP A 44 -5.95 -30.73 3.60
C ASP A 44 -6.72 -31.66 2.68
N THR A 45 -6.79 -32.94 3.02
CA THR A 45 -7.63 -33.91 2.32
C THR A 45 -8.35 -34.76 3.36
N LEU A 46 -9.37 -35.47 2.90
CA LEU A 46 -10.11 -36.35 3.80
C LEU A 46 -9.18 -37.41 4.39
N PRO A 47 -9.02 -37.45 5.72
CA PRO A 47 -8.08 -38.41 6.31
C PRO A 47 -8.52 -39.84 6.06
N TYR A 48 -7.57 -40.67 5.61
CA TYR A 48 -7.78 -42.09 5.38
C TYR A 48 -6.65 -42.84 6.08
N PRO A 49 -6.94 -43.89 6.86
CA PRO A 49 -8.24 -44.52 7.15
C PRO A 49 -9.25 -43.56 7.81
N PRO A 50 -10.54 -43.88 7.70
CA PRO A 50 -11.56 -42.96 8.20
C PRO A 50 -11.39 -42.67 9.68
N LEU A 51 -11.69 -41.43 10.07
CA LEU A 51 -11.65 -41.06 11.48
C LEU A 51 -12.86 -41.56 12.24
N ALA A 52 -14.01 -41.66 11.56
CA ALA A 52 -15.26 -42.13 12.16
C ALA A 52 -15.59 -41.33 13.43
N LEU A 53 -15.52 -40.01 13.31
CA LEU A 53 -15.91 -39.14 14.40
C LEU A 53 -17.43 -39.18 14.57
N PRO A 54 -17.91 -38.86 15.77
CA PRO A 54 -19.37 -38.87 16.01
C PRO A 54 -20.10 -37.98 15.00
N ARG A 55 -21.18 -38.52 14.44
CA ARG A 55 -21.99 -37.80 13.46
C ARG A 55 -23.00 -36.92 14.19
N ILE A 56 -22.47 -35.87 14.83
CA ILE A 56 -23.29 -34.90 15.55
C ILE A 56 -22.94 -33.51 15.03
N PRO A 57 -23.86 -32.54 15.18
CA PRO A 57 -23.64 -31.23 14.55
C PRO A 57 -22.45 -30.45 15.10
N ASN A 58 -22.06 -30.67 16.35
CA ASN A 58 -20.96 -29.90 16.93
C ASN A 58 -19.58 -30.51 16.64
N VAL A 59 -19.51 -31.59 15.87
CA VAL A 59 -18.25 -32.17 15.42
C VAL A 59 -18.22 -32.08 13.91
N ARG A 60 -17.17 -31.46 13.37
CA ARG A 60 -17.12 -31.18 11.94
C ARG A 60 -15.71 -31.35 11.40
N LEU A 61 -15.62 -32.01 10.24
CA LEU A 61 -14.37 -32.13 9.50
C LEU A 61 -14.26 -30.94 8.54
N ALA A 62 -13.24 -30.11 8.75
CA ALA A 62 -12.99 -28.96 7.90
C ALA A 62 -11.88 -29.32 6.92
N LEU A 63 -12.23 -29.46 5.65
CA LEU A 63 -11.27 -29.78 4.60
C LEU A 63 -10.83 -28.49 3.93
N LEU A 64 -9.54 -28.20 4.02
CA LEU A 64 -8.98 -26.93 3.54
C LEU A 64 -8.36 -27.11 2.17
N GLN A 65 -9.19 -27.55 1.23
CA GLN A 65 -8.74 -27.79 -0.12
C GLN A 65 -9.77 -27.19 -1.07
N PRO A 66 -9.33 -26.56 -2.15
CA PRO A 66 -10.26 -26.18 -3.21
C PRO A 66 -10.93 -27.42 -3.79
N ALA A 67 -12.22 -27.31 -4.07
CA ALA A 67 -12.99 -28.40 -4.63
C ALA A 67 -14.00 -27.83 -5.62
N LEU A 68 -14.23 -28.57 -6.70
CA LEU A 68 -15.09 -28.08 -7.77
C LEU A 68 -16.54 -27.93 -7.33
N ASP A 69 -16.96 -28.64 -6.28
CA ASP A 69 -18.37 -28.70 -5.90
C ASP A 69 -18.62 -28.07 -4.53
N ARG A 70 -17.79 -27.13 -4.12
CA ARG A 70 -17.96 -26.47 -2.83
C ARG A 70 -17.83 -24.97 -2.97
N PRO A 71 -18.49 -24.20 -2.12
CA PRO A 71 -18.31 -22.75 -2.13
C PRO A 71 -17.02 -22.35 -1.46
N ALA A 72 -16.65 -21.07 -1.66
CA ALA A 72 -15.42 -20.55 -1.07
C ALA A 72 -15.39 -20.73 0.43
N ALA A 73 -16.55 -20.66 1.10
CA ALA A 73 -16.59 -20.71 2.55
C ALA A 73 -16.10 -22.04 3.10
N ALA A 74 -16.22 -23.12 2.30
CA ALA A 74 -15.95 -24.46 2.81
C ALA A 74 -14.48 -24.67 3.13
N SER A 75 -13.57 -23.98 2.45
CA SER A 75 -12.15 -24.12 2.69
C SER A 75 -11.60 -23.05 3.63
N ARG A 76 -12.47 -22.27 4.27
CA ARG A 76 -12.05 -21.26 5.22
C ARG A 76 -12.34 -21.74 6.63
N PRO A 77 -11.34 -21.82 7.50
CA PRO A 77 -11.58 -22.43 8.83
C PRO A 77 -12.53 -21.63 9.71
N GLU A 78 -12.60 -20.30 9.55
CA GLU A 78 -13.50 -19.51 10.40
C GLU A 78 -14.95 -19.88 10.16
N THR A 79 -15.28 -20.38 8.96
CA THR A 79 -16.62 -20.88 8.68
C THR A 79 -17.08 -21.88 9.73
N TYR A 80 -16.14 -22.69 10.23
CA TYR A 80 -16.44 -23.80 11.12
C TYR A 80 -16.41 -23.42 12.60
N VAL A 81 -16.06 -22.17 12.93
CA VAL A 81 -15.92 -21.74 14.33
C VAL A 81 -16.96 -20.65 14.61
N ALA A 82 -17.81 -20.89 15.60
CA ALA A 82 -18.83 -19.94 16.00
C ALA A 82 -18.59 -19.35 17.38
N THR A 83 -17.54 -19.77 18.07
CA THR A 83 -17.25 -19.30 19.42
C THR A 83 -16.20 -18.20 19.39
N GLU A 84 -16.07 -17.51 20.53
CA GLU A 84 -15.10 -16.42 20.62
C GLU A 84 -13.67 -16.95 20.64
N PHE A 85 -13.44 -18.12 21.20
CA PHE A 85 -12.10 -18.65 21.39
C PHE A 85 -11.91 -19.94 20.62
N VAL A 86 -10.65 -20.21 20.27
CA VAL A 86 -10.24 -21.44 19.60
C VAL A 86 -9.11 -22.06 20.41
N ALA A 87 -9.20 -23.37 20.64
CA ALA A 87 -8.14 -24.12 21.32
C ALA A 87 -7.50 -25.06 20.31
N LEU A 88 -6.28 -24.76 19.91
CA LEU A 88 -5.51 -25.65 19.05
C LEU A 88 -4.98 -26.79 19.91
N VAL A 89 -5.44 -28.01 19.65
CA VAL A 89 -5.09 -29.16 20.46
C VAL A 89 -4.26 -30.11 19.59
N PRO A 90 -3.04 -30.44 19.98
CA PRO A 90 -2.26 -31.39 19.18
C PRO A 90 -2.74 -32.81 19.40
N ASP A 91 -2.52 -33.65 18.40
CA ASP A 91 -2.79 -35.07 18.57
C ASP A 91 -1.88 -35.65 19.64
N GLY A 92 -2.44 -36.54 20.46
CA GLY A 92 -1.75 -37.07 21.62
C GLY A 92 -2.25 -36.50 22.94
N ALA A 93 -3.07 -35.46 22.90
CA ALA A 93 -3.65 -34.89 24.10
C ALA A 93 -4.99 -35.57 24.40
N ARG A 94 -5.40 -35.48 25.67
CA ARG A 94 -6.71 -35.98 26.07
C ARG A 94 -7.24 -35.11 27.21
N ALA A 95 -8.55 -34.88 27.19
CA ALA A 95 -9.22 -34.09 28.22
C ALA A 95 -9.70 -35.01 29.34
N GLU A 96 -9.23 -34.76 30.55
CA GLU A 96 -9.65 -35.58 31.69
C GLU A 96 -10.19 -34.71 32.82
N ALA A 97 -9.34 -33.87 33.39
CA ALA A 97 -9.82 -32.88 34.35
C ALA A 97 -10.88 -32.02 33.68
N PRO A 98 -12.04 -31.83 34.31
CA PRO A 98 -13.09 -31.01 33.68
C PRO A 98 -12.79 -29.53 33.81
N GLY A 99 -13.27 -28.77 32.81
CA GLY A 99 -13.18 -27.33 32.86
C GLY A 99 -11.81 -26.75 32.63
N LEU A 100 -10.88 -27.50 32.03
CA LEU A 100 -9.56 -26.94 31.75
C LEU A 100 -9.64 -25.83 30.71
N LEU A 101 -10.56 -25.95 29.75
CA LEU A 101 -10.66 -24.95 28.68
C LEU A 101 -11.08 -23.60 29.23
N GLU A 102 -11.99 -23.58 30.21
CA GLU A 102 -12.45 -22.28 30.71
C GLU A 102 -11.50 -21.69 31.73
N ARG A 103 -10.71 -22.51 32.45
CA ARG A 103 -9.60 -21.95 33.20
C ARG A 103 -8.65 -21.21 32.27
N MET A 104 -8.44 -21.75 31.07
CA MET A 104 -7.59 -21.10 30.09
C MET A 104 -8.23 -19.82 29.56
N VAL A 105 -9.55 -19.83 29.38
CA VAL A 105 -10.24 -18.61 28.99
C VAL A 105 -10.13 -17.57 30.09
N GLU A 106 -10.31 -17.99 31.35
CA GLU A 106 -10.20 -17.08 32.48
C GLU A 106 -8.79 -16.49 32.57
N ALA A 107 -7.77 -17.31 32.33
CA ALA A 107 -6.40 -16.80 32.35
C ALA A 107 -6.16 -15.79 31.24
N LEU A 108 -6.67 -16.08 30.04
CA LEU A 108 -6.41 -15.20 28.89
C LEU A 108 -7.03 -13.82 29.10
N ARG A 109 -8.28 -13.77 29.57
CA ARG A 109 -8.95 -12.48 29.74
C ARG A 109 -8.28 -11.65 30.82
N ALA A 110 -7.84 -12.28 31.91
CA ALA A 110 -7.24 -11.56 33.03
C ALA A 110 -5.78 -11.20 32.80
N GLY A 111 -5.11 -11.85 31.84
CA GLY A 111 -3.73 -11.56 31.53
C GLY A 111 -3.58 -10.52 30.44
N SER A 112 -2.35 -10.40 29.95
CA SER A 112 -2.02 -9.42 28.91
C SER A 112 -1.30 -10.06 27.72
N ALA A 113 -1.39 -11.38 27.58
CA ALA A 113 -0.88 -12.08 26.42
C ALA A 113 -2.06 -12.49 25.55
N ARG A 114 -1.93 -12.31 24.24
CA ARG A 114 -3.06 -12.66 23.39
C ARG A 114 -3.16 -14.17 23.13
N LEU A 115 -2.19 -14.95 23.60
CA LEU A 115 -2.24 -16.40 23.53
C LEU A 115 -1.91 -16.98 24.90
N VAL A 116 -2.64 -18.01 25.31
CA VAL A 116 -2.30 -18.80 26.47
C VAL A 116 -2.13 -20.25 26.04
N ALA A 117 -1.36 -21.01 26.82
CA ALA A 117 -1.04 -22.37 26.45
C ALA A 117 -0.89 -23.23 27.68
N ALA A 118 -1.21 -24.51 27.53
CA ALA A 118 -1.03 -25.50 28.57
C ALA A 118 -0.30 -26.68 27.95
N PRO A 119 0.84 -27.09 28.51
CA PRO A 119 1.56 -28.25 27.96
C PRO A 119 0.72 -29.52 28.08
N VAL A 120 0.95 -30.44 27.14
CA VAL A 120 0.38 -31.78 27.19
C VAL A 120 1.45 -32.70 27.76
N ALA A 121 1.04 -33.57 28.70
CA ALA A 121 1.98 -34.38 29.47
C ALA A 121 2.50 -35.57 28.65
N THR A 122 3.05 -35.26 27.48
CA THR A 122 3.62 -36.28 26.61
C THR A 122 5.11 -36.42 26.89
N ALA A 123 5.81 -37.16 26.02
CA ALA A 123 7.26 -37.25 26.10
C ALA A 123 7.94 -35.93 25.75
N ASN A 124 7.21 -34.99 25.16
CA ASN A 124 7.77 -33.71 24.69
C ASN A 124 6.86 -32.57 25.10
N PRO A 125 6.74 -32.30 26.40
CA PRO A 125 5.86 -31.20 26.84
C PRO A 125 6.43 -29.85 26.42
N ALA A 126 5.51 -28.94 26.12
CA ALA A 126 5.90 -27.65 25.58
C ALA A 126 6.82 -26.90 26.54
N ARG A 127 7.89 -26.34 25.99
CA ARG A 127 8.78 -25.48 26.74
C ARG A 127 8.81 -24.08 26.12
N CYS A 128 9.01 -23.10 26.98
CA CYS A 128 8.91 -21.69 26.65
C CYS A 128 10.15 -21.22 25.89
N LEU A 129 9.94 -20.41 24.84
CA LEU A 129 11.03 -19.98 23.98
C LEU A 129 10.91 -18.49 23.64
N ALA A 130 12.06 -17.88 23.35
CA ALA A 130 12.12 -16.57 22.74
C ALA A 130 12.29 -16.72 21.23
N LEU A 131 11.75 -15.76 20.47
CA LEU A 131 11.82 -15.83 19.02
C LEU A 131 11.83 -14.41 18.44
N ASN A 132 12.85 -14.10 17.66
CA ASN A 132 12.93 -12.86 16.89
C ASN A 132 12.86 -13.21 15.41
N VAL A 133 11.88 -12.65 14.71
CA VAL A 133 11.70 -12.87 13.28
C VAL A 133 12.12 -11.59 12.55
N SER A 134 13.01 -11.73 11.58
CA SER A 134 13.45 -10.60 10.76
C SER A 134 13.20 -10.94 9.31
N LEU A 135 12.15 -10.34 8.73
CA LEU A 135 11.87 -10.58 7.32
C LEU A 135 12.95 -9.98 6.43
N ARG A 136 13.51 -8.84 6.84
CA ARG A 136 14.58 -8.21 6.06
C ARG A 136 15.78 -9.13 5.93
N GLU A 137 16.12 -9.84 7.00
CA GLU A 137 17.27 -10.75 6.98
C GLU A 137 16.86 -12.20 6.77
N TRP A 138 15.57 -12.46 6.54
CA TRP A 138 15.07 -13.81 6.23
C TRP A 138 15.40 -14.79 7.34
N THR A 139 15.37 -14.34 8.58
CA THR A 139 15.91 -15.12 9.69
C THR A 139 14.89 -15.21 10.82
N ALA A 140 14.83 -16.40 11.43
CA ALA A 140 14.10 -16.63 12.68
C ALA A 140 15.12 -17.03 13.73
N ARG A 141 15.32 -16.18 14.73
CA ARG A 141 16.28 -16.43 15.80
C ARG A 141 15.52 -16.90 17.03
N TYR A 142 15.76 -18.15 17.43
CA TYR A 142 15.19 -18.71 18.64
C TYR A 142 16.22 -18.73 19.76
N GLY A 143 15.73 -18.69 21.00
CA GLY A 143 16.59 -18.80 22.16
C GLY A 143 15.75 -19.09 23.39
N ALA A 144 16.44 -19.30 24.50
CA ALA A 144 15.77 -19.48 25.78
C ALA A 144 14.98 -18.23 26.12
N ALA A 145 13.81 -18.43 26.74
CA ALA A 145 12.93 -17.31 27.05
C ALA A 145 13.35 -16.64 28.36
N PRO A 146 13.78 -15.38 28.31
CA PRO A 146 14.27 -14.73 29.53
C PRO A 146 13.16 -14.34 30.51
N ALA A 147 11.92 -14.25 30.06
CA ALA A 147 10.82 -13.79 30.90
C ALA A 147 9.74 -14.87 31.05
N ALA A 148 10.14 -16.13 31.00
CA ALA A 148 9.19 -17.22 31.21
C ALA A 148 8.47 -17.04 32.54
N PRO A 149 7.19 -17.44 32.64
CA PRO A 149 6.38 -18.14 31.63
C PRO A 149 5.75 -17.29 30.51
N ARG A 150 6.28 -16.10 30.25
CA ARG A 150 5.86 -15.30 29.09
C ARG A 150 6.84 -15.53 27.95
N CYS A 151 6.35 -16.00 26.82
CA CYS A 151 7.18 -16.43 25.71
C CYS A 151 6.78 -15.72 24.42
N ASP A 152 7.60 -15.93 23.39
CA ASP A 152 7.24 -15.64 22.01
C ASP A 152 6.83 -16.89 21.23
N ALA A 153 7.37 -18.06 21.61
CA ALA A 153 7.10 -19.29 20.88
C ALA A 153 7.16 -20.47 21.83
N LEU A 154 6.60 -21.59 21.39
CA LEU A 154 6.62 -22.83 22.13
C LEU A 154 7.30 -23.91 21.32
N ASP A 155 8.05 -24.77 22.01
CA ASP A 155 8.62 -25.98 21.42
C ASP A 155 8.07 -27.16 22.20
N GLY A 156 7.41 -28.07 21.50
CA GLY A 156 6.77 -29.20 22.14
C GLY A 156 5.26 -29.15 22.01
N ASP A 157 4.61 -29.98 22.82
CA ASP A 157 3.17 -30.19 22.74
C ASP A 157 2.46 -29.28 23.73
N ALA A 158 1.53 -28.47 23.23
CA ALA A 158 0.74 -27.58 24.07
C ALA A 158 -0.62 -27.37 23.44
N VAL A 159 -1.65 -27.32 24.29
CA VAL A 159 -2.92 -26.75 23.88
C VAL A 159 -2.78 -25.24 23.93
N VAL A 160 -3.01 -24.57 22.79
CA VAL A 160 -2.86 -23.13 22.67
C VAL A 160 -4.24 -22.53 22.44
N LEU A 161 -4.59 -21.54 23.27
CA LEU A 161 -5.90 -20.91 23.20
C LEU A 161 -5.73 -19.43 22.87
N LEU A 162 -6.54 -18.95 21.94
CA LEU A 162 -6.54 -17.55 21.55
C LEU A 162 -7.90 -17.25 20.93
N ARG A 163 -8.17 -15.96 20.74
CA ARG A 163 -9.45 -15.56 20.16
C ARG A 163 -9.51 -15.98 18.70
N ALA A 164 -10.70 -16.44 18.28
CA ALA A 164 -10.90 -16.84 16.89
C ALA A 164 -10.55 -15.71 15.94
N ARG A 165 -10.94 -14.48 16.29
CA ARG A 165 -10.69 -13.35 15.41
C ARG A 165 -9.21 -13.04 15.29
N ASP A 166 -8.41 -13.38 16.32
CA ASP A 166 -6.97 -13.23 16.20
C ASP A 166 -6.38 -14.32 15.32
N LEU A 167 -6.74 -15.58 15.59
CA LEU A 167 -6.17 -16.70 14.85
C LEU A 167 -6.50 -16.61 13.37
N PHE A 168 -7.79 -16.51 13.05
CA PHE A 168 -8.22 -16.57 11.66
C PHE A 168 -7.96 -15.29 10.90
N ASN A 169 -7.39 -14.28 11.54
CA ASN A 169 -6.97 -13.07 10.85
C ASN A 169 -5.53 -13.13 10.37
N LEU A 170 -4.73 -14.05 10.88
CA LEU A 170 -3.41 -14.29 10.33
C LEU A 170 -3.52 -14.74 8.87
N SER A 171 -2.41 -14.63 8.14
CA SER A 171 -2.40 -15.03 6.74
C SER A 171 -2.49 -16.54 6.60
N ALA A 172 -1.79 -17.28 7.46
CA ALA A 172 -1.69 -18.74 7.36
C ALA A 172 -1.97 -19.35 8.73
N PRO A 173 -3.22 -19.26 9.21
CA PRO A 173 -3.49 -19.64 10.59
C PRO A 173 -3.24 -21.11 10.89
N LEU A 174 -3.41 -21.99 9.91
CA LEU A 174 -3.32 -23.43 10.13
C LEU A 174 -2.21 -24.08 9.32
N ALA A 175 -1.26 -23.29 8.81
CA ALA A 175 -0.16 -23.86 8.04
C ALA A 175 0.65 -24.82 8.89
N ARG A 176 1.15 -25.90 8.26
CA ARG A 176 1.83 -26.87 9.10
C ARG A 176 3.34 -26.77 8.94
N PRO A 177 4.12 -27.10 9.98
CA PRO A 177 3.64 -27.45 11.32
C PRO A 177 3.12 -26.23 12.09
N VAL A 178 1.93 -26.36 12.68
CA VAL A 178 1.35 -25.27 13.46
C VAL A 178 2.31 -24.78 14.52
N GLY A 179 3.05 -25.70 15.13
CA GLY A 179 4.03 -25.31 16.14
C GLY A 179 5.08 -24.36 15.62
N THR A 180 5.31 -24.35 14.30
CA THR A 180 6.25 -23.42 13.69
C THR A 180 5.54 -22.20 13.09
N SER A 181 4.49 -22.43 12.30
CA SER A 181 3.87 -21.34 11.56
C SER A 181 3.19 -20.34 12.49
N LEU A 182 2.50 -20.83 13.52
CA LEU A 182 1.71 -19.95 14.37
C LEU A 182 2.59 -18.93 15.08
N PHE A 183 3.67 -19.38 15.72
CA PHE A 183 4.50 -18.49 16.50
C PHE A 183 5.42 -17.62 15.65
N LEU A 184 5.75 -18.05 14.43
CA LEU A 184 6.39 -17.14 13.49
C LEU A 184 5.51 -15.92 13.26
N GLN A 185 4.21 -16.15 13.06
CA GLN A 185 3.29 -15.06 12.76
C GLN A 185 3.00 -14.22 14.00
N THR A 186 2.77 -14.88 15.14
CA THR A 186 2.41 -14.13 16.35
C THR A 186 3.61 -13.39 16.93
N ALA A 187 4.82 -13.97 16.84
CA ALA A 187 6.00 -13.27 17.35
C ALA A 187 6.32 -12.05 16.51
N LEU A 188 6.20 -12.17 15.18
CA LEU A 188 6.43 -11.01 14.32
C LEU A 188 5.49 -9.87 14.68
N ARG A 189 4.27 -10.20 15.08
CA ARG A 189 3.31 -9.19 15.49
C ARG A 189 3.55 -8.66 16.89
N GLY A 190 4.59 -9.14 17.57
CA GLY A 190 4.84 -8.69 18.92
C GLY A 190 3.90 -9.27 19.95
N TRP A 191 3.17 -10.33 19.60
CA TRP A 191 2.30 -10.97 20.56
C TRP A 191 3.09 -11.91 21.46
N ALA A 192 2.50 -12.23 22.60
CA ALA A 192 3.14 -13.11 23.57
C ALA A 192 2.27 -14.32 23.84
N VAL A 193 2.92 -15.42 24.22
CA VAL A 193 2.26 -16.63 24.69
C VAL A 193 2.56 -16.78 26.17
N GLN A 194 1.53 -17.00 26.97
CA GLN A 194 1.68 -17.27 28.39
C GLN A 194 1.55 -18.77 28.62
N LEU A 195 2.63 -19.41 29.06
CA LEU A 195 2.62 -20.83 29.37
C LEU A 195 1.99 -21.01 30.73
N LEU A 196 0.73 -21.45 30.76
CA LEU A 196 0.02 -21.58 32.02
C LEU A 196 0.50 -22.79 32.80
N ASP A 197 0.24 -22.76 34.11
CA ASP A 197 0.52 -23.90 34.97
C ASP A 197 -0.69 -24.85 35.02
N LEU A 198 -1.10 -25.26 33.82
CA LEU A 198 -2.10 -26.30 33.65
C LEU A 198 -1.51 -27.35 32.72
N THR A 199 -1.99 -28.58 32.85
CA THR A 199 -1.47 -29.67 32.05
C THR A 199 -2.62 -30.53 31.56
N PHE A 200 -2.60 -30.84 30.26
CA PHE A 200 -3.53 -31.80 29.69
C PHE A 200 -2.92 -33.20 29.77
N ALA A 201 -3.79 -34.20 29.87
CA ALA A 201 -3.32 -35.57 29.94
C ALA A 201 -2.99 -36.09 28.54
N ALA A 202 -2.08 -37.06 28.50
CA ALA A 202 -1.75 -37.70 27.23
C ALA A 202 -2.81 -38.73 26.88
N ALA A 203 -2.91 -39.04 25.59
CA ALA A 203 -3.83 -40.07 25.14
C ALA A 203 -3.50 -41.40 25.81
N ARG A 204 -4.54 -42.20 26.07
CA ARG A 204 -4.35 -43.51 26.70
C ARG A 204 -3.49 -44.40 25.82
N GLN A 205 -3.83 -44.48 24.53
CA GLN A 205 -3.00 -45.17 23.54
C GLN A 205 -2.35 -44.11 22.67
N PRO A 206 -1.14 -43.66 23.03
CA PRO A 206 -0.54 -42.53 22.32
C PRO A 206 -0.26 -42.89 20.87
N PRO A 207 -0.33 -41.91 19.97
CA PRO A 207 -0.05 -42.19 18.57
C PRO A 207 1.45 -42.26 18.30
N LEU A 208 1.78 -42.85 17.15
CA LEU A 208 3.17 -42.95 16.69
C LEU A 208 4.05 -43.64 17.74
N ALA A 209 3.56 -44.76 18.26
CA ALA A 209 4.20 -45.43 19.39
C ALA A 209 5.42 -46.25 19.00
N THR A 210 5.55 -46.63 17.74
CA THR A 210 6.72 -47.38 17.30
C THR A 210 7.73 -46.47 16.62
N ALA A 211 8.99 -46.91 16.62
CA ALA A 211 10.05 -46.13 16.00
C ALA A 211 9.78 -45.92 14.51
N HIS A 212 9.25 -46.94 13.84
CA HIS A 212 8.98 -46.82 12.41
C HIS A 212 7.91 -45.77 12.13
N ALA A 213 6.85 -45.76 12.93
CA ALA A 213 5.81 -44.74 12.76
C ALA A 213 6.36 -43.35 13.02
N ARG A 214 7.15 -43.20 14.07
CA ARG A 214 7.78 -41.90 14.34
C ARG A 214 8.68 -41.49 13.19
N TRP A 215 9.46 -42.43 12.64
CA TRP A 215 10.34 -42.11 11.54
C TRP A 215 9.57 -41.56 10.35
N LYS A 216 8.43 -42.19 10.01
CA LYS A 216 7.60 -41.68 8.93
C LYS A 216 7.02 -40.31 9.28
N ALA A 217 6.53 -40.16 10.52
CA ALA A 217 5.94 -38.90 10.95
C ALA A 217 6.96 -37.77 10.90
N GLU A 218 8.17 -38.02 11.41
CA GLU A 218 9.20 -37.00 11.42
C GLU A 218 9.66 -36.63 10.01
N ARG A 219 9.74 -37.63 9.12
CA ARG A 219 10.15 -37.34 7.74
C ARG A 219 9.16 -36.43 7.05
N GLU A 220 7.86 -36.70 7.21
CA GLU A 220 6.86 -35.84 6.58
C GLU A 220 6.82 -34.46 7.23
N GLY A 221 6.93 -34.41 8.56
CA GLY A 221 6.93 -33.12 9.24
C GLY A 221 8.11 -32.26 8.86
N ARG A 222 9.30 -32.85 8.79
CA ARG A 222 10.46 -32.11 8.31
C ARG A 222 10.22 -31.58 6.92
N ALA A 223 9.60 -32.37 6.05
CA ALA A 223 9.31 -31.91 4.69
C ALA A 223 8.33 -30.74 4.71
N ARG A 224 7.29 -30.82 5.55
CA ARG A 224 6.34 -29.73 5.63
C ARG A 224 6.99 -28.46 6.18
N ARG A 225 7.88 -28.61 7.16
CA ARG A 225 8.56 -27.45 7.74
C ARG A 225 9.45 -26.76 6.71
N ALA A 226 10.20 -27.54 5.92
CA ALA A 226 11.08 -26.94 4.92
C ALA A 226 10.29 -26.20 3.86
N ALA A 227 9.18 -26.78 3.42
CA ALA A 227 8.33 -26.09 2.45
C ALA A 227 7.69 -24.84 3.05
N LEU A 228 7.38 -24.87 4.34
CA LEU A 228 6.74 -23.72 4.98
C LEU A 228 7.70 -22.54 5.09
N LEU A 229 8.93 -22.79 5.54
CA LEU A 229 9.89 -21.70 5.70
C LEU A 229 10.31 -21.11 4.36
N ARG A 230 10.40 -21.96 3.33
CA ARG A 230 10.72 -21.46 1.99
C ARG A 230 9.59 -20.58 1.47
N ALA A 231 8.34 -21.03 1.60
CA ALA A 231 7.22 -20.24 1.12
C ALA A 231 7.09 -18.93 1.88
N LEU A 232 7.41 -18.92 3.18
CA LEU A 232 7.27 -17.74 4.00
C LEU A 232 8.52 -16.86 3.99
N GLY A 233 9.60 -17.29 3.34
CA GLY A 233 10.79 -16.46 3.27
C GLY A 233 11.68 -16.49 4.49
N ILE A 234 11.73 -17.62 5.19
CA ILE A 234 12.65 -17.80 6.32
C ILE A 234 13.79 -18.67 5.81
N ARG A 235 14.94 -18.04 5.57
CA ARG A 235 16.08 -18.74 4.98
C ARG A 235 17.01 -19.35 6.02
N LEU A 236 16.99 -18.85 7.25
CA LEU A 236 17.92 -19.30 8.27
C LEU A 236 17.21 -19.33 9.60
N VAL A 237 17.34 -20.46 10.31
CA VAL A 237 16.83 -20.62 11.65
C VAL A 237 18.02 -20.87 12.56
N SER A 238 18.07 -20.17 13.68
CA SER A 238 19.22 -20.24 14.58
C SER A 238 18.75 -20.40 16.01
N TRP A 239 19.50 -21.18 16.78
CA TRP A 239 19.25 -21.38 18.20
C TRP A 239 20.40 -20.77 18.99
N GLU A 240 20.10 -19.76 19.80
CA GLU A 240 21.11 -19.01 20.56
C GLU A 240 22.24 -18.54 19.65
N GLY A 241 21.86 -18.04 18.47
CA GLY A 241 22.81 -17.56 17.49
C GLY A 241 23.59 -18.62 16.76
N GLY A 242 23.48 -19.89 17.16
CA GLY A 242 24.20 -20.97 16.52
C GLY A 242 23.29 -22.06 15.99
N ARG A 243 23.83 -23.28 15.86
CA ARG A 243 23.10 -24.43 15.32
C ARG A 243 22.31 -24.03 14.08
N LEU A 244 23.00 -23.39 13.14
CA LEU A 244 22.36 -22.83 11.96
C LEU A 244 21.61 -23.89 11.17
N GLU A 245 20.40 -23.56 10.76
CA GLU A 245 19.59 -24.39 9.89
C GLU A 245 19.22 -23.56 8.66
N TRP A 246 19.64 -24.04 7.48
CA TRP A 246 19.53 -23.26 6.27
C TRP A 246 18.41 -23.77 5.37
N PHE A 247 17.75 -22.83 4.70
CA PHE A 247 16.67 -23.15 3.77
C PHE A 247 16.74 -22.30 2.51
N GLY A 248 17.95 -21.94 2.09
CA GLY A 248 18.11 -21.14 0.89
C GLY A 248 18.97 -21.79 -0.17
N CYS A 249 19.90 -21.02 -0.74
CA CYS A 249 20.77 -21.51 -1.80
C CYS A 249 22.05 -22.12 -1.21
N ASN A 250 22.79 -22.81 -2.05
CA ASN A 250 24.05 -23.44 -1.65
C ASN A 250 24.91 -23.66 -2.88
N LYS A 251 26.03 -24.36 -2.69
CA LYS A 251 26.99 -24.56 -3.77
C LYS A 251 26.37 -25.29 -4.97
N GLU A 252 25.34 -26.10 -4.74
CA GLU A 252 24.77 -26.94 -5.78
C GLU A 252 23.49 -26.37 -6.39
N THR A 253 23.01 -25.24 -5.92
CA THR A 253 21.78 -24.63 -6.43
C THR A 253 22.08 -23.32 -7.12
N THR A 254 21.04 -22.75 -7.73
CA THR A 254 21.10 -21.38 -8.18
C THR A 254 21.07 -20.44 -6.98
N ARG A 255 21.61 -19.25 -7.17
CA ARG A 255 21.47 -18.24 -6.13
C ARG A 255 20.00 -17.83 -6.02
N CYS A 256 19.64 -17.29 -4.86
CA CYS A 256 18.23 -17.08 -4.55
C CYS A 256 17.56 -16.13 -5.53
N PHE A 257 18.20 -15.02 -5.84
CA PHE A 257 17.53 -13.97 -6.60
C PHE A 257 17.77 -14.07 -8.11
N GLY A 258 18.50 -15.08 -8.57
CA GLY A 258 18.65 -15.27 -10.00
C GLY A 258 19.31 -14.09 -10.68
N THR A 259 18.90 -13.84 -11.93
CA THR A 259 19.52 -12.80 -12.74
C THR A 259 18.95 -11.43 -12.39
N VAL A 260 19.85 -10.45 -12.26
CA VAL A 260 19.47 -9.12 -11.77
C VAL A 260 19.14 -8.21 -12.93
N VAL A 261 18.01 -7.52 -12.83
CA VAL A 261 17.52 -6.60 -13.85
C VAL A 261 17.65 -5.19 -13.32
N GLY A 262 18.42 -4.36 -14.04
CA GLY A 262 18.60 -2.95 -13.71
C GLY A 262 19.23 -2.66 -12.36
N ASP A 263 20.36 -3.31 -12.05
CA ASP A 263 20.90 -3.46 -10.69
C ASP A 263 19.82 -3.12 -9.68
N THR A 264 18.82 -3.99 -9.57
CA THR A 264 17.88 -3.94 -8.45
C THR A 264 17.42 -5.36 -8.27
N PRO A 265 18.07 -6.11 -7.39
CA PRO A 265 17.74 -7.53 -7.24
C PRO A 265 16.32 -7.67 -6.71
N ALA A 266 15.74 -8.85 -6.98
CA ALA A 266 14.35 -9.09 -6.67
C ALA A 266 14.04 -8.90 -5.18
N TYR A 267 15.04 -9.09 -4.31
CA TYR A 267 14.76 -9.00 -2.88
C TYR A 267 14.47 -7.57 -2.45
N LEU A 268 14.99 -6.58 -3.17
CA LEU A 268 14.71 -5.19 -2.81
C LEU A 268 13.24 -4.84 -3.04
N TYR A 269 12.67 -5.30 -4.16
CA TYR A 269 11.26 -5.06 -4.42
C TYR A 269 10.37 -5.73 -3.39
N GLU A 270 10.83 -6.81 -2.79
CA GLU A 270 10.09 -7.49 -1.75
C GLU A 270 10.33 -6.88 -0.37
N GLU A 271 10.98 -5.72 -0.31
CA GLU A 271 11.20 -4.99 0.94
C GLU A 271 12.01 -5.81 1.93
N ARG A 272 12.98 -6.55 1.41
CA ARG A 272 13.91 -7.30 2.24
C ARG A 272 15.32 -6.96 1.80
N TRP A 273 16.29 -7.47 2.56
CA TRP A 273 17.69 -7.32 2.20
C TRP A 273 18.19 -8.62 1.59
N THR A 274 19.52 -8.76 1.49
CA THR A 274 20.10 -9.92 0.86
C THR A 274 19.85 -11.17 1.71
N PRO A 275 19.43 -12.28 1.10
CA PRO A 275 19.24 -13.52 1.86
C PRO A 275 20.52 -13.94 2.56
N PRO A 276 20.41 -14.49 3.77
CA PRO A 276 21.63 -14.83 4.54
C PRO A 276 22.42 -15.96 3.93
N CYS A 277 21.78 -16.85 3.18
CA CYS A 277 22.51 -17.87 2.43
C CYS A 277 23.36 -17.24 1.33
N CYS A 278 22.84 -16.19 0.69
CA CYS A 278 23.60 -15.51 -0.34
C CYS A 278 24.79 -14.76 0.26
N LEU A 279 24.59 -14.12 1.41
CA LEU A 279 25.71 -13.46 2.08
C LEU A 279 26.75 -14.46 2.56
N ARG A 280 26.31 -15.61 3.07
CA ARG A 280 27.24 -16.64 3.52
C ARG A 280 28.12 -17.12 2.38
N ALA A 281 27.52 -17.39 1.22
CA ALA A 281 28.30 -17.80 0.05
C ALA A 281 29.26 -16.70 -0.39
N LEU A 282 28.84 -15.43 -0.27
CA LEU A 282 29.70 -14.33 -0.66
C LEU A 282 30.93 -14.24 0.24
N ARG A 283 30.73 -14.37 1.56
CA ARG A 283 31.85 -14.36 2.48
C ARG A 283 32.80 -15.53 2.23
N GLU A 284 32.24 -16.72 1.98
CA GLU A 284 33.07 -17.88 1.65
C GLU A 284 33.91 -17.60 0.43
N THR A 285 33.29 -17.06 -0.62
CA THR A 285 34.00 -16.82 -1.87
C THR A 285 35.05 -15.72 -1.72
N ALA A 286 34.74 -14.68 -0.93
CA ALA A 286 35.72 -13.63 -0.68
C ALA A 286 36.92 -14.19 0.07
N ARG A 287 36.67 -14.94 1.14
CA ARG A 287 37.77 -15.53 1.91
C ARG A 287 38.62 -16.43 1.04
N TYR A 288 37.97 -17.23 0.19
CA TYR A 288 38.71 -18.16 -0.67
C TYR A 288 39.55 -17.41 -1.69
N VAL A 289 38.94 -16.43 -2.37
CA VAL A 289 39.66 -15.65 -3.38
C VAL A 289 40.82 -14.91 -2.74
N VAL A 290 40.58 -14.28 -1.58
CA VAL A 290 41.64 -13.56 -0.89
C VAL A 290 42.78 -14.51 -0.52
N GLY A 291 42.43 -15.67 0.06
CA GLY A 291 43.44 -16.65 0.38
C GLY A 291 44.24 -17.10 -0.84
N VAL A 292 43.56 -17.29 -1.96
CA VAL A 292 44.25 -17.66 -3.19
C VAL A 292 45.17 -16.52 -3.65
N LEU A 293 44.69 -15.29 -3.57
CA LEU A 293 45.49 -14.16 -4.03
C LEU A 293 46.69 -13.92 -3.12
N GLU A 294 46.52 -14.13 -1.82
CA GLU A 294 47.65 -13.94 -0.89
C GLU A 294 48.69 -15.03 -1.10
N ALA A 295 48.26 -16.27 -1.33
CA ALA A 295 49.21 -17.37 -1.55
C ALA A 295 49.93 -17.22 -2.88
N ALA A 296 49.28 -16.66 -3.89
CA ALA A 296 49.89 -16.51 -5.20
C ALA A 296 50.73 -15.25 -5.32
N GLY A 297 50.67 -14.35 -4.35
CA GLY A 297 51.41 -13.11 -4.46
C GLY A 297 50.76 -12.07 -5.35
N VAL A 298 49.43 -12.01 -5.35
CA VAL A 298 48.68 -10.94 -6.01
C VAL A 298 48.30 -9.94 -4.93
N ARG A 299 48.76 -8.70 -5.09
CA ARG A 299 48.35 -7.65 -4.15
C ARG A 299 46.94 -7.21 -4.48
N TYR A 300 46.11 -7.12 -3.45
CA TYR A 300 44.69 -6.83 -3.58
C TYR A 300 44.31 -5.85 -2.49
N TRP A 301 43.12 -5.27 -2.65
CA TRP A 301 42.57 -4.43 -1.60
C TRP A 301 41.06 -4.38 -1.75
N LEU A 302 40.38 -4.22 -0.62
CA LEU A 302 38.94 -4.05 -0.62
C LEU A 302 38.58 -2.77 -1.38
N GLU A 303 37.59 -2.88 -2.26
CA GLU A 303 37.22 -1.79 -3.16
C GLU A 303 35.73 -1.49 -3.01
N GLY A 304 35.37 -0.23 -3.29
CA GLY A 304 33.97 0.15 -3.40
C GLY A 304 33.16 -0.20 -2.16
N GLY A 305 31.99 -0.80 -2.39
CA GLY A 305 31.08 -1.15 -1.31
C GLY A 305 31.60 -2.20 -0.36
N SER A 306 32.53 -3.05 -0.81
CA SER A 306 33.16 -4.00 0.09
C SER A 306 34.03 -3.27 1.12
N LEU A 307 34.88 -2.36 0.64
CA LEU A 307 35.64 -1.52 1.56
C LEU A 307 34.72 -0.70 2.45
N LEU A 308 33.64 -0.17 1.87
CA LEU A 308 32.69 0.63 2.65
C LEU A 308 32.08 -0.20 3.77
N GLY A 309 31.67 -1.43 3.48
CA GLY A 309 31.14 -2.29 4.53
C GLY A 309 32.20 -2.67 5.55
N ALA A 310 33.43 -2.87 5.10
CA ALA A 310 34.53 -3.17 6.02
C ALA A 310 34.75 -2.02 6.99
N ALA A 311 34.87 -0.79 6.47
CA ALA A 311 35.12 0.35 7.33
C ALA A 311 33.95 0.64 8.25
N ARG A 312 32.72 0.32 7.82
CA ARG A 312 31.55 0.66 8.60
C ARG A 312 31.29 -0.35 9.71
N HIS A 313 31.25 -1.65 9.37
CA HIS A 313 30.96 -2.66 10.38
C HIS A 313 31.68 -3.99 10.13
N GLY A 314 32.74 -4.00 9.33
CA GLY A 314 33.53 -5.20 9.15
C GLY A 314 32.84 -6.34 8.43
N ASP A 315 31.86 -6.05 7.58
CA ASP A 315 31.16 -7.10 6.87
C ASP A 315 30.56 -6.54 5.60
N ILE A 316 30.07 -7.45 4.75
CA ILE A 316 29.31 -7.06 3.57
C ILE A 316 28.12 -6.22 4.00
N ILE A 317 27.86 -5.15 3.27
CA ILE A 317 26.66 -4.35 3.55
C ILE A 317 25.43 -5.25 3.36
N PRO A 318 24.50 -5.29 4.32
CA PRO A 318 23.51 -6.37 4.34
C PRO A 318 22.59 -6.42 3.13
N TRP A 319 22.55 -5.39 2.30
CA TRP A 319 21.72 -5.38 1.11
C TRP A 319 22.53 -5.39 -0.17
N ASP A 320 23.84 -5.60 -0.09
CA ASP A 320 24.68 -5.80 -1.26
C ASP A 320 24.67 -7.28 -1.66
N TYR A 321 25.05 -7.54 -2.91
CA TYR A 321 24.97 -8.91 -3.41
C TYR A 321 26.23 -9.33 -4.17
N ASP A 322 27.34 -8.61 -4.01
CA ASP A 322 28.61 -9.05 -4.55
C ASP A 322 29.74 -8.39 -3.77
N VAL A 323 30.97 -8.80 -4.08
CA VAL A 323 32.17 -8.28 -3.43
C VAL A 323 33.09 -7.76 -4.51
N ASP A 324 33.72 -6.61 -4.25
CA ASP A 324 34.61 -5.96 -5.20
C ASP A 324 36.00 -5.83 -4.59
N LEU A 325 37.01 -6.35 -5.28
CA LEU A 325 38.39 -6.18 -4.90
C LEU A 325 39.17 -5.56 -6.06
N GLY A 326 40.16 -4.74 -5.73
CA GLY A 326 41.11 -4.24 -6.69
C GLY A 326 42.39 -5.06 -6.63
N ILE A 327 43.07 -5.18 -7.77
CA ILE A 327 44.35 -5.89 -7.84
C ILE A 327 45.27 -5.11 -8.76
N TYR A 328 46.58 -5.28 -8.53
CA TYR A 328 47.56 -4.77 -9.47
C TYR A 328 47.53 -5.62 -10.74
N LEU A 329 47.35 -4.97 -11.89
CA LEU A 329 47.37 -5.70 -13.15
C LEU A 329 48.69 -6.44 -13.34
N GLU A 330 49.81 -5.81 -12.96
CA GLU A 330 51.11 -6.42 -13.14
C GLU A 330 51.29 -7.72 -12.37
N ASP A 331 50.35 -8.08 -11.50
CA ASP A 331 50.45 -9.29 -10.70
C ASP A 331 49.53 -10.41 -11.16
N VAL A 332 48.75 -10.19 -12.23
CA VAL A 332 47.81 -11.20 -12.69
C VAL A 332 48.52 -12.51 -13.00
N GLY A 333 49.68 -12.44 -13.64
CA GLY A 333 50.40 -13.64 -14.05
C GLY A 333 50.83 -14.53 -12.90
N ASN A 334 50.80 -14.03 -11.67
CA ASN A 334 51.18 -14.82 -10.52
C ASN A 334 50.14 -15.84 -10.12
N CYS A 335 48.90 -15.70 -10.59
CA CYS A 335 47.80 -16.57 -10.21
C CYS A 335 47.45 -17.49 -11.37
N GLU A 336 47.41 -18.80 -11.09
CA GLU A 336 47.06 -19.78 -12.11
C GLU A 336 45.63 -19.55 -12.63
N GLN A 337 44.67 -19.48 -11.71
CA GLN A 337 43.27 -19.33 -12.10
C GLN A 337 43.06 -18.05 -12.91
N LEU A 338 43.79 -16.98 -12.55
CA LEU A 338 43.69 -15.74 -13.32
C LEU A 338 44.33 -15.89 -14.70
N ARG A 339 45.49 -16.54 -14.77
CA ARG A 339 46.13 -16.81 -16.05
C ARG A 339 45.18 -17.56 -16.98
N GLY A 340 44.54 -18.61 -16.46
CA GLY A 340 43.58 -19.35 -17.28
C GLY A 340 42.32 -18.57 -17.58
N ALA A 341 41.97 -17.61 -16.71
CA ALA A 341 40.72 -16.87 -16.89
C ALA A 341 40.72 -16.04 -18.17
N GLU A 342 41.89 -15.59 -18.63
CA GLU A 342 41.94 -14.84 -19.87
C GLU A 342 41.68 -15.75 -21.07
N ALA A 343 42.16 -16.98 -21.02
CA ALA A 343 41.88 -17.93 -22.09
C ALA A 343 40.40 -18.25 -22.16
N GLY A 344 39.87 -18.84 -21.08
CA GLY A 344 38.46 -19.15 -21.01
C GLY A 344 38.06 -19.40 -19.57
N SER A 345 36.76 -19.61 -19.38
CA SER A 345 36.22 -19.86 -18.04
C SER A 345 36.88 -21.09 -17.43
N VAL A 346 37.23 -21.00 -16.15
CA VAL A 346 38.03 -22.01 -15.48
C VAL A 346 37.32 -22.43 -14.21
N VAL A 347 36.98 -23.71 -14.10
CA VAL A 347 36.46 -24.29 -12.86
C VAL A 347 37.65 -24.82 -12.08
N ASP A 348 37.93 -24.24 -10.92
CA ASP A 348 39.12 -24.67 -10.20
C ASP A 348 38.81 -25.89 -9.34
N GLU A 349 39.81 -26.32 -8.57
CA GLU A 349 39.77 -27.59 -7.86
C GLU A 349 38.72 -27.63 -6.75
N ARG A 350 38.30 -26.46 -6.24
CA ARG A 350 37.29 -26.39 -5.20
C ARG A 350 35.98 -25.82 -5.72
N GLY A 351 35.73 -25.98 -7.03
CA GLY A 351 34.46 -25.66 -7.63
C GLY A 351 34.22 -24.20 -7.99
N PHE A 352 35.11 -23.29 -7.60
CA PHE A 352 34.93 -21.89 -7.95
C PHE A 352 35.24 -21.66 -9.42
N VAL A 353 34.51 -20.72 -10.02
CA VAL A 353 34.58 -20.46 -11.46
C VAL A 353 35.23 -19.09 -11.65
N TRP A 354 36.33 -19.05 -12.41
CA TRP A 354 37.07 -17.82 -12.67
C TRP A 354 36.89 -17.43 -14.13
N GLU A 355 36.46 -16.18 -14.37
CA GLU A 355 36.16 -15.71 -15.71
C GLU A 355 36.71 -14.30 -15.93
N LYS A 356 37.15 -14.04 -17.16
CA LYS A 356 37.35 -12.67 -17.63
C LYS A 356 36.02 -12.13 -18.14
N ALA A 357 35.72 -10.88 -17.76
CA ALA A 357 34.36 -10.40 -17.85
C ALA A 357 33.92 -10.16 -19.29
N VAL A 358 32.61 -9.94 -19.44
CA VAL A 358 31.93 -9.66 -20.71
C VAL A 358 32.71 -8.65 -21.53
N GLU A 359 33.30 -7.67 -20.85
CA GLU A 359 33.82 -6.42 -21.37
C GLU A 359 34.01 -5.52 -20.16
N GLY A 360 34.91 -4.55 -20.26
CA GLY A 360 35.28 -3.76 -19.11
C GLY A 360 36.50 -4.26 -18.37
N ASP A 361 37.06 -5.39 -18.80
CA ASP A 361 38.36 -5.88 -18.34
C ASP A 361 38.41 -6.01 -16.82
N PHE A 362 37.65 -6.97 -16.31
CA PHE A 362 37.78 -7.35 -14.91
C PHE A 362 37.52 -8.85 -14.79
N PHE A 363 37.99 -9.41 -13.68
CA PHE A 363 37.85 -10.84 -13.44
C PHE A 363 36.70 -11.10 -12.47
N ARG A 364 36.05 -12.24 -12.64
CA ARG A 364 34.88 -12.61 -11.84
C ARG A 364 35.07 -14.04 -11.34
N VAL A 365 34.84 -14.25 -10.05
CA VAL A 365 34.99 -15.54 -9.41
C VAL A 365 33.66 -15.94 -8.81
N GLN A 366 33.02 -16.95 -9.40
CA GLN A 366 31.70 -17.39 -8.95
C GLN A 366 31.82 -18.51 -7.94
N TYR A 367 30.92 -18.49 -6.95
CA TYR A 367 30.89 -19.50 -5.90
C TYR A 367 30.91 -20.91 -6.47
N SER A 368 30.16 -21.14 -7.54
CA SER A 368 30.13 -22.45 -8.19
C SER A 368 29.54 -22.28 -9.58
N GLU A 369 29.57 -23.38 -10.34
CA GLU A 369 29.06 -23.37 -11.71
C GLU A 369 27.57 -23.05 -11.74
N SER A 370 26.83 -23.42 -10.70
CA SER A 370 25.40 -23.17 -10.65
C SER A 370 25.03 -21.91 -9.88
N ASN A 371 25.81 -21.54 -8.86
CA ASN A 371 25.50 -20.42 -7.98
C ASN A 371 26.39 -19.23 -8.33
N HIS A 372 25.79 -18.22 -8.98
CA HIS A 372 26.55 -17.14 -9.60
C HIS A 372 26.81 -15.96 -8.66
N LEU A 373 26.79 -16.16 -7.35
CA LEU A 373 27.29 -15.13 -6.45
C LEU A 373 28.81 -15.03 -6.63
N HIS A 374 29.33 -13.81 -6.72
CA HIS A 374 30.70 -13.67 -7.21
C HIS A 374 31.46 -12.56 -6.50
N VAL A 375 32.79 -12.68 -6.59
CA VAL A 375 33.73 -11.62 -6.25
C VAL A 375 34.27 -11.04 -7.57
N ASP A 376 34.30 -9.72 -7.67
CA ASP A 376 34.86 -9.07 -8.84
C ASP A 376 36.27 -8.57 -8.51
N LEU A 377 37.19 -8.76 -9.46
CA LEU A 377 38.56 -8.29 -9.34
C LEU A 377 38.81 -7.21 -10.38
N TRP A 378 39.16 -6.01 -9.92
CA TRP A 378 39.38 -4.88 -10.81
C TRP A 378 40.86 -4.56 -10.89
N PRO A 379 41.51 -4.81 -12.03
CA PRO A 379 42.96 -4.58 -12.12
C PRO A 379 43.29 -3.12 -12.41
N PHE A 380 44.23 -2.56 -11.63
CA PHE A 380 44.73 -1.21 -11.82
C PHE A 380 46.24 -1.27 -12.08
N TYR A 381 46.77 -0.19 -12.63
CA TYR A 381 48.20 -0.05 -12.85
C TYR A 381 48.59 1.41 -12.66
N PRO A 382 49.78 1.67 -12.12
CA PRO A 382 50.23 3.06 -11.97
C PRO A 382 50.57 3.65 -13.33
N ARG A 383 50.02 4.83 -13.59
CA ARG A 383 50.35 5.66 -14.75
C ARG A 383 50.62 7.05 -14.18
N ASN A 384 51.89 7.36 -13.94
CA ASN A 384 52.35 8.48 -13.10
C ASN A 384 52.18 8.03 -11.64
N GLY A 385 51.63 8.87 -10.78
CA GLY A 385 51.26 8.42 -9.45
C GLY A 385 49.83 7.94 -9.33
N VAL A 386 49.07 7.94 -10.42
CA VAL A 386 47.65 7.65 -10.39
C VAL A 386 47.42 6.18 -10.78
N MET A 387 46.45 5.55 -10.11
CA MET A 387 45.98 4.22 -10.48
C MET A 387 44.84 4.35 -11.48
N THR A 388 44.93 3.61 -12.59
CA THR A 388 43.92 3.67 -13.64
C THR A 388 43.69 2.29 -14.26
N LYS A 389 42.46 2.08 -14.72
CA LYS A 389 42.13 1.02 -15.66
C LYS A 389 41.62 1.68 -16.93
N ASP A 390 42.27 1.38 -18.06
CA ASP A 390 41.98 2.10 -19.30
C ASP A 390 40.55 1.83 -19.80
N THR A 391 39.79 1.04 -19.05
CA THR A 391 38.36 0.89 -19.28
C THR A 391 37.63 0.73 -17.96
N ASP A 398 34.76 2.65 -12.36
CA ASP A 398 35.52 2.78 -11.13
C ASP A 398 36.40 4.04 -11.17
N VAL A 399 36.47 4.72 -10.02
CA VAL A 399 37.17 6.00 -9.92
C VAL A 399 38.68 5.80 -10.05
N GLU A 400 39.36 6.82 -10.57
CA GLU A 400 40.82 6.85 -10.62
C GLU A 400 41.36 7.58 -9.41
N PHE A 401 42.38 7.01 -8.78
CA PHE A 401 42.81 7.45 -7.46
C PHE A 401 44.32 7.39 -7.36
N PRO A 402 44.93 8.18 -6.48
CA PRO A 402 46.39 8.16 -6.35
C PRO A 402 46.91 6.86 -5.77
N GLU A 403 48.11 6.47 -6.21
CA GLU A 403 48.69 5.19 -5.85
C GLU A 403 49.27 5.15 -4.44
N HIS A 404 49.47 6.30 -3.79
CA HIS A 404 50.02 6.28 -2.44
C HIS A 404 49.04 5.68 -1.44
N PHE A 405 47.74 5.63 -1.77
CA PHE A 405 46.78 4.95 -0.91
C PHE A 405 47.07 3.46 -0.80
N LEU A 406 47.81 2.90 -1.76
CA LEU A 406 48.23 1.51 -1.69
C LEU A 406 49.63 1.34 -1.12
N GLN A 407 50.33 2.45 -0.84
CA GLN A 407 51.70 2.42 -0.31
C GLN A 407 51.69 2.92 1.12
N PRO A 408 51.53 2.03 2.13
CA PRO A 408 51.27 0.59 2.03
C PRO A 408 49.79 0.27 2.25
N LEU A 409 49.46 -1.02 2.27
CA LEU A 409 48.11 -1.46 2.57
C LEU A 409 47.99 -1.78 4.06
N VAL A 410 46.76 -1.71 4.56
CA VAL A 410 46.48 -1.84 5.99
C VAL A 410 45.55 -3.01 6.23
N PRO A 411 45.65 -3.70 7.36
CA PRO A 411 44.69 -4.77 7.66
C PRO A 411 43.35 -4.21 8.09
N LEU A 412 42.30 -4.97 7.77
CA LEU A 412 40.94 -4.51 8.07
C LEU A 412 39.99 -5.70 8.19
N PRO A 413 39.34 -5.86 9.34
CA PRO A 413 38.35 -6.94 9.48
C PRO A 413 37.24 -6.84 8.43
N PHE A 414 36.90 -7.99 7.85
CA PHE A 414 35.85 -8.05 6.82
C PHE A 414 35.37 -9.48 6.59
N ALA A 415 34.06 -9.70 6.73
CA ALA A 415 33.42 -10.97 6.38
C ALA A 415 33.98 -12.14 7.18
N GLY A 416 34.51 -11.89 8.36
CA GLY A 416 35.00 -12.95 9.23
C GLY A 416 36.47 -13.27 9.12
N PHE A 417 37.24 -12.51 8.33
CA PHE A 417 38.68 -12.67 8.27
C PHE A 417 39.30 -11.29 8.21
N VAL A 418 40.62 -11.24 8.00
CA VAL A 418 41.36 -9.98 7.88
C VAL A 418 41.73 -9.80 6.42
N ALA A 419 41.26 -8.70 5.82
CA ALA A 419 41.57 -8.34 4.45
C ALA A 419 42.48 -7.12 4.45
N GLN A 420 43.04 -6.84 3.28
CA GLN A 420 43.88 -5.66 3.10
C GLN A 420 43.06 -4.52 2.51
N ALA A 421 43.36 -3.31 2.94
CA ALA A 421 42.62 -2.12 2.57
C ALA A 421 43.60 -1.03 2.20
N PRO A 422 43.18 -0.04 1.41
CA PRO A 422 44.02 1.13 1.19
C PRO A 422 44.29 1.84 2.51
N ASN A 423 45.50 2.41 2.63
CA ASN A 423 45.80 3.17 3.83
C ASN A 423 44.93 4.40 3.90
N ASN A 424 44.56 4.78 5.13
CA ASN A 424 43.60 5.86 5.37
C ASN A 424 42.34 5.65 4.52
N TYR A 425 41.73 4.48 4.69
CA TYR A 425 40.58 4.11 3.88
C TYR A 425 39.42 5.08 4.03
N ARG A 426 39.35 5.80 5.14
CA ARG A 426 38.31 6.81 5.33
C ARG A 426 38.40 7.89 4.25
N ARG A 427 39.59 8.43 4.03
CA ARG A 427 39.78 9.41 2.96
C ARG A 427 39.52 8.79 1.60
N PHE A 428 40.04 7.58 1.37
CA PHE A 428 39.79 6.87 0.12
C PHE A 428 38.29 6.74 -0.16
N LEU A 429 37.51 6.40 0.87
CA LEU A 429 36.09 6.13 0.65
C LEU A 429 35.33 7.40 0.29
N GLU A 430 35.68 8.53 0.93
CA GLU A 430 34.99 9.78 0.65
C GLU A 430 35.40 10.36 -0.70
N LEU A 431 36.60 10.03 -1.17
CA LEU A 431 36.99 10.42 -2.54
C LEU A 431 36.16 9.68 -3.57
N LYS A 432 35.77 8.44 -3.27
CA LYS A 432 35.00 7.64 -4.22
C LYS A 432 33.50 7.85 -4.05
N PHE A 433 33.00 7.93 -2.82
CA PHE A 433 31.57 7.99 -2.56
C PHE A 433 31.07 9.37 -2.15
N GLY A 434 31.89 10.17 -1.47
CA GLY A 434 31.46 11.47 -1.01
C GLY A 434 31.62 11.64 0.49
N PRO A 435 31.60 12.88 0.97
CA PRO A 435 31.87 13.15 2.38
C PRO A 435 30.87 12.46 3.31
N GLY A 436 31.40 11.88 4.38
CA GLY A 436 30.58 11.28 5.42
C GLY A 436 29.91 9.98 5.06
N VAL A 437 30.50 9.20 4.14
CA VAL A 437 29.81 8.03 3.62
C VAL A 437 29.78 6.90 4.64
N ILE A 438 30.87 6.72 5.40
CA ILE A 438 30.90 5.66 6.40
C ILE A 438 29.80 5.85 7.44
N GLU A 439 29.50 7.11 7.76
CA GLU A 439 28.60 7.44 8.86
C GLU A 439 27.14 7.47 8.47
N ASN A 440 26.82 7.77 7.22
CA ASN A 440 25.42 7.83 6.83
C ASN A 440 25.07 6.70 5.87
N PRO A 441 24.78 5.51 6.39
CA PRO A 441 24.21 4.48 5.52
C PRO A 441 22.75 4.78 5.28
N GLN A 442 22.29 4.50 4.08
CA GLN A 442 20.86 4.57 3.78
C GLN A 442 20.43 3.20 3.27
N TYR A 443 19.74 2.46 4.13
CA TYR A 443 19.19 1.18 3.76
C TYR A 443 18.19 1.37 2.63
N PRO A 444 17.90 0.30 1.88
CA PRO A 444 16.97 0.42 0.74
C PRO A 444 15.69 1.12 1.11
N ASN A 445 15.13 1.84 0.14
CA ASN A 445 13.89 2.60 0.31
C ASN A 445 12.90 2.05 -0.71
N PRO A 446 12.11 1.04 -0.33
CA PRO A 446 11.19 0.42 -1.30
C PRO A 446 10.15 1.40 -1.83
N ALA A 447 9.67 2.32 -0.99
CA ALA A 447 8.74 3.34 -1.48
C ALA A 447 9.41 4.20 -2.54
N LEU A 448 10.64 4.65 -2.28
CA LEU A 448 11.40 5.34 -3.32
C LEU A 448 11.55 4.46 -4.55
N LEU A 449 11.98 3.21 -4.35
CA LEU A 449 12.10 2.25 -5.44
C LEU A 449 10.82 2.15 -6.24
N SER A 450 9.69 2.10 -5.53
CA SER A 450 8.38 2.05 -6.15
C SER A 450 8.13 3.25 -7.04
N LEU A 451 8.68 4.41 -6.68
CA LEU A 451 8.53 5.61 -7.47
C LEU A 451 9.51 5.64 -8.65
N THR A 452 10.74 5.16 -8.43
CA THR A 452 11.81 5.24 -9.41
C THR A 452 12.09 3.91 -10.10
N GLY A 453 11.10 3.03 -10.20
CA GLY A 453 11.29 1.75 -10.86
C GLY A 453 12.31 0.86 -10.17
N PRO B 7 -22.55 1.87 -14.57
CA PRO B 7 -22.09 0.53 -14.18
C PRO B 7 -20.58 0.48 -13.95
N ARG B 8 -20.16 0.07 -12.76
CA ARG B 8 -18.76 0.04 -12.39
C ARG B 8 -18.21 -1.38 -12.55
N VAL B 9 -17.10 -1.50 -13.26
CA VAL B 9 -16.48 -2.79 -13.57
C VAL B 9 -15.01 -2.74 -13.20
N THR B 10 -14.57 -3.69 -12.38
CA THR B 10 -13.16 -3.84 -12.06
C THR B 10 -12.51 -4.81 -13.02
N VAL B 11 -11.44 -4.37 -13.67
CA VAL B 11 -10.64 -5.24 -14.52
C VAL B 11 -9.72 -6.07 -13.64
N LEU B 12 -9.70 -7.38 -13.88
CA LEU B 12 -8.95 -8.32 -13.07
C LEU B 12 -8.06 -9.14 -13.99
N VAL B 13 -6.75 -9.07 -13.79
CA VAL B 13 -5.76 -9.71 -14.66
C VAL B 13 -5.09 -10.83 -13.88
N ARG B 14 -5.23 -12.06 -14.38
CA ARG B 14 -4.66 -13.24 -13.72
C ARG B 14 -3.78 -14.08 -14.64
N GLU B 15 -4.11 -14.18 -15.92
CA GLU B 15 -3.36 -15.05 -16.84
C GLU B 15 -2.27 -14.23 -17.51
N PHE B 16 -1.04 -14.35 -16.99
CA PHE B 16 0.12 -13.72 -17.61
C PHE B 16 1.37 -14.38 -17.05
N GLU B 17 2.48 -14.22 -17.78
CA GLU B 17 3.77 -14.75 -17.38
C GLU B 17 4.68 -13.60 -16.94
N ALA B 18 5.41 -13.79 -15.85
CA ALA B 18 6.28 -12.74 -15.35
C ALA B 18 7.47 -12.50 -16.28
N PHE B 19 7.98 -13.56 -16.91
CA PHE B 19 9.16 -13.42 -17.75
C PHE B 19 8.86 -12.73 -19.08
N ASP B 20 7.60 -12.73 -19.51
CA ASP B 20 7.25 -12.20 -20.83
C ASP B 20 5.74 -11.94 -20.84
N ASN B 21 5.36 -10.67 -20.76
CA ASN B 21 3.95 -10.30 -20.71
C ASN B 21 3.76 -8.91 -21.29
N ALA B 22 2.49 -8.59 -21.58
CA ALA B 22 2.08 -7.29 -22.06
C ALA B 22 1.10 -6.63 -21.09
N VAL B 23 1.23 -6.94 -19.80
CA VAL B 23 0.32 -6.39 -18.79
C VAL B 23 0.41 -4.87 -18.70
N PRO B 24 1.60 -4.24 -18.76
CA PRO B 24 1.61 -2.76 -18.75
C PRO B 24 0.77 -2.14 -19.85
N GLU B 25 0.94 -2.63 -21.09
CA GLU B 25 0.11 -2.14 -22.19
C GLU B 25 -1.37 -2.37 -21.93
N LEU B 26 -1.71 -3.57 -21.45
CA LEU B 26 -3.11 -3.88 -21.12
C LEU B 26 -3.69 -2.85 -20.15
N VAL B 27 -3.01 -2.64 -19.03
CA VAL B 27 -3.54 -1.77 -17.99
C VAL B 27 -3.60 -0.33 -18.48
N ASP B 28 -2.57 0.13 -19.20
CA ASP B 28 -2.59 1.49 -19.73
C ASP B 28 -3.73 1.70 -20.72
N SER B 29 -4.07 0.65 -21.50
CA SER B 29 -5.12 0.78 -22.49
C SER B 29 -6.47 1.04 -21.84
N PHE B 30 -6.72 0.42 -20.68
CA PHE B 30 -7.96 0.71 -19.97
C PHE B 30 -7.91 2.04 -19.25
N LEU B 31 -6.73 2.46 -18.79
CA LEU B 31 -6.60 3.75 -18.12
C LEU B 31 -6.81 4.91 -19.10
N GLN B 32 -6.49 4.72 -20.38
CA GLN B 32 -6.71 5.77 -21.36
C GLN B 32 -8.18 5.99 -21.65
N GLN B 33 -9.04 5.03 -21.31
CA GLN B 33 -10.48 5.21 -21.45
C GLN B 33 -11.12 5.79 -20.21
N ASP B 34 -10.56 5.51 -19.04
CA ASP B 34 -11.06 6.05 -17.77
C ASP B 34 -9.87 6.08 -16.82
N PRO B 35 -9.33 7.27 -16.54
CA PRO B 35 -8.13 7.35 -15.69
C PRO B 35 -8.31 6.76 -14.30
N ALA B 36 -9.54 6.71 -13.78
CA ALA B 36 -9.81 6.14 -12.48
C ALA B 36 -10.30 4.69 -12.54
N GLN B 37 -10.22 4.07 -13.71
CA GLN B 37 -10.66 2.69 -13.91
C GLN B 37 -10.02 1.78 -12.87
N PRO B 38 -10.82 1.09 -12.05
CA PRO B 38 -10.23 0.17 -11.07
C PRO B 38 -9.66 -1.08 -11.74
N VAL B 39 -8.41 -1.39 -11.41
CA VAL B 39 -7.69 -2.50 -12.02
C VAL B 39 -7.00 -3.30 -10.92
N VAL B 40 -7.19 -4.61 -10.94
CA VAL B 40 -6.54 -5.53 -10.00
C VAL B 40 -5.73 -6.53 -10.80
N VAL B 41 -4.41 -6.52 -10.59
CA VAL B 41 -3.53 -7.55 -11.12
C VAL B 41 -3.27 -8.54 -9.99
N ALA B 42 -3.58 -9.81 -10.24
CA ALA B 42 -3.41 -10.86 -9.26
C ALA B 42 -2.27 -11.77 -9.67
N ALA B 43 -1.42 -12.12 -8.70
CA ALA B 43 -0.30 -13.02 -8.94
C ALA B 43 -0.05 -13.82 -7.68
N ASP B 44 0.61 -14.96 -7.85
CA ASP B 44 0.92 -15.80 -6.69
C ASP B 44 2.09 -15.24 -5.90
N THR B 45 3.14 -14.78 -6.58
CA THR B 45 4.24 -14.09 -5.95
C THR B 45 4.49 -12.78 -6.69
N LEU B 46 5.22 -11.88 -6.03
CA LEU B 46 5.60 -10.61 -6.64
C LEU B 46 6.36 -10.88 -7.93
N PRO B 47 5.83 -10.49 -9.09
CA PRO B 47 6.52 -10.81 -10.34
C PRO B 47 7.86 -10.09 -10.45
N TYR B 48 8.87 -10.82 -10.89
CA TYR B 48 10.17 -10.24 -11.22
C TYR B 48 10.58 -10.78 -12.58
N PRO B 49 11.02 -9.92 -13.53
CA PRO B 49 11.23 -8.47 -13.44
C PRO B 49 9.97 -7.68 -13.07
N PRO B 50 10.14 -6.48 -12.50
CA PRO B 50 8.98 -5.73 -11.99
C PRO B 50 7.98 -5.45 -13.09
N LEU B 51 6.69 -5.55 -12.73
CA LEU B 51 5.63 -5.20 -13.65
C LEU B 51 5.63 -3.71 -13.95
N ALA B 52 6.02 -2.89 -12.97
CA ALA B 52 6.02 -1.44 -13.11
C ALA B 52 4.67 -0.93 -13.62
N LEU B 53 3.62 -1.33 -12.91
CA LEU B 53 2.32 -0.75 -13.16
C LEU B 53 2.31 0.70 -12.70
N PRO B 54 1.35 1.50 -13.15
CA PRO B 54 1.17 2.81 -12.52
C PRO B 54 0.87 2.65 -11.03
N ARG B 55 1.70 3.28 -10.19
CA ARG B 55 1.49 3.21 -8.75
C ARG B 55 0.47 4.25 -8.31
N ILE B 56 -0.75 4.07 -8.82
CA ILE B 56 -1.88 4.95 -8.57
C ILE B 56 -2.91 4.15 -7.80
N PRO B 57 -3.77 4.78 -6.99
CA PRO B 57 -4.61 4.01 -6.06
C PRO B 57 -5.62 3.08 -6.73
N ASN B 58 -6.04 3.36 -7.97
CA ASN B 58 -7.04 2.52 -8.63
C ASN B 58 -6.44 1.31 -9.33
N VAL B 59 -5.12 1.15 -9.32
CA VAL B 59 -4.46 -0.02 -9.87
C VAL B 59 -3.71 -0.70 -8.74
N ARG B 60 -4.09 -1.94 -8.43
CA ARG B 60 -3.52 -2.63 -7.28
C ARG B 60 -3.01 -4.00 -7.69
N LEU B 61 -2.01 -4.46 -6.95
CA LEU B 61 -1.44 -5.79 -7.11
C LEU B 61 -1.91 -6.64 -5.94
N ALA B 62 -2.58 -7.75 -6.25
CA ALA B 62 -3.09 -8.68 -5.24
C ALA B 62 -2.21 -9.93 -5.27
N LEU B 63 -1.47 -10.15 -4.19
CA LEU B 63 -0.59 -11.32 -4.07
C LEU B 63 -1.33 -12.38 -3.26
N LEU B 64 -1.55 -13.53 -3.88
CA LEU B 64 -2.37 -14.57 -3.28
C LEU B 64 -1.57 -15.54 -2.40
N GLN B 65 -0.28 -15.28 -2.21
CA GLN B 65 0.54 -16.10 -1.34
C GLN B 65 0.26 -15.79 0.13
N PRO B 66 0.46 -16.74 1.03
CA PRO B 66 0.53 -16.41 2.45
C PRO B 66 1.81 -15.66 2.77
N ALA B 67 1.76 -14.84 3.82
CA ALA B 67 2.90 -14.04 4.22
C ALA B 67 2.84 -13.78 5.72
N LEU B 68 4.02 -13.77 6.36
CA LEU B 68 4.08 -13.60 7.81
C LEU B 68 3.56 -12.24 8.25
N ASP B 69 3.66 -11.21 7.41
CA ASP B 69 3.34 -9.85 7.81
C ASP B 69 2.10 -9.31 7.11
N ARG B 70 1.13 -10.17 6.82
CA ARG B 70 -0.09 -9.75 6.15
C ARG B 70 -1.28 -10.43 6.79
N PRO B 71 -2.43 -9.76 6.83
CA PRO B 71 -3.64 -10.40 7.32
C PRO B 71 -4.18 -11.39 6.28
N ALA B 72 -5.15 -12.18 6.72
CA ALA B 72 -5.80 -13.13 5.80
C ALA B 72 -6.39 -12.40 4.60
N ALA B 73 -6.91 -11.20 4.81
CA ALA B 73 -7.62 -10.49 3.75
C ALA B 73 -6.70 -10.12 2.58
N ALA B 74 -5.41 -9.96 2.84
CA ALA B 74 -4.48 -9.50 1.80
C ALA B 74 -4.36 -10.48 0.64
N SER B 75 -4.66 -11.77 0.86
CA SER B 75 -4.57 -12.77 -0.19
C SER B 75 -5.94 -13.24 -0.66
N ARG B 76 -7.02 -12.60 -0.23
CA ARG B 76 -8.35 -12.89 -0.72
C ARG B 76 -8.73 -11.82 -1.74
N PRO B 77 -8.83 -12.16 -3.03
CA PRO B 77 -8.98 -11.11 -4.06
C PRO B 77 -10.26 -10.31 -3.93
N GLU B 78 -11.34 -10.88 -3.38
CA GLU B 78 -12.60 -10.16 -3.34
C GLU B 78 -12.48 -8.85 -2.56
N THR B 79 -11.55 -8.79 -1.60
CA THR B 79 -11.35 -7.56 -0.83
C THR B 79 -10.67 -6.46 -1.64
N TYR B 80 -10.15 -6.78 -2.82
CA TYR B 80 -9.63 -5.77 -3.73
C TYR B 80 -10.68 -5.25 -4.70
N VAL B 81 -11.79 -5.97 -4.86
CA VAL B 81 -12.83 -5.62 -5.81
C VAL B 81 -14.03 -5.08 -5.04
N ALA B 82 -14.35 -3.81 -5.25
CA ALA B 82 -15.49 -3.19 -4.59
C ALA B 82 -16.69 -3.02 -5.53
N THR B 83 -16.53 -3.29 -6.81
CA THR B 83 -17.59 -3.02 -7.77
C THR B 83 -18.53 -4.20 -7.91
N GLU B 84 -19.71 -3.94 -8.45
CA GLU B 84 -20.70 -4.99 -8.66
C GLU B 84 -20.20 -6.02 -9.66
N PHE B 85 -19.51 -5.58 -10.70
CA PHE B 85 -19.06 -6.46 -11.77
C PHE B 85 -17.54 -6.52 -11.83
N VAL B 86 -17.05 -7.65 -12.34
CA VAL B 86 -15.62 -7.88 -12.51
C VAL B 86 -15.43 -8.51 -13.88
N ALA B 87 -14.39 -8.07 -14.58
CA ALA B 87 -14.08 -8.57 -15.92
C ALA B 87 -12.69 -9.18 -15.90
N LEU B 88 -12.62 -10.48 -16.12
CA LEU B 88 -11.34 -11.17 -16.27
C LEU B 88 -10.79 -10.91 -17.65
N VAL B 89 -9.60 -10.31 -17.72
CA VAL B 89 -8.99 -9.93 -18.98
C VAL B 89 -7.65 -10.65 -19.12
N PRO B 90 -7.43 -11.41 -20.19
CA PRO B 90 -6.15 -12.10 -20.34
C PRO B 90 -5.08 -11.17 -20.89
N ASP B 91 -3.83 -11.54 -20.59
CA ASP B 91 -2.71 -10.85 -21.21
C ASP B 91 -2.76 -11.04 -22.72
N GLY B 92 -2.19 -10.07 -23.44
CA GLY B 92 -2.31 -10.04 -24.88
C GLY B 92 -3.56 -9.33 -25.38
N ALA B 93 -4.42 -8.87 -24.49
CA ALA B 93 -5.61 -8.13 -24.86
C ALA B 93 -5.39 -6.64 -24.68
N ARG B 94 -6.32 -5.85 -25.20
CA ARG B 94 -6.17 -4.40 -25.24
C ARG B 94 -7.53 -3.75 -25.38
N ALA B 95 -7.76 -2.69 -24.61
CA ALA B 95 -8.97 -1.88 -24.74
C ALA B 95 -8.73 -0.82 -25.79
N GLU B 96 -9.53 -0.83 -26.86
CA GLU B 96 -9.45 0.18 -27.90
C GLU B 96 -10.74 0.94 -28.09
N ALA B 97 -11.85 0.23 -28.30
CA ALA B 97 -13.13 0.90 -28.41
C ALA B 97 -13.49 1.46 -27.04
N PRO B 98 -14.13 2.63 -27.00
CA PRO B 98 -14.66 3.11 -25.71
C PRO B 98 -15.84 2.27 -25.26
N GLY B 99 -15.93 2.05 -23.96
CA GLY B 99 -17.14 1.52 -23.34
C GLY B 99 -17.56 0.12 -23.73
N LEU B 100 -16.61 -0.78 -23.96
CA LEU B 100 -16.99 -2.16 -24.22
C LEU B 100 -17.46 -2.86 -22.94
N LEU B 101 -16.81 -2.54 -21.81
CA LEU B 101 -17.23 -3.14 -20.54
C LEU B 101 -18.65 -2.76 -20.19
N GLU B 102 -19.05 -1.53 -20.52
CA GLU B 102 -20.44 -1.11 -20.28
C GLU B 102 -21.41 -1.89 -21.14
N ARG B 103 -21.04 -2.15 -22.39
CA ARG B 103 -21.91 -2.93 -23.27
C ARG B 103 -22.03 -4.37 -22.78
N MET B 104 -20.95 -4.92 -22.24
CA MET B 104 -21.00 -6.27 -21.70
C MET B 104 -21.87 -6.34 -20.45
N VAL B 105 -21.80 -5.32 -19.61
CA VAL B 105 -22.70 -5.23 -18.45
C VAL B 105 -24.15 -5.24 -18.91
N GLU B 106 -24.44 -4.44 -19.95
CA GLU B 106 -25.81 -4.33 -20.45
C GLU B 106 -26.34 -5.67 -20.92
N ALA B 107 -25.53 -6.44 -21.63
CA ALA B 107 -25.98 -7.74 -22.12
C ALA B 107 -26.21 -8.72 -20.97
N LEU B 108 -25.35 -8.68 -19.96
CA LEU B 108 -25.51 -9.56 -18.80
C LEU B 108 -26.82 -9.27 -18.09
N ARG B 109 -27.11 -7.99 -17.83
CA ARG B 109 -28.39 -7.61 -17.25
C ARG B 109 -29.55 -8.12 -18.08
N ALA B 110 -29.45 -7.93 -19.40
CA ALA B 110 -30.58 -8.22 -20.27
C ALA B 110 -30.78 -9.72 -20.48
N GLY B 111 -29.69 -10.49 -20.45
CA GLY B 111 -29.75 -11.92 -20.72
C GLY B 111 -30.01 -12.75 -19.48
N SER B 112 -29.89 -14.07 -19.65
CA SER B 112 -30.10 -15.01 -18.57
C SER B 112 -28.82 -15.66 -18.08
N ALA B 113 -27.75 -15.64 -18.87
CA ALA B 113 -26.50 -16.26 -18.46
C ALA B 113 -25.84 -15.46 -17.34
N ARG B 114 -25.21 -16.16 -16.39
CA ARG B 114 -24.49 -15.50 -15.32
C ARG B 114 -23.14 -14.97 -15.76
N LEU B 115 -22.59 -15.48 -16.87
CA LEU B 115 -21.34 -15.03 -17.42
C LEU B 115 -21.55 -14.60 -18.85
N VAL B 116 -20.92 -13.49 -19.23
CA VAL B 116 -20.87 -13.07 -20.63
C VAL B 116 -19.41 -12.94 -21.01
N ALA B 117 -19.12 -13.09 -22.29
CA ALA B 117 -17.75 -13.16 -22.75
C ALA B 117 -17.59 -12.46 -24.09
N ALA B 118 -16.44 -11.81 -24.26
CA ALA B 118 -16.07 -11.19 -25.53
C ALA B 118 -14.72 -11.77 -25.96
N PRO B 119 -14.62 -12.41 -27.12
CA PRO B 119 -13.33 -12.90 -27.57
C PRO B 119 -12.33 -11.77 -27.79
N VAL B 120 -11.05 -12.12 -27.72
CA VAL B 120 -9.96 -11.20 -28.02
C VAL B 120 -9.37 -11.56 -29.37
N ALA B 121 -9.02 -10.54 -30.14
CA ALA B 121 -8.59 -10.75 -31.52
C ALA B 121 -7.15 -11.25 -31.61
N THR B 122 -6.81 -12.27 -30.84
CA THR B 122 -5.50 -12.90 -30.93
C THR B 122 -5.54 -13.97 -32.02
N ALA B 123 -4.41 -14.67 -32.20
CA ALA B 123 -4.38 -15.78 -33.15
C ALA B 123 -5.24 -16.96 -32.72
N ASN B 124 -5.99 -16.81 -31.62
CA ASN B 124 -6.76 -17.91 -31.04
C ASN B 124 -7.90 -17.32 -30.21
N PRO B 125 -8.91 -16.78 -30.88
CA PRO B 125 -10.03 -16.19 -30.14
C PRO B 125 -10.88 -17.27 -29.49
N ALA B 126 -11.58 -16.88 -28.43
CA ALA B 126 -12.39 -17.83 -27.68
C ALA B 126 -13.48 -18.43 -28.56
N ARG B 127 -13.73 -19.72 -28.37
CA ARG B 127 -14.80 -20.43 -29.06
C ARG B 127 -15.71 -21.09 -28.03
N CYS B 128 -16.91 -21.40 -28.51
CA CYS B 128 -17.99 -21.81 -27.62
C CYS B 128 -17.99 -23.33 -27.51
N LEU B 129 -17.99 -23.83 -26.27
CA LEU B 129 -17.83 -25.27 -26.02
C LEU B 129 -18.88 -25.77 -25.03
N ALA B 130 -19.27 -27.04 -25.18
CA ALA B 130 -20.05 -27.74 -24.17
C ALA B 130 -19.13 -28.44 -23.19
N LEU B 131 -19.61 -28.66 -21.97
CA LEU B 131 -18.75 -29.22 -20.93
C LEU B 131 -19.61 -29.89 -19.86
N ASN B 132 -19.37 -31.18 -19.64
CA ASN B 132 -19.97 -31.93 -18.55
C ASN B 132 -18.87 -32.39 -17.59
N VAL B 133 -19.09 -32.18 -16.30
CA VAL B 133 -18.14 -32.58 -15.26
C VAL B 133 -18.77 -33.68 -14.43
N SER B 134 -18.02 -34.76 -14.20
CA SER B 134 -18.45 -35.85 -13.34
C SER B 134 -17.32 -36.11 -12.33
N LEU B 135 -17.46 -35.55 -11.13
CA LEU B 135 -16.47 -35.78 -10.09
C LEU B 135 -16.43 -37.25 -9.69
N ARG B 136 -17.58 -37.91 -9.65
CA ARG B 136 -17.62 -39.32 -9.27
C ARG B 136 -16.75 -40.17 -10.19
N GLU B 137 -16.73 -39.82 -11.49
CA GLU B 137 -15.92 -40.55 -12.47
C GLU B 137 -14.60 -39.84 -12.77
N TRP B 138 -14.30 -38.73 -12.09
CA TRP B 138 -13.05 -37.99 -12.29
C TRP B 138 -12.89 -37.50 -13.71
N THR B 139 -13.98 -37.18 -14.41
CA THR B 139 -13.90 -36.86 -15.84
C THR B 139 -14.50 -35.51 -16.17
N ALA B 140 -13.87 -34.81 -17.10
CA ALA B 140 -14.43 -33.64 -17.75
C ALA B 140 -14.57 -33.95 -19.23
N ARG B 141 -15.78 -33.83 -19.75
CA ARG B 141 -16.09 -34.16 -21.15
C ARG B 141 -16.49 -32.88 -21.88
N TYR B 142 -15.65 -32.46 -22.82
CA TYR B 142 -15.95 -31.31 -23.67
C TYR B 142 -16.49 -31.77 -25.02
N GLY B 143 -17.17 -30.85 -25.69
CA GLY B 143 -17.67 -31.09 -27.04
C GLY B 143 -18.11 -29.79 -27.67
N ALA B 144 -18.60 -29.90 -28.90
CA ALA B 144 -19.10 -28.73 -29.60
C ALA B 144 -20.37 -28.22 -28.94
N ALA B 145 -20.56 -26.91 -28.99
CA ALA B 145 -21.69 -26.28 -28.33
C ALA B 145 -22.96 -26.50 -29.13
N PRO B 146 -24.01 -27.09 -28.54
CA PRO B 146 -25.27 -27.28 -29.28
C PRO B 146 -26.14 -26.04 -29.34
N ALA B 147 -25.98 -25.10 -28.41
CA ALA B 147 -26.84 -23.92 -28.35
C ALA B 147 -26.03 -22.63 -28.38
N ALA B 148 -24.93 -22.62 -29.14
CA ALA B 148 -24.10 -21.43 -29.32
C ALA B 148 -24.97 -20.28 -29.81
N PRO B 149 -24.66 -19.03 -29.44
CA PRO B 149 -23.47 -18.58 -28.70
C PRO B 149 -23.58 -18.71 -27.18
N ARG B 150 -24.36 -19.68 -26.70
CA ARG B 150 -24.49 -19.98 -25.28
C ARG B 150 -23.76 -21.29 -24.99
N CYS B 151 -22.76 -21.24 -24.10
CA CYS B 151 -21.90 -22.39 -23.83
C CYS B 151 -21.77 -22.67 -22.34
N ASP B 152 -21.20 -23.84 -22.07
CA ASP B 152 -20.74 -24.21 -20.75
C ASP B 152 -19.30 -23.78 -20.50
N ALA B 153 -18.51 -23.65 -21.57
CA ALA B 153 -17.09 -23.33 -21.43
C ALA B 153 -16.59 -22.65 -22.69
N LEU B 154 -15.42 -22.02 -22.57
CA LEU B 154 -14.74 -21.39 -23.68
C LEU B 154 -13.36 -22.00 -23.85
N ASP B 155 -12.86 -21.96 -25.08
CA ASP B 155 -11.48 -22.34 -25.39
C ASP B 155 -10.88 -21.21 -26.21
N GLY B 156 -9.79 -20.64 -25.71
CA GLY B 156 -9.19 -19.47 -26.31
C GLY B 156 -9.33 -18.26 -25.41
N ASP B 157 -8.91 -17.12 -25.94
CA ASP B 157 -8.80 -15.89 -25.16
C ASP B 157 -10.07 -15.06 -25.25
N ALA B 158 -10.61 -14.69 -24.10
CA ALA B 158 -11.79 -13.85 -24.04
C ALA B 158 -11.77 -13.02 -22.77
N VAL B 159 -12.41 -11.85 -22.84
CA VAL B 159 -12.79 -11.12 -21.63
C VAL B 159 -14.08 -11.72 -21.10
N VAL B 160 -14.07 -12.10 -19.82
CA VAL B 160 -15.23 -12.73 -19.21
C VAL B 160 -15.71 -11.83 -18.09
N LEU B 161 -16.95 -11.36 -18.20
CA LEU B 161 -17.55 -10.47 -17.22
C LEU B 161 -18.63 -11.22 -16.45
N LEU B 162 -18.61 -11.05 -15.14
CA LEU B 162 -19.62 -11.61 -14.26
C LEU B 162 -19.67 -10.77 -13.00
N ARG B 163 -20.64 -11.07 -12.14
CA ARG B 163 -20.75 -10.37 -10.86
C ARG B 163 -19.69 -10.86 -9.90
N ALA B 164 -19.12 -9.93 -9.13
CA ALA B 164 -18.12 -10.28 -8.14
C ALA B 164 -18.65 -11.30 -7.14
N ARG B 165 -19.90 -11.13 -6.71
CA ARG B 165 -20.50 -12.06 -5.77
C ARG B 165 -20.54 -13.49 -6.31
N ASP B 166 -20.67 -13.64 -7.63
CA ASP B 166 -20.70 -14.97 -8.23
C ASP B 166 -19.30 -15.54 -8.38
N LEU B 167 -18.35 -14.73 -8.84
CA LEU B 167 -17.00 -15.24 -9.08
C LEU B 167 -16.32 -15.62 -7.77
N PHE B 168 -16.39 -14.74 -6.76
CA PHE B 168 -15.66 -14.99 -5.53
C PHE B 168 -16.40 -15.90 -4.56
N ASN B 169 -17.63 -16.30 -4.87
CA ASN B 169 -18.25 -17.40 -4.15
C ASN B 169 -17.78 -18.77 -4.65
N LEU B 170 -17.03 -18.80 -5.74
CA LEU B 170 -16.44 -20.06 -6.19
C LEU B 170 -15.30 -20.47 -5.26
N SER B 171 -15.04 -21.78 -5.22
CA SER B 171 -14.03 -22.31 -4.31
C SER B 171 -12.63 -21.85 -4.69
N ALA B 172 -12.34 -21.79 -5.99
CA ALA B 172 -11.02 -21.38 -6.49
C ALA B 172 -11.22 -20.44 -7.66
N PRO B 173 -11.60 -19.18 -7.39
CA PRO B 173 -11.96 -18.28 -8.49
C PRO B 173 -10.81 -17.96 -9.44
N LEU B 174 -9.57 -17.94 -8.94
CA LEU B 174 -8.43 -17.51 -9.73
C LEU B 174 -7.38 -18.60 -9.91
N ALA B 175 -7.77 -19.87 -9.75
CA ALA B 175 -6.84 -20.96 -10.01
C ALA B 175 -6.46 -20.97 -11.48
N ARG B 176 -5.20 -21.24 -11.75
CA ARG B 176 -4.72 -21.20 -13.13
C ARG B 176 -4.61 -22.61 -13.70
N PRO B 177 -4.84 -22.79 -15.02
CA PRO B 177 -5.27 -21.75 -15.96
C PRO B 177 -6.73 -21.38 -15.76
N VAL B 178 -7.03 -20.09 -15.70
CA VAL B 178 -8.40 -19.62 -15.49
C VAL B 178 -9.32 -20.20 -16.56
N GLY B 179 -8.85 -20.23 -17.82
CA GLY B 179 -9.67 -20.76 -18.90
C GLY B 179 -10.17 -22.17 -18.65
N THR B 180 -9.41 -22.97 -17.92
CA THR B 180 -9.86 -24.29 -17.53
C THR B 180 -10.59 -24.26 -16.18
N SER B 181 -9.96 -23.63 -15.19
CA SER B 181 -10.48 -23.69 -13.82
C SER B 181 -11.87 -23.07 -13.71
N LEU B 182 -12.07 -21.90 -14.33
CA LEU B 182 -13.30 -21.16 -14.12
C LEU B 182 -14.51 -21.95 -14.60
N PHE B 183 -14.44 -22.47 -15.83
CA PHE B 183 -15.61 -23.10 -16.42
C PHE B 183 -15.86 -24.49 -15.85
N LEU B 184 -14.83 -25.19 -15.38
CA LEU B 184 -15.07 -26.41 -14.62
C LEU B 184 -15.99 -26.13 -13.44
N GLN B 185 -15.78 -25.00 -12.77
CA GLN B 185 -16.60 -24.64 -11.62
C GLN B 185 -17.97 -24.12 -12.03
N THR B 186 -18.04 -23.28 -13.06
CA THR B 186 -19.33 -22.70 -13.45
C THR B 186 -20.22 -23.73 -14.13
N ALA B 187 -19.64 -24.60 -14.96
CA ALA B 187 -20.45 -25.62 -15.64
C ALA B 187 -21.00 -26.63 -14.64
N LEU B 188 -20.18 -27.05 -13.67
CA LEU B 188 -20.65 -27.98 -12.66
C LEU B 188 -21.86 -27.43 -11.90
N ARG B 189 -21.96 -26.12 -11.78
CA ARG B 189 -23.09 -25.46 -11.12
C ARG B 189 -24.26 -25.21 -12.06
N GLY B 190 -24.18 -25.65 -13.31
CA GLY B 190 -25.25 -25.40 -14.25
C GLY B 190 -25.29 -24.00 -14.82
N TRP B 191 -24.23 -23.22 -14.66
CA TRP B 191 -24.19 -21.87 -15.20
C TRP B 191 -23.76 -21.89 -16.67
N ALA B 192 -24.17 -20.85 -17.39
CA ALA B 192 -23.83 -20.70 -18.79
C ALA B 192 -23.04 -19.42 -19.01
N VAL B 193 -22.24 -19.40 -20.07
CA VAL B 193 -21.50 -18.22 -20.50
C VAL B 193 -21.98 -17.86 -21.90
N GLN B 194 -22.40 -16.62 -22.07
CA GLN B 194 -22.93 -16.14 -23.34
C GLN B 194 -21.81 -15.47 -24.13
N LEU B 195 -21.48 -16.03 -25.29
CA LEU B 195 -20.40 -15.53 -26.12
C LEU B 195 -20.91 -14.37 -26.96
N LEU B 196 -20.52 -13.15 -26.61
CA LEU B 196 -21.09 -11.94 -27.20
C LEU B 196 -20.48 -11.66 -28.57
N ASP B 197 -21.17 -10.82 -29.32
CA ASP B 197 -20.71 -10.34 -30.63
C ASP B 197 -19.90 -9.06 -30.49
N LEU B 198 -18.95 -9.07 -29.56
CA LEU B 198 -18.00 -7.98 -29.36
C LEU B 198 -16.60 -8.56 -29.34
N THR B 199 -15.63 -7.76 -29.75
CA THR B 199 -14.25 -8.21 -29.85
C THR B 199 -13.30 -7.16 -29.26
N PHE B 200 -12.48 -7.59 -28.31
CA PHE B 200 -11.38 -6.77 -27.83
C PHE B 200 -10.17 -6.93 -28.76
N ALA B 201 -9.41 -5.86 -28.90
CA ALA B 201 -8.23 -5.90 -29.75
C ALA B 201 -7.07 -6.60 -29.03
N ALA B 202 -6.13 -7.09 -29.82
CA ALA B 202 -4.92 -7.66 -29.26
C ALA B 202 -3.91 -6.57 -28.96
N ALA B 203 -2.94 -6.90 -28.11
CA ALA B 203 -1.89 -5.95 -27.77
C ALA B 203 -1.10 -5.57 -29.01
N ARG B 204 -0.73 -4.28 -29.09
CA ARG B 204 0.07 -3.82 -30.22
C ARG B 204 1.42 -4.52 -30.25
N GLN B 205 2.05 -4.69 -29.09
CA GLN B 205 3.27 -5.46 -28.96
C GLN B 205 2.95 -6.71 -28.14
N PRO B 206 2.46 -7.76 -28.78
CA PRO B 206 1.93 -8.91 -28.04
C PRO B 206 3.03 -9.65 -27.29
N PRO B 207 2.69 -10.35 -26.22
CA PRO B 207 3.70 -11.10 -25.46
C PRO B 207 4.07 -12.39 -26.17
N LEU B 208 5.18 -12.98 -25.71
CA LEU B 208 5.70 -14.24 -26.25
C LEU B 208 5.93 -14.13 -27.75
N ALA B 209 6.73 -13.13 -28.13
CA ALA B 209 6.95 -12.82 -29.53
C ALA B 209 7.88 -13.80 -30.22
N THR B 210 8.77 -14.46 -29.49
CA THR B 210 9.71 -15.41 -30.08
C THR B 210 9.24 -16.84 -29.87
N ALA B 211 9.71 -17.73 -30.75
CA ALA B 211 9.34 -19.13 -30.65
C ALA B 211 9.87 -19.76 -29.37
N HIS B 212 11.04 -19.33 -28.89
CA HIS B 212 11.57 -19.84 -27.64
C HIS B 212 10.72 -19.38 -26.46
N ALA B 213 10.40 -18.09 -26.40
CA ALA B 213 9.56 -17.58 -25.32
C ALA B 213 8.20 -18.26 -25.33
N ARG B 214 7.59 -18.40 -26.50
CA ARG B 214 6.37 -19.16 -26.61
C ARG B 214 6.55 -20.56 -26.04
N TRP B 215 7.65 -21.22 -26.42
CA TRP B 215 7.83 -22.63 -26.08
C TRP B 215 7.88 -22.84 -24.57
N LYS B 216 8.63 -22.00 -23.85
CA LYS B 216 8.68 -22.18 -22.41
C LYS B 216 7.36 -21.81 -21.75
N ALA B 217 6.57 -20.94 -22.38
CA ALA B 217 5.27 -20.59 -21.83
C ALA B 217 4.28 -21.74 -21.96
N GLU B 218 4.23 -22.38 -23.13
CA GLU B 218 3.35 -23.53 -23.31
C GLU B 218 3.67 -24.65 -22.35
N ARG B 219 4.95 -24.78 -21.97
CA ARG B 219 5.37 -25.84 -21.07
C ARG B 219 4.87 -25.60 -19.65
N GLU B 220 5.11 -24.40 -19.12
CA GLU B 220 4.72 -24.12 -17.75
C GLU B 220 3.22 -24.01 -17.60
N GLY B 221 2.51 -23.62 -18.66
CA GLY B 221 1.06 -23.72 -18.66
C GLY B 221 0.60 -25.17 -18.60
N ARG B 222 1.21 -26.04 -19.41
CA ARG B 222 0.89 -27.45 -19.34
C ARG B 222 1.12 -28.02 -17.95
N ALA B 223 2.24 -27.64 -17.32
CA ALA B 223 2.50 -28.09 -15.96
C ALA B 223 1.45 -27.53 -14.98
N ARG B 224 1.05 -26.27 -15.17
CA ARG B 224 0.03 -25.69 -14.29
C ARG B 224 -1.31 -26.36 -14.50
N ARG B 225 -1.70 -26.61 -15.75
CA ARG B 225 -2.95 -27.31 -16.02
C ARG B 225 -2.96 -28.69 -15.36
N ALA B 226 -1.85 -29.43 -15.49
CA ALA B 226 -1.80 -30.76 -14.89
C ALA B 226 -1.94 -30.71 -13.38
N ALA B 227 -1.25 -29.75 -12.73
CA ALA B 227 -1.39 -29.59 -11.29
C ALA B 227 -2.81 -29.19 -10.91
N LEU B 228 -3.46 -28.37 -11.75
CA LEU B 228 -4.84 -27.97 -11.48
C LEU B 228 -5.78 -29.17 -11.49
N LEU B 229 -5.74 -29.97 -12.56
CA LEU B 229 -6.66 -31.09 -12.69
C LEU B 229 -6.42 -32.13 -11.60
N ARG B 230 -5.16 -32.37 -11.24
CA ARG B 230 -4.87 -33.27 -10.13
C ARG B 230 -5.38 -32.71 -8.80
N ALA B 231 -5.22 -31.40 -8.58
CA ALA B 231 -5.72 -30.80 -7.36
C ALA B 231 -7.24 -30.88 -7.26
N LEU B 232 -7.93 -30.78 -8.40
CA LEU B 232 -9.39 -30.78 -8.42
C LEU B 232 -9.98 -32.17 -8.66
N GLY B 233 -9.16 -33.20 -8.82
CA GLY B 233 -9.68 -34.53 -9.03
C GLY B 233 -10.29 -34.77 -10.39
N ILE B 234 -9.66 -34.25 -11.45
CA ILE B 234 -10.03 -34.57 -12.82
C ILE B 234 -8.93 -35.46 -13.38
N ARG B 235 -9.23 -36.75 -13.54
CA ARG B 235 -8.26 -37.68 -14.08
C ARG B 235 -8.27 -37.73 -15.59
N LEU B 236 -9.43 -37.50 -16.21
CA LEU B 236 -9.62 -37.73 -17.63
C LEU B 236 -10.35 -36.56 -18.25
N VAL B 237 -9.81 -36.03 -19.33
CA VAL B 237 -10.45 -35.00 -20.14
C VAL B 237 -10.64 -35.55 -21.54
N SER B 238 -11.87 -35.47 -22.05
CA SER B 238 -12.18 -35.95 -23.38
C SER B 238 -12.76 -34.82 -24.22
N TRP B 239 -12.68 -34.97 -25.55
CA TRP B 239 -13.15 -33.96 -26.48
C TRP B 239 -14.04 -34.62 -27.53
N GLU B 240 -14.69 -33.78 -28.35
CA GLU B 240 -15.69 -34.28 -29.29
C GLU B 240 -15.07 -35.22 -30.33
N GLY B 241 -13.84 -34.97 -30.75
CA GLY B 241 -13.18 -35.87 -31.68
C GLY B 241 -12.81 -37.23 -31.12
N GLY B 242 -13.02 -37.45 -29.83
CA GLY B 242 -12.60 -38.67 -29.16
C GLY B 242 -11.24 -38.59 -28.51
N ARG B 243 -10.55 -37.47 -28.63
CA ARG B 243 -9.21 -37.33 -28.09
C ARG B 243 -9.24 -37.29 -26.58
N LEU B 244 -8.29 -37.97 -25.94
CA LEU B 244 -8.23 -38.10 -24.50
C LEU B 244 -6.91 -37.53 -23.98
N GLU B 245 -6.99 -36.82 -22.85
CA GLU B 245 -5.81 -36.44 -22.09
C GLU B 245 -5.94 -37.00 -20.67
N TRP B 246 -4.90 -37.70 -20.21
CA TRP B 246 -4.93 -38.35 -18.91
C TRP B 246 -4.12 -37.55 -17.90
N PHE B 247 -4.48 -37.70 -16.63
CA PHE B 247 -3.83 -36.94 -15.57
C PHE B 247 -3.77 -37.77 -14.29
N GLY B 248 -3.57 -39.08 -14.44
CA GLY B 248 -3.48 -39.95 -13.29
C GLY B 248 -2.44 -41.04 -13.39
N CYS B 249 -2.90 -42.29 -13.34
CA CYS B 249 -2.06 -43.48 -13.38
C CYS B 249 -1.38 -43.66 -14.73
N ASN B 250 -0.28 -44.40 -14.71
CA ASN B 250 0.25 -45.05 -15.91
C ASN B 250 1.25 -46.11 -15.46
N LYS B 251 1.82 -46.81 -16.44
CA LYS B 251 2.76 -47.89 -16.16
C LYS B 251 3.99 -47.41 -15.40
N GLU B 252 4.34 -46.13 -15.52
CA GLU B 252 5.58 -45.61 -14.95
C GLU B 252 5.39 -44.96 -13.58
N THR B 253 4.17 -44.89 -13.07
CA THR B 253 3.92 -44.24 -11.79
C THR B 253 3.34 -45.22 -10.78
N THR B 254 2.97 -44.68 -9.62
CA THR B 254 2.25 -45.36 -8.57
C THR B 254 0.75 -45.35 -8.88
N ARG B 255 0.01 -46.31 -8.32
CA ARG B 255 -1.44 -46.25 -8.43
C ARG B 255 -1.98 -45.07 -7.61
N CYS B 256 -3.23 -44.69 -7.91
CA CYS B 256 -3.72 -43.40 -7.41
C CYS B 256 -4.04 -43.44 -5.91
N PHE B 257 -4.42 -44.59 -5.34
CA PHE B 257 -5.10 -44.56 -4.06
C PHE B 257 -4.38 -45.20 -2.88
N GLY B 258 -3.42 -46.09 -3.09
CA GLY B 258 -2.69 -46.66 -1.98
C GLY B 258 -3.47 -47.73 -1.22
N THR B 259 -2.88 -48.20 -0.12
CA THR B 259 -3.33 -49.44 0.51
C THR B 259 -4.73 -49.28 1.12
N VAL B 260 -5.55 -50.30 0.91
CA VAL B 260 -6.96 -50.28 1.25
C VAL B 260 -7.16 -50.97 2.60
N VAL B 261 -7.81 -50.26 3.53
CA VAL B 261 -8.23 -50.85 4.79
C VAL B 261 -9.74 -51.02 4.74
N GLY B 262 -10.22 -52.07 5.42
CA GLY B 262 -11.65 -52.33 5.51
C GLY B 262 -12.33 -52.61 4.19
N ASP B 263 -11.58 -53.07 3.18
CA ASP B 263 -12.10 -53.36 1.85
C ASP B 263 -12.78 -52.15 1.21
N THR B 264 -12.54 -50.95 1.73
CA THR B 264 -13.17 -49.73 1.24
C THR B 264 -12.08 -48.72 0.91
N PRO B 265 -11.75 -48.55 -0.37
CA PRO B 265 -10.66 -47.64 -0.73
C PRO B 265 -11.00 -46.19 -0.41
N ALA B 266 -9.94 -45.37 -0.34
CA ALA B 266 -10.08 -44.00 0.12
C ALA B 266 -11.04 -43.19 -0.74
N TYR B 267 -11.10 -43.45 -2.04
CA TYR B 267 -11.92 -42.62 -2.92
C TYR B 267 -13.41 -42.78 -2.65
N LEU B 268 -13.83 -43.92 -2.10
CA LEU B 268 -15.25 -44.12 -1.79
C LEU B 268 -15.73 -43.14 -0.73
N TYR B 269 -14.92 -42.90 0.30
CA TYR B 269 -15.29 -41.93 1.32
C TYR B 269 -15.32 -40.51 0.78
N GLU B 270 -14.58 -40.24 -0.29
CA GLU B 270 -14.68 -38.97 -1.00
C GLU B 270 -15.85 -38.96 -1.97
N GLU B 271 -16.74 -39.96 -1.86
CA GLU B 271 -17.94 -40.07 -2.69
C GLU B 271 -17.57 -40.07 -4.18
N ARG B 272 -16.46 -40.72 -4.50
CA ARG B 272 -16.02 -40.91 -5.87
C ARG B 272 -15.81 -42.40 -6.11
N TRP B 273 -15.84 -42.78 -7.37
CA TRP B 273 -15.63 -44.17 -7.75
C TRP B 273 -14.16 -44.36 -8.15
N THR B 274 -13.84 -45.52 -8.69
CA THR B 274 -12.46 -45.83 -9.04
C THR B 274 -11.98 -44.89 -10.14
N PRO B 275 -10.81 -44.29 -10.01
CA PRO B 275 -10.30 -43.39 -11.05
C PRO B 275 -10.22 -44.09 -12.40
N PRO B 276 -10.59 -43.40 -13.48
CA PRO B 276 -10.65 -44.06 -14.79
C PRO B 276 -9.32 -44.59 -15.26
N CYS B 277 -8.20 -44.03 -14.80
CA CYS B 277 -6.88 -44.52 -15.17
C CYS B 277 -6.57 -45.85 -14.48
N CYS B 278 -6.98 -45.99 -13.21
CA CYS B 278 -6.79 -47.25 -12.51
C CYS B 278 -7.62 -48.36 -13.16
N LEU B 279 -8.84 -48.03 -13.60
CA LEU B 279 -9.66 -49.02 -14.28
C LEU B 279 -9.02 -49.44 -15.61
N ARG B 280 -8.44 -48.49 -16.34
CA ARG B 280 -7.78 -48.83 -17.60
C ARG B 280 -6.61 -49.77 -17.37
N ALA B 281 -5.76 -49.46 -16.38
CA ALA B 281 -4.66 -50.36 -16.05
C ALA B 281 -5.18 -51.74 -15.64
N LEU B 282 -6.28 -51.78 -14.89
CA LEU B 282 -6.84 -53.06 -14.48
C LEU B 282 -7.36 -53.87 -15.67
N ARG B 283 -7.97 -53.18 -16.64
CA ARG B 283 -8.49 -53.89 -17.80
C ARG B 283 -7.37 -54.38 -18.71
N GLU B 284 -6.33 -53.57 -18.90
CA GLU B 284 -5.22 -54.03 -19.73
C GLU B 284 -4.41 -55.12 -19.04
N THR B 285 -4.37 -55.11 -17.70
CA THR B 285 -3.73 -56.21 -16.99
C THR B 285 -4.57 -57.48 -17.08
N ALA B 286 -5.89 -57.36 -16.93
CA ALA B 286 -6.76 -58.52 -17.09
C ALA B 286 -6.65 -59.10 -18.50
N ARG B 287 -6.65 -58.23 -19.52
CA ARG B 287 -6.51 -58.67 -20.90
C ARG B 287 -5.19 -59.41 -21.10
N TYR B 288 -4.10 -58.86 -20.57
CA TYR B 288 -2.79 -59.48 -20.76
C TYR B 288 -2.71 -60.82 -20.03
N VAL B 289 -3.10 -60.85 -18.76
CA VAL B 289 -2.99 -62.07 -17.96
C VAL B 289 -3.79 -63.21 -18.58
N VAL B 290 -5.02 -62.91 -19.02
CA VAL B 290 -5.83 -63.93 -19.68
C VAL B 290 -5.14 -64.42 -20.94
N GLY B 291 -4.52 -63.51 -21.70
CA GLY B 291 -3.79 -63.93 -22.89
C GLY B 291 -2.62 -64.84 -22.55
N VAL B 292 -1.95 -64.58 -21.43
CA VAL B 292 -0.82 -65.43 -21.03
C VAL B 292 -1.32 -66.80 -20.61
N LEU B 293 -2.37 -66.84 -19.79
CA LEU B 293 -2.86 -68.12 -19.27
C LEU B 293 -3.44 -68.98 -20.38
N GLU B 294 -4.15 -68.36 -21.33
CA GLU B 294 -4.71 -69.11 -22.45
C GLU B 294 -3.60 -69.71 -23.31
N ALA B 295 -2.56 -68.92 -23.61
CA ALA B 295 -1.45 -69.43 -24.41
C ALA B 295 -0.66 -70.50 -23.66
N ALA B 296 -0.56 -70.38 -22.33
CA ALA B 296 0.17 -71.37 -21.55
C ALA B 296 -0.64 -72.65 -21.33
N GLY B 297 -1.95 -72.60 -21.49
CA GLY B 297 -2.78 -73.77 -21.27
C GLY B 297 -3.20 -73.92 -19.82
N VAL B 298 -3.53 -72.79 -19.19
CA VAL B 298 -4.02 -72.77 -17.82
C VAL B 298 -5.51 -72.48 -17.86
N ARG B 299 -6.31 -73.37 -17.28
CA ARG B 299 -7.75 -73.16 -17.22
C ARG B 299 -8.07 -72.09 -16.18
N TYR B 300 -8.78 -71.05 -16.60
CA TYR B 300 -9.15 -69.95 -15.73
C TYR B 300 -10.63 -69.64 -15.88
N TRP B 301 -11.18 -68.97 -14.87
CA TRP B 301 -12.54 -68.45 -14.95
C TRP B 301 -12.62 -67.15 -14.16
N LEU B 302 -13.47 -66.23 -14.64
CA LEU B 302 -13.77 -65.02 -13.90
C LEU B 302 -14.31 -65.39 -12.53
N GLU B 303 -13.79 -64.73 -11.49
CA GLU B 303 -14.17 -65.03 -10.12
C GLU B 303 -14.71 -63.78 -9.43
N GLY B 304 -15.38 -64.01 -8.30
CA GLY B 304 -15.85 -62.97 -7.40
C GLY B 304 -16.45 -61.74 -8.03
N GLY B 305 -15.93 -60.57 -7.66
CA GLY B 305 -16.45 -59.31 -8.17
C GLY B 305 -16.21 -59.11 -9.65
N SER B 306 -15.19 -59.75 -10.22
CA SER B 306 -14.96 -59.65 -11.65
C SER B 306 -16.03 -60.39 -12.44
N LEU B 307 -16.44 -61.56 -11.97
CA LEU B 307 -17.55 -62.27 -12.60
C LEU B 307 -18.85 -61.48 -12.43
N LEU B 308 -19.08 -60.97 -11.22
CA LEU B 308 -20.28 -60.19 -10.94
C LEU B 308 -20.39 -59.00 -11.90
N GLY B 309 -19.30 -58.26 -12.06
CA GLY B 309 -19.32 -57.14 -12.99
C GLY B 309 -19.52 -57.57 -14.43
N ALA B 310 -18.90 -58.69 -14.83
CA ALA B 310 -19.13 -59.24 -16.15
C ALA B 310 -20.61 -59.56 -16.36
N ALA B 311 -21.25 -60.18 -15.38
CA ALA B 311 -22.65 -60.54 -15.51
C ALA B 311 -23.55 -59.30 -15.55
N ARG B 312 -23.18 -58.24 -14.85
CA ARG B 312 -24.02 -57.04 -14.81
C ARG B 312 -23.90 -56.23 -16.09
N HIS B 313 -22.68 -55.93 -16.51
CA HIS B 313 -22.48 -55.00 -17.62
C HIS B 313 -21.18 -55.26 -18.37
N GLY B 314 -20.63 -56.48 -18.28
CA GLY B 314 -19.44 -56.82 -19.04
C GLY B 314 -18.20 -56.04 -18.69
N ASP B 315 -18.06 -55.57 -17.45
CA ASP B 315 -16.92 -54.73 -17.12
C ASP B 315 -16.66 -54.79 -15.62
N ILE B 316 -15.50 -54.24 -15.23
CA ILE B 316 -15.19 -54.09 -13.82
C ILE B 316 -16.26 -53.23 -13.15
N ILE B 317 -16.68 -53.65 -11.96
CA ILE B 317 -17.59 -52.86 -11.13
C ILE B 317 -16.95 -51.50 -10.90
N PRO B 318 -17.66 -50.40 -11.18
CA PRO B 318 -16.99 -49.10 -11.30
C PRO B 318 -16.32 -48.59 -10.03
N TRP B 319 -16.60 -49.17 -8.86
CA TRP B 319 -15.89 -48.81 -7.65
C TRP B 319 -14.91 -49.89 -7.19
N ASP B 320 -14.73 -50.95 -7.98
CA ASP B 320 -13.78 -52.00 -7.65
C ASP B 320 -12.36 -51.57 -8.01
N TYR B 321 -11.39 -52.26 -7.40
CA TYR B 321 -9.99 -51.87 -7.54
C TYR B 321 -9.05 -53.04 -7.83
N ASP B 322 -9.55 -54.24 -8.09
CA ASP B 322 -8.72 -55.35 -8.53
C ASP B 322 -9.54 -56.26 -9.43
N VAL B 323 -8.90 -57.34 -9.90
CA VAL B 323 -9.54 -58.34 -10.74
C VAL B 323 -9.22 -59.72 -10.17
N ASP B 324 -10.22 -60.61 -10.14
CA ASP B 324 -10.10 -61.92 -9.55
C ASP B 324 -10.36 -62.99 -10.60
N LEU B 325 -9.42 -63.93 -10.70
CA LEU B 325 -9.56 -65.09 -11.58
C LEU B 325 -9.27 -66.36 -10.79
N GLY B 326 -10.04 -67.40 -11.06
CA GLY B 326 -9.76 -68.72 -10.53
C GLY B 326 -9.05 -69.55 -11.58
N ILE B 327 -8.08 -70.36 -11.13
CA ILE B 327 -7.38 -71.28 -12.02
C ILE B 327 -7.29 -72.64 -11.35
N TYR B 328 -7.27 -73.69 -12.17
CA TYR B 328 -6.95 -75.02 -11.65
C TYR B 328 -5.51 -75.03 -11.16
N LEU B 329 -5.31 -75.49 -9.93
CA LEU B 329 -3.96 -75.52 -9.38
C LEU B 329 -3.07 -76.49 -10.14
N GLU B 330 -3.64 -77.62 -10.58
CA GLU B 330 -2.85 -78.58 -11.35
C GLU B 330 -2.28 -77.98 -12.62
N ASP B 331 -2.70 -76.77 -12.99
CA ASP B 331 -2.26 -76.11 -14.21
C ASP B 331 -1.15 -75.09 -14.00
N VAL B 332 -0.83 -74.71 -12.75
CA VAL B 332 0.12 -73.62 -12.53
C VAL B 332 1.45 -73.92 -13.22
N GLY B 333 1.85 -75.20 -13.26
CA GLY B 333 3.11 -75.57 -13.85
C GLY B 333 3.16 -75.40 -15.36
N ASN B 334 2.04 -75.11 -16.01
CA ASN B 334 2.05 -74.91 -17.45
C ASN B 334 2.51 -73.50 -17.83
N CYS B 335 2.51 -72.56 -16.90
CA CYS B 335 2.82 -71.16 -17.18
C CYS B 335 4.19 -70.81 -16.61
N GLU B 336 5.05 -70.26 -17.46
CA GLU B 336 6.41 -69.92 -17.04
C GLU B 336 6.41 -68.89 -15.91
N GLN B 337 5.61 -67.82 -16.06
CA GLN B 337 5.56 -66.79 -15.03
C GLN B 337 5.10 -67.35 -13.70
N LEU B 338 4.09 -68.22 -13.72
CA LEU B 338 3.62 -68.83 -12.47
C LEU B 338 4.68 -69.74 -11.87
N ARG B 339 5.44 -70.44 -12.72
CA ARG B 339 6.52 -71.29 -12.22
C ARG B 339 7.59 -70.46 -11.54
N GLY B 340 8.00 -69.36 -12.17
CA GLY B 340 8.99 -68.49 -11.55
C GLY B 340 8.47 -67.80 -10.30
N ALA B 341 7.16 -67.53 -10.25
CA ALA B 341 6.61 -66.74 -9.15
C ALA B 341 6.75 -67.44 -7.81
N GLU B 342 6.76 -68.78 -7.80
CA GLU B 342 6.92 -69.49 -6.54
C GLU B 342 8.35 -69.40 -6.03
N ALA B 343 9.32 -69.21 -6.92
CA ALA B 343 10.69 -68.93 -6.49
C ALA B 343 10.83 -67.50 -6.01
N GLY B 344 10.08 -66.57 -6.59
CA GLY B 344 10.15 -65.18 -6.18
C GLY B 344 9.42 -64.29 -7.17
N SER B 345 9.53 -62.99 -6.91
CA SER B 345 8.87 -62.00 -7.75
C SER B 345 9.51 -61.97 -9.14
N VAL B 346 8.68 -62.10 -10.17
CA VAL B 346 9.13 -62.19 -11.55
C VAL B 346 8.60 -61.00 -12.32
N VAL B 347 9.50 -60.30 -13.03
CA VAL B 347 9.15 -59.24 -13.96
C VAL B 347 9.30 -59.80 -15.37
N ASP B 348 8.23 -59.77 -16.16
CA ASP B 348 8.20 -60.52 -17.40
C ASP B 348 8.44 -59.64 -18.62
N GLU B 349 8.15 -60.18 -19.80
CA GLU B 349 8.48 -59.57 -21.08
C GLU B 349 7.80 -58.22 -21.29
N ARG B 350 6.73 -57.94 -20.55
CA ARG B 350 5.96 -56.71 -20.76
C ARG B 350 5.93 -55.83 -19.52
N GLY B 351 6.78 -56.09 -18.53
CA GLY B 351 6.85 -55.28 -17.33
C GLY B 351 5.90 -55.69 -16.22
N PHE B 352 5.02 -56.65 -16.47
CA PHE B 352 4.13 -57.14 -15.43
C PHE B 352 4.92 -57.94 -14.39
N VAL B 353 4.45 -57.88 -13.14
CA VAL B 353 5.13 -58.53 -12.02
C VAL B 353 4.24 -59.65 -11.51
N TRP B 354 4.77 -60.87 -11.49
CA TRP B 354 4.06 -62.05 -11.01
C TRP B 354 4.69 -62.50 -9.70
N GLU B 355 3.86 -62.75 -8.68
CA GLU B 355 4.37 -63.14 -7.38
C GLU B 355 3.34 -63.96 -6.63
N LYS B 356 3.83 -64.92 -5.85
CA LYS B 356 2.98 -65.65 -4.92
C LYS B 356 2.78 -64.81 -3.67
N ALA B 357 1.52 -64.62 -3.28
CA ALA B 357 1.16 -63.54 -2.39
C ALA B 357 1.55 -63.83 -0.93
N VAL B 358 1.37 -62.81 -0.10
CA VAL B 358 1.79 -62.83 1.29
C VAL B 358 0.57 -63.09 2.19
N GLU B 359 -0.31 -63.99 1.76
CA GLU B 359 -1.53 -64.24 2.50
C GLU B 359 -2.01 -65.68 2.38
N GLY B 360 -2.84 -65.97 1.38
CA GLY B 360 -3.54 -67.24 1.34
C GLY B 360 -3.26 -68.12 0.13
N ASP B 361 -1.98 -68.30 -0.22
CA ASP B 361 -1.56 -69.26 -1.23
C ASP B 361 -2.23 -68.98 -2.58
N PHE B 362 -2.16 -67.74 -3.02
CA PHE B 362 -2.67 -67.34 -4.32
C PHE B 362 -1.61 -66.48 -5.02
N PHE B 363 -1.83 -66.24 -6.31
CA PHE B 363 -0.93 -65.47 -7.13
C PHE B 363 -1.50 -64.08 -7.40
N ARG B 364 -0.60 -63.16 -7.77
CA ARG B 364 -0.97 -61.77 -7.98
C ARG B 364 -0.09 -61.20 -9.08
N VAL B 365 -0.71 -60.51 -10.04
CA VAL B 365 -0.02 -59.97 -11.20
C VAL B 365 -0.19 -58.46 -11.20
N GLN B 366 0.91 -57.74 -10.96
CA GLN B 366 0.89 -56.28 -10.89
C GLN B 366 1.10 -55.65 -12.27
N TYR B 367 0.39 -54.55 -12.50
CA TYR B 367 0.51 -53.80 -13.76
C TYR B 367 1.97 -53.48 -14.08
N SER B 368 2.75 -53.08 -13.07
CA SER B 368 4.16 -52.76 -13.29
C SER B 368 4.89 -52.85 -11.94
N GLU B 369 6.19 -52.56 -12.00
CA GLU B 369 7.00 -52.48 -10.78
C GLU B 369 6.50 -51.37 -9.86
N SER B 370 6.03 -50.26 -10.42
CA SER B 370 5.63 -49.10 -9.64
C SER B 370 4.13 -49.00 -9.43
N ASN B 371 3.33 -49.57 -10.33
CA ASN B 371 1.88 -49.43 -10.30
C ASN B 371 1.27 -50.75 -9.84
N HIS B 372 0.83 -50.80 -8.59
CA HIS B 372 0.39 -52.04 -7.97
C HIS B 372 -1.11 -52.27 -8.09
N LEU B 373 -1.65 -52.03 -9.29
CA LEU B 373 -2.97 -52.54 -9.63
C LEU B 373 -2.79 -53.95 -10.16
N HIS B 374 -3.61 -54.88 -9.68
CA HIS B 374 -3.26 -56.28 -9.88
C HIS B 374 -4.48 -57.14 -10.18
N VAL B 375 -4.19 -58.26 -10.84
CA VAL B 375 -5.10 -59.38 -11.00
C VAL B 375 -4.69 -60.44 -9.98
N ASP B 376 -5.66 -60.97 -9.25
CA ASP B 376 -5.41 -62.05 -8.31
C ASP B 376 -5.84 -63.37 -8.93
N LEU B 377 -4.97 -64.36 -8.85
CA LEU B 377 -5.23 -65.69 -9.38
C LEU B 377 -5.41 -66.66 -8.20
N TRP B 378 -6.56 -67.30 -8.13
CA TRP B 378 -6.88 -68.17 -7.00
C TRP B 378 -6.84 -69.62 -7.45
N PRO B 379 -5.84 -70.41 -7.02
CA PRO B 379 -5.76 -71.82 -7.43
C PRO B 379 -6.79 -72.66 -6.69
N PHE B 380 -7.55 -73.45 -7.45
CA PHE B 380 -8.50 -74.42 -6.92
C PHE B 380 -8.13 -75.80 -7.44
N TYR B 381 -8.48 -76.83 -6.67
CA TYR B 381 -8.36 -78.21 -7.13
C TYR B 381 -9.63 -78.97 -6.78
N PRO B 382 -9.98 -80.00 -7.56
CA PRO B 382 -11.19 -80.77 -7.26
C PRO B 382 -10.97 -81.88 -6.24
N ARG B 383 -11.77 -81.88 -5.17
CA ARG B 383 -11.70 -82.92 -4.15
C ARG B 383 -12.54 -84.13 -4.53
N ASN B 384 -13.86 -83.92 -4.66
CA ASN B 384 -14.79 -84.97 -5.05
C ASN B 384 -15.91 -84.31 -5.87
N GLY B 385 -15.53 -83.78 -7.03
CA GLY B 385 -16.42 -82.93 -7.77
C GLY B 385 -16.69 -81.59 -7.11
N VAL B 386 -15.88 -81.23 -6.12
CA VAL B 386 -16.03 -79.98 -5.37
C VAL B 386 -14.70 -79.25 -5.44
N MET B 387 -14.71 -78.04 -6.00
CA MET B 387 -13.49 -77.24 -6.06
C MET B 387 -13.23 -76.59 -4.71
N THR B 388 -11.97 -76.62 -4.28
CA THR B 388 -11.62 -76.16 -2.95
C THR B 388 -10.17 -75.71 -2.91
N LYS B 389 -9.82 -75.02 -1.84
CA LYS B 389 -8.45 -74.62 -1.52
C LYS B 389 -8.17 -75.00 -0.07
N ASP B 390 -6.92 -74.79 0.35
CA ASP B 390 -6.54 -75.10 1.72
C ASP B 390 -6.46 -73.88 2.62
N THR B 391 -6.15 -72.71 2.07
CA THR B 391 -6.16 -71.45 2.81
C THR B 391 -7.27 -70.56 2.27
N TRP B 392 -7.99 -69.91 3.19
CA TRP B 392 -9.13 -69.08 2.82
C TRP B 392 -9.06 -67.73 3.50
N LEU B 393 -9.20 -66.67 2.72
CA LEU B 393 -9.45 -65.35 3.27
C LEU B 393 -10.84 -65.29 3.88
N ASP B 394 -11.04 -64.37 4.82
CA ASP B 394 -12.29 -64.27 5.55
C ASP B 394 -13.22 -63.27 4.88
N HIS B 395 -13.71 -63.66 3.71
CA HIS B 395 -14.77 -62.95 3.02
C HIS B 395 -15.91 -63.92 2.74
N ARG B 396 -17.14 -63.40 2.67
CA ARG B 396 -18.28 -64.23 2.32
C ARG B 396 -18.20 -64.75 0.89
N GLN B 397 -17.31 -64.18 0.08
CA GLN B 397 -17.16 -64.59 -1.31
C GLN B 397 -16.19 -65.76 -1.50
N ASP B 398 -15.43 -66.12 -0.47
CA ASP B 398 -14.43 -67.19 -0.57
C ASP B 398 -15.06 -68.48 -0.02
N VAL B 399 -15.57 -69.32 -0.92
CA VAL B 399 -16.27 -70.55 -0.55
C VAL B 399 -15.93 -71.65 -1.54
N GLU B 400 -16.15 -72.89 -1.10
CA GLU B 400 -16.15 -74.03 -2.01
C GLU B 400 -17.32 -73.93 -2.98
N PHE B 401 -17.23 -74.65 -4.08
CA PHE B 401 -18.31 -74.67 -5.06
C PHE B 401 -18.19 -75.94 -5.89
N PRO B 402 -19.28 -76.39 -6.53
CA PRO B 402 -19.24 -77.65 -7.27
C PRO B 402 -18.49 -77.51 -8.60
N GLU B 403 -17.70 -78.54 -8.91
CA GLU B 403 -16.87 -78.50 -10.11
C GLU B 403 -17.70 -78.46 -11.39
N HIS B 404 -18.95 -78.92 -11.35
CA HIS B 404 -19.77 -78.91 -12.56
C HIS B 404 -19.98 -77.50 -13.10
N PHE B 405 -19.84 -76.48 -12.25
CA PHE B 405 -19.90 -75.10 -12.74
C PHE B 405 -18.75 -74.78 -13.69
N LEU B 406 -17.69 -75.56 -13.67
CA LEU B 406 -16.53 -75.37 -14.52
C LEU B 406 -16.49 -76.32 -15.71
N GLN B 407 -17.53 -77.14 -15.89
CA GLN B 407 -17.58 -78.13 -16.97
C GLN B 407 -18.91 -77.98 -17.70
N PRO B 408 -18.94 -77.22 -18.81
CA PRO B 408 -17.83 -76.45 -19.36
C PRO B 408 -17.88 -74.97 -18.96
N LEU B 409 -16.82 -74.24 -19.26
CA LEU B 409 -16.83 -72.79 -19.13
C LEU B 409 -17.54 -72.18 -20.34
N VAL B 410 -18.06 -70.97 -20.14
CA VAL B 410 -18.82 -70.29 -21.19
C VAL B 410 -18.22 -68.92 -21.46
N PRO B 411 -18.29 -68.42 -22.69
CA PRO B 411 -17.73 -67.09 -22.98
C PRO B 411 -18.61 -65.99 -22.42
N LEU B 412 -17.97 -64.92 -21.98
CA LEU B 412 -18.65 -63.78 -21.38
C LEU B 412 -17.80 -62.53 -21.58
N PRO B 413 -18.35 -61.49 -22.20
CA PRO B 413 -17.57 -60.25 -22.38
C PRO B 413 -17.21 -59.62 -21.05
N PHE B 414 -15.95 -59.19 -20.95
CA PHE B 414 -15.43 -58.57 -19.74
C PHE B 414 -14.25 -57.68 -20.10
N ALA B 415 -14.33 -56.39 -19.74
CA ALA B 415 -13.22 -55.46 -19.87
C ALA B 415 -12.76 -55.29 -21.32
N GLY B 416 -13.70 -55.36 -22.27
CA GLY B 416 -13.39 -55.17 -23.66
C GLY B 416 -13.00 -56.43 -24.43
N PHE B 417 -12.91 -57.58 -23.77
CA PHE B 417 -12.59 -58.84 -24.43
C PHE B 417 -13.53 -59.91 -23.93
N VAL B 418 -13.43 -61.10 -24.54
CA VAL B 418 -14.25 -62.24 -24.15
C VAL B 418 -13.46 -63.06 -23.14
N ALA B 419 -14.04 -63.24 -21.96
CA ALA B 419 -13.43 -64.01 -20.89
C ALA B 419 -14.21 -65.29 -20.66
N GLN B 420 -13.56 -66.25 -20.01
CA GLN B 420 -14.19 -67.50 -19.64
C GLN B 420 -14.84 -67.35 -18.28
N ALA B 421 -16.07 -67.81 -18.16
CA ALA B 421 -16.86 -67.74 -16.95
C ALA B 421 -17.44 -69.10 -16.65
N PRO B 422 -17.79 -69.38 -15.40
CA PRO B 422 -18.52 -70.61 -15.09
C PRO B 422 -19.84 -70.62 -15.85
N ASN B 423 -20.28 -71.83 -16.22
CA ASN B 423 -21.63 -71.94 -16.74
C ASN B 423 -22.63 -71.72 -15.62
N ASN B 424 -23.85 -71.33 -16.00
CA ASN B 424 -24.87 -70.93 -15.04
C ASN B 424 -24.32 -69.94 -14.03
N TYR B 425 -23.63 -68.90 -14.54
CA TYR B 425 -22.94 -68.00 -13.64
C TYR B 425 -23.88 -67.22 -12.73
N ARG B 426 -25.16 -67.09 -13.12
CA ARG B 426 -26.13 -66.46 -12.23
C ARG B 426 -26.27 -67.26 -10.94
N ARG B 427 -26.51 -68.57 -11.05
CA ARG B 427 -26.57 -69.42 -9.87
C ARG B 427 -25.24 -69.43 -9.14
N PHE B 428 -24.13 -69.50 -9.90
CA PHE B 428 -22.80 -69.44 -9.30
C PHE B 428 -22.63 -68.18 -8.46
N LEU B 429 -23.05 -67.03 -9.00
CA LEU B 429 -22.89 -65.77 -8.28
C LEU B 429 -23.78 -65.70 -7.05
N GLU B 430 -25.00 -66.23 -7.16
CA GLU B 430 -25.90 -66.20 -6.01
C GLU B 430 -25.46 -67.17 -4.93
N LEU B 431 -24.86 -68.31 -5.32
CA LEU B 431 -24.26 -69.18 -4.30
C LEU B 431 -23.15 -68.47 -3.56
N LYS B 432 -22.31 -67.70 -4.26
CA LYS B 432 -21.19 -67.03 -3.60
C LYS B 432 -21.58 -65.72 -2.94
N PHE B 433 -22.67 -65.07 -3.37
CA PHE B 433 -23.02 -63.76 -2.85
C PHE B 433 -24.42 -63.65 -2.26
N GLY B 434 -25.29 -64.63 -2.46
CA GLY B 434 -26.65 -64.55 -1.98
C GLY B 434 -27.62 -64.17 -3.08
N PRO B 435 -28.91 -64.45 -2.89
CA PRO B 435 -29.88 -64.28 -3.96
C PRO B 435 -30.03 -62.82 -4.37
N GLY B 436 -30.12 -62.60 -5.69
CA GLY B 436 -30.35 -61.29 -6.24
C GLY B 436 -29.14 -60.39 -6.33
N VAL B 437 -27.93 -60.93 -6.18
CA VAL B 437 -26.73 -60.09 -6.11
C VAL B 437 -26.52 -59.33 -7.41
N ILE B 438 -26.85 -59.95 -8.55
CA ILE B 438 -26.66 -59.30 -9.84
C ILE B 438 -27.50 -58.03 -9.92
N GLU B 439 -28.70 -58.07 -9.34
CA GLU B 439 -29.67 -57.00 -9.45
C GLU B 439 -29.55 -55.93 -8.35
N ASN B 440 -28.66 -56.11 -7.38
CA ASN B 440 -28.56 -55.20 -6.23
C ASN B 440 -27.11 -54.82 -5.96
N PRO B 441 -26.60 -53.82 -6.67
CA PRO B 441 -25.21 -53.39 -6.45
C PRO B 441 -25.07 -52.68 -5.11
N GLN B 442 -23.96 -52.97 -4.43
CA GLN B 442 -23.66 -52.35 -3.14
C GLN B 442 -22.15 -52.30 -2.98
N TYR B 443 -21.70 -51.44 -2.08
CA TYR B 443 -20.28 -51.25 -1.86
C TYR B 443 -19.66 -52.50 -1.26
N PRO B 444 -18.33 -52.65 -1.37
CA PRO B 444 -17.69 -53.88 -0.87
C PRO B 444 -17.95 -54.18 0.60
N ASN B 445 -18.34 -53.17 1.38
CA ASN B 445 -18.67 -53.37 2.79
C ASN B 445 -19.60 -52.23 3.19
N PRO B 446 -20.91 -52.48 3.24
CA PRO B 446 -21.86 -51.42 3.61
C PRO B 446 -22.00 -51.21 5.11
N ALA B 447 -21.36 -52.03 5.94
CA ALA B 447 -21.31 -51.74 7.37
C ALA B 447 -20.47 -50.50 7.65
N LEU B 448 -19.56 -50.15 6.74
CA LEU B 448 -18.78 -48.93 6.81
C LEU B 448 -19.35 -47.82 5.93
N LEU B 449 -19.59 -48.10 4.65
CA LEU B 449 -20.07 -47.11 3.70
C LEU B 449 -20.95 -47.79 2.66
N SER B 450 -22.13 -47.24 2.43
CA SER B 450 -23.07 -47.81 1.47
C SER B 450 -23.45 -46.83 0.36
N PRO C 7 1.90 21.53 -34.25
CA PRO C 7 2.28 22.11 -32.96
C PRO C 7 2.36 21.06 -31.85
N ARG C 8 3.55 20.84 -31.30
CA ARG C 8 3.79 19.79 -30.32
C ARG C 8 4.14 20.31 -28.93
N VAL C 9 4.41 21.59 -28.77
CA VAL C 9 4.78 22.18 -27.50
C VAL C 9 3.70 23.15 -27.07
N THR C 10 3.38 23.15 -25.78
CA THR C 10 2.51 24.15 -25.19
C THR C 10 3.32 25.00 -24.23
N VAL C 11 3.45 26.29 -24.54
CA VAL C 11 4.05 27.23 -23.61
C VAL C 11 3.14 27.36 -22.40
N LEU C 12 3.72 27.19 -21.21
CA LEU C 12 3.01 27.35 -19.95
C LEU C 12 3.76 28.37 -19.11
N VAL C 13 3.06 29.41 -18.67
CA VAL C 13 3.66 30.48 -17.88
C VAL C 13 3.07 30.42 -16.48
N ARG C 14 3.93 30.25 -15.49
CA ARG C 14 3.48 30.10 -14.10
C ARG C 14 4.19 31.07 -13.17
N GLU C 15 5.48 31.35 -13.43
CA GLU C 15 6.24 32.25 -12.56
C GLU C 15 6.14 33.66 -13.13
N PHE C 16 5.23 34.44 -12.55
CA PHE C 16 5.10 35.86 -12.84
C PHE C 16 4.35 36.50 -11.68
N GLU C 17 4.39 37.84 -11.63
CA GLU C 17 3.67 38.59 -10.61
C GLU C 17 2.60 39.44 -11.27
N ALA C 18 1.42 39.49 -10.63
CA ALA C 18 0.31 40.24 -11.21
C ALA C 18 0.60 41.74 -11.28
N PHE C 19 1.21 42.29 -10.24
CA PHE C 19 1.39 43.75 -10.17
C PHE C 19 2.46 44.26 -11.12
N ASP C 20 3.35 43.39 -11.60
CA ASP C 20 4.42 43.81 -12.50
C ASP C 20 4.88 42.58 -13.26
N ASN C 21 4.65 42.54 -14.57
CA ASN C 21 5.05 41.39 -15.36
C ASN C 21 5.22 41.80 -16.83
N ALA C 22 5.81 40.90 -17.60
CA ALA C 22 5.96 41.04 -19.04
C ALA C 22 5.30 39.87 -19.76
N VAL C 23 4.25 39.30 -19.15
CA VAL C 23 3.57 38.16 -19.77
C VAL C 23 2.91 38.53 -21.08
N PRO C 24 2.25 39.69 -21.24
CA PRO C 24 1.75 40.05 -22.58
C PRO C 24 2.82 40.06 -23.66
N GLU C 25 3.99 40.65 -23.38
CA GLU C 25 5.08 40.59 -24.34
C GLU C 25 5.49 39.16 -24.62
N LEU C 26 5.54 38.32 -23.57
CA LEU C 26 5.90 36.92 -23.73
C LEU C 26 4.95 36.22 -24.69
N VAL C 27 3.66 36.17 -24.34
CA VAL C 27 2.66 35.51 -25.18
C VAL C 27 2.73 36.03 -26.60
N ASP C 28 2.83 37.36 -26.75
CA ASP C 28 2.91 37.96 -28.07
C ASP C 28 4.12 37.44 -28.85
N SER C 29 5.27 37.33 -28.18
CA SER C 29 6.48 36.92 -28.88
C SER C 29 6.34 35.52 -29.48
N PHE C 30 5.69 34.61 -28.75
CA PHE C 30 5.49 33.26 -29.28
C PHE C 30 4.45 33.25 -30.39
N LEU C 31 3.45 34.12 -30.32
CA LEU C 31 2.44 34.20 -31.37
C LEU C 31 2.96 34.88 -32.61
N GLN C 32 3.93 35.79 -32.46
CA GLN C 32 4.53 36.44 -33.63
C GLN C 32 5.30 35.44 -34.49
N GLN C 33 5.79 34.36 -33.89
CA GLN C 33 6.49 33.31 -34.63
C GLN C 33 5.54 32.22 -35.14
N ASP C 34 4.47 31.95 -34.41
CA ASP C 34 3.41 31.05 -34.86
C ASP C 34 2.09 31.51 -34.27
N PRO C 35 1.18 32.02 -35.10
CA PRO C 35 -0.13 32.47 -34.57
C PRO C 35 -0.94 31.36 -33.92
N ALA C 36 -0.68 30.10 -34.28
CA ALA C 36 -1.41 28.97 -33.73
C ALA C 36 -0.76 28.35 -32.50
N GLN C 37 0.34 28.92 -32.04
CA GLN C 37 1.08 28.36 -30.90
C GLN C 37 0.18 28.23 -29.68
N PRO C 38 0.11 27.07 -29.04
CA PRO C 38 -0.67 26.93 -27.80
C PRO C 38 0.05 27.57 -26.63
N VAL C 39 -0.66 28.43 -25.91
CA VAL C 39 -0.10 29.14 -24.75
C VAL C 39 -1.09 29.06 -23.61
N VAL C 40 -0.61 28.69 -22.43
CA VAL C 40 -1.41 28.65 -21.22
C VAL C 40 -0.71 29.51 -20.16
N VAL C 41 -1.40 30.53 -19.67
CA VAL C 41 -0.98 31.27 -18.50
C VAL C 41 -1.73 30.71 -17.31
N ALA C 42 -1.00 30.20 -16.33
CA ALA C 42 -1.59 29.56 -15.16
C ALA C 42 -1.44 30.46 -13.95
N ALA C 43 -2.53 30.62 -13.19
CA ALA C 43 -2.52 31.45 -12.01
C ALA C 43 -3.46 30.84 -10.98
N ASP C 44 -3.24 31.18 -9.72
CA ASP C 44 -4.16 30.74 -8.68
C ASP C 44 -5.46 31.50 -8.74
N THR C 45 -5.40 32.82 -8.95
CA THR C 45 -6.58 33.65 -9.12
C THR C 45 -6.36 34.57 -10.30
N LEU C 46 -7.47 35.12 -10.81
CA LEU C 46 -7.45 36.02 -11.95
C LEU C 46 -6.44 37.14 -11.74
N PRO C 47 -5.42 37.27 -12.60
CA PRO C 47 -4.42 38.33 -12.42
C PRO C 47 -5.03 39.71 -12.63
N TYR C 48 -4.72 40.62 -11.70
CA TYR C 48 -5.11 42.02 -11.78
C TYR C 48 -3.85 42.85 -11.60
N PRO C 49 -3.60 43.87 -12.44
CA PRO C 49 -4.40 44.37 -13.57
C PRO C 49 -4.62 43.33 -14.66
N PRO C 50 -5.65 43.50 -15.49
CA PRO C 50 -5.94 42.48 -16.51
C PRO C 50 -4.74 42.24 -17.41
N LEU C 51 -4.49 40.97 -17.70
CA LEU C 51 -3.41 40.63 -18.61
C LEU C 51 -3.73 41.07 -20.03
N ALA C 52 -5.01 41.05 -20.41
CA ALA C 52 -5.46 41.42 -21.75
C ALA C 52 -4.74 40.59 -22.81
N LEU C 53 -4.74 39.27 -22.61
CA LEU C 53 -4.16 38.33 -23.55
C LEU C 53 -5.10 38.16 -24.75
N PRO C 54 -4.55 37.84 -25.92
CA PRO C 54 -5.39 37.72 -27.13
C PRO C 54 -6.51 36.72 -26.94
N ARG C 55 -7.71 37.11 -27.40
CA ARG C 55 -8.91 36.29 -27.26
C ARG C 55 -9.01 35.31 -28.42
N ILE C 56 -8.13 34.31 -28.38
CA ILE C 56 -8.09 33.27 -29.41
C ILE C 56 -8.13 31.91 -28.72
N PRO C 57 -8.56 30.87 -29.44
CA PRO C 57 -8.72 29.56 -28.79
C PRO C 57 -7.43 28.95 -28.26
N ASN C 58 -6.29 29.24 -28.86
CA ASN C 58 -5.05 28.58 -28.44
C ASN C 58 -4.37 29.27 -27.28
N VAL C 59 -4.84 30.44 -26.84
CA VAL C 59 -4.34 31.09 -25.63
C VAL C 59 -5.43 30.97 -24.57
N ARG C 60 -5.08 30.38 -23.42
CA ARG C 60 -6.04 30.12 -22.36
C ARG C 60 -5.45 30.56 -21.03
N LEU C 61 -6.31 31.12 -20.18
CA LEU C 61 -5.97 31.47 -18.81
C LEU C 61 -6.49 30.36 -17.89
N ALA C 62 -5.58 29.73 -17.16
CA ALA C 62 -5.91 28.59 -16.30
C ALA C 62 -5.88 29.04 -14.85
N LEU C 63 -7.06 29.10 -14.23
CA LEU C 63 -7.18 29.45 -12.82
C LEU C 63 -7.23 28.16 -12.02
N LEU C 64 -6.20 27.94 -11.20
CA LEU C 64 -5.99 26.66 -10.57
C LEU C 64 -6.64 26.54 -9.20
N GLN C 65 -7.21 27.61 -8.67
CA GLN C 65 -7.85 27.47 -7.37
C GLN C 65 -9.25 26.89 -7.53
N PRO C 66 -9.68 26.04 -6.60
CA PRO C 66 -11.06 25.54 -6.64
C PRO C 66 -12.06 26.68 -6.45
N ALA C 67 -13.16 26.60 -7.18
CA ALA C 67 -14.18 27.64 -7.16
C ALA C 67 -15.56 27.00 -7.08
N LEU C 68 -16.49 27.70 -6.45
CA LEU C 68 -17.81 27.15 -6.20
C LEU C 68 -18.57 26.87 -7.50
N ASP C 69 -18.25 27.60 -8.57
CA ASP C 69 -19.06 27.58 -9.79
C ASP C 69 -18.39 26.82 -10.93
N ARG C 70 -17.37 26.02 -10.67
CA ARG C 70 -16.59 25.40 -11.73
C ARG C 70 -16.49 23.89 -11.51
N PRO C 71 -16.30 23.13 -12.58
CA PRO C 71 -16.11 21.69 -12.42
C PRO C 71 -14.70 21.37 -11.94
N ALA C 72 -14.54 20.15 -11.43
CA ALA C 72 -13.24 19.71 -10.93
C ALA C 72 -12.14 19.93 -11.94
N ALA C 73 -12.45 19.72 -13.23
CA ALA C 73 -11.42 19.75 -14.27
C ALA C 73 -10.80 21.12 -14.44
N ALA C 74 -11.54 22.19 -14.11
CA ALA C 74 -11.05 23.54 -14.36
C ALA C 74 -9.80 23.87 -13.57
N SER C 75 -9.56 23.19 -12.44
CA SER C 75 -8.38 23.42 -11.62
C SER C 75 -7.30 22.38 -11.84
N ARG C 76 -7.41 21.57 -12.89
CA ARG C 76 -6.37 20.58 -13.20
C ARG C 76 -5.58 21.04 -14.42
N PRO C 77 -4.29 21.33 -14.28
CA PRO C 77 -3.56 21.96 -15.38
C PRO C 77 -3.51 21.13 -16.66
N GLU C 78 -3.52 19.80 -16.56
CA GLU C 78 -3.49 18.97 -17.76
C GLU C 78 -4.72 19.18 -18.63
N THR C 79 -5.81 19.70 -18.05
CA THR C 79 -7.02 19.98 -18.82
C THR C 79 -6.73 21.00 -19.92
N TYR C 80 -5.75 21.88 -19.71
CA TYR C 80 -5.50 22.98 -20.63
C TYR C 80 -4.42 22.69 -21.67
N VAL C 81 -3.82 21.50 -21.66
CA VAL C 81 -2.72 21.18 -22.56
C VAL C 81 -3.07 19.93 -23.34
N ALA C 82 -2.98 20.02 -24.68
CA ALA C 82 -3.30 18.89 -25.55
C ALA C 82 -2.14 18.53 -26.46
N THR C 83 -0.93 18.98 -26.14
CA THR C 83 0.26 18.65 -26.89
C THR C 83 1.13 17.69 -26.08
N GLU C 84 2.11 17.09 -26.77
CA GLU C 84 2.93 16.08 -26.13
C GLU C 84 3.91 16.66 -25.12
N PHE C 85 4.41 17.87 -25.37
CA PHE C 85 5.40 18.49 -24.49
C PHE C 85 4.85 19.78 -23.91
N VAL C 86 5.44 20.19 -22.78
CA VAL C 86 5.16 21.46 -22.13
C VAL C 86 6.47 22.21 -21.98
N ALA C 87 6.46 23.50 -22.35
CA ALA C 87 7.61 24.38 -22.15
C ALA C 87 7.26 25.36 -21.03
N LEU C 88 7.91 25.20 -19.88
CA LEU C 88 7.74 26.13 -18.77
C LEU C 88 8.60 27.35 -19.02
N VAL C 89 7.96 28.49 -19.26
CA VAL C 89 8.65 29.72 -19.64
C VAL C 89 8.49 30.72 -18.50
N PRO C 90 9.58 31.25 -17.96
CA PRO C 90 9.47 32.24 -16.89
C PRO C 90 9.16 33.62 -17.45
N ASP C 91 8.48 34.42 -16.63
CA ASP C 91 8.30 35.82 -17.00
C ASP C 91 9.67 36.49 -17.14
N GLY C 92 9.80 37.33 -18.16
CA GLY C 92 11.06 37.94 -18.50
C GLY C 92 11.69 37.39 -19.77
N ALA C 93 11.22 36.23 -20.23
CA ALA C 93 11.71 35.63 -21.46
C ALA C 93 10.89 36.11 -22.65
N ARG C 94 11.43 35.90 -23.83
CA ARG C 94 10.74 36.26 -25.06
C ARG C 94 11.27 35.40 -26.20
N ALA C 95 10.41 35.20 -27.20
CA ALA C 95 10.74 34.42 -28.38
C ALA C 95 11.20 35.36 -29.48
N GLU C 96 12.43 35.17 -29.96
CA GLU C 96 12.93 36.00 -31.06
C GLU C 96 13.43 35.13 -32.21
N ALA C 97 14.43 34.29 -31.95
CA ALA C 97 14.89 33.36 -32.97
C ALA C 97 13.82 32.33 -33.25
N PRO C 98 13.29 32.24 -34.47
CA PRO C 98 12.29 31.21 -34.76
C PRO C 98 12.90 29.82 -34.64
N GLY C 99 12.02 28.83 -34.50
CA GLY C 99 12.43 27.44 -34.44
C GLY C 99 13.25 27.07 -33.21
N LEU C 100 12.88 27.59 -32.04
CA LEU C 100 13.60 27.31 -30.81
C LEU C 100 12.96 26.20 -29.98
N LEU C 101 11.63 26.15 -29.92
CA LEU C 101 10.97 25.08 -29.19
C LEU C 101 11.15 23.74 -29.90
N GLU C 102 11.12 23.73 -31.22
CA GLU C 102 11.37 22.51 -31.97
C GLU C 102 12.80 22.04 -31.78
N ARG C 103 13.75 22.96 -31.63
CA ARG C 103 15.13 22.58 -31.32
C ARG C 103 15.21 21.86 -29.98
N MET C 104 14.46 22.34 -28.98
CA MET C 104 14.47 21.70 -27.68
C MET C 104 13.78 20.33 -27.71
N VAL C 105 12.80 20.16 -28.59
CA VAL C 105 12.17 18.84 -28.74
C VAL C 105 13.16 17.85 -29.32
N GLU C 106 13.86 18.23 -30.40
CA GLU C 106 14.84 17.34 -31.01
C GLU C 106 15.93 16.96 -30.02
N ALA C 107 16.33 17.89 -29.16
CA ALA C 107 17.36 17.60 -28.17
C ALA C 107 16.88 16.57 -27.14
N LEU C 108 15.65 16.75 -26.64
CA LEU C 108 15.13 15.88 -25.61
C LEU C 108 14.88 14.47 -26.15
N ARG C 109 14.37 14.38 -27.37
CA ARG C 109 14.17 13.08 -28.01
C ARG C 109 15.48 12.31 -28.08
N ALA C 110 16.55 12.97 -28.55
CA ALA C 110 17.81 12.29 -28.81
C ALA C 110 18.62 12.00 -27.56
N GLY C 111 18.39 12.73 -26.48
CA GLY C 111 19.14 12.56 -25.25
C GLY C 111 18.50 11.55 -24.32
N SER C 112 19.08 11.46 -23.11
CA SER C 112 18.58 10.57 -22.07
C SER C 112 17.93 11.30 -20.91
N ALA C 113 18.06 12.62 -20.85
CA ALA C 113 17.40 13.40 -19.80
C ALA C 113 15.93 13.59 -20.13
N ARG C 114 15.08 13.54 -19.12
CA ARG C 114 13.65 13.77 -19.33
C ARG C 114 13.30 15.23 -19.37
N LEU C 115 14.21 16.10 -18.93
CA LEU C 115 14.03 17.54 -19.00
C LEU C 115 15.19 18.15 -19.76
N VAL C 116 14.87 19.09 -20.64
CA VAL C 116 15.89 19.92 -21.31
C VAL C 116 15.57 21.37 -21.01
N ALA C 117 16.62 22.19 -20.96
CA ALA C 117 16.45 23.57 -20.55
C ALA C 117 17.37 24.47 -21.37
N ALA C 118 16.88 25.68 -21.62
CA ALA C 118 17.66 26.72 -22.30
C ALA C 118 17.58 27.96 -21.42
N PRO C 119 18.71 28.52 -20.99
CA PRO C 119 18.65 29.74 -20.18
C PRO C 119 18.11 30.90 -20.98
N VAL C 120 17.46 31.81 -20.27
CA VAL C 120 17.02 33.08 -20.84
C VAL C 120 18.04 34.14 -20.46
N ALA C 121 18.33 35.05 -21.40
CA ALA C 121 19.41 36.02 -21.22
C ALA C 121 18.95 37.20 -20.37
N THR C 122 18.64 36.90 -19.10
CA THR C 122 18.35 37.92 -18.12
C THR C 122 19.61 38.20 -17.28
N ALA C 123 19.43 38.97 -16.20
CA ALA C 123 20.52 39.18 -15.25
C ALA C 123 20.83 37.92 -14.46
N ASN C 124 19.93 36.94 -14.47
CA ASN C 124 20.06 35.73 -13.65
C ASN C 124 19.86 34.48 -14.51
N PRO C 125 20.68 34.28 -15.54
CA PRO C 125 20.49 33.13 -16.42
C PRO C 125 20.77 31.82 -15.71
N ALA C 126 20.14 30.76 -16.23
CA ALA C 126 20.11 29.48 -15.53
C ALA C 126 21.49 28.89 -15.37
N ARG C 127 21.80 28.43 -14.15
CA ARG C 127 23.01 27.69 -13.87
C ARG C 127 22.69 26.27 -13.46
N CYS C 128 23.62 25.38 -13.79
CA CYS C 128 23.47 23.94 -13.63
C CYS C 128 23.83 23.52 -12.21
N LEU C 129 23.00 22.66 -11.61
CA LEU C 129 23.15 22.32 -10.20
C LEU C 129 22.96 20.83 -9.96
N ALA C 130 23.63 20.34 -8.92
CA ALA C 130 23.38 19.02 -8.36
C ALA C 130 22.41 19.12 -7.19
N LEU C 131 21.61 18.08 -7.01
CA LEU C 131 20.60 18.07 -5.96
C LEU C 131 20.25 16.64 -5.60
N ASN C 132 20.30 16.32 -4.31
CA ASN C 132 19.76 15.08 -3.78
C ASN C 132 18.72 15.42 -2.71
N VAL C 133 17.59 14.73 -2.75
CA VAL C 133 16.50 14.94 -1.81
C VAL C 133 16.42 13.71 -0.91
N SER C 134 16.59 13.92 0.39
CA SER C 134 16.39 12.88 1.39
C SER C 134 15.12 13.21 2.15
N LEU C 135 14.06 12.44 1.90
CA LEU C 135 12.83 12.65 2.67
C LEU C 135 12.99 12.15 4.10
N ARG C 136 13.76 11.07 4.30
CA ARG C 136 13.99 10.57 5.64
C ARG C 136 14.68 11.61 6.52
N GLU C 137 15.63 12.35 5.95
CA GLU C 137 16.35 13.39 6.67
C GLU C 137 15.75 14.78 6.47
N TRP C 138 14.65 14.89 5.71
CA TRP C 138 13.96 16.16 5.48
C TRP C 138 14.89 17.21 4.90
N THR C 139 15.80 16.80 4.03
CA THR C 139 16.90 17.64 3.58
C THR C 139 16.97 17.70 2.06
N ALA C 140 17.18 18.89 1.53
CA ALA C 140 17.51 19.11 0.12
C ALA C 140 18.96 19.61 0.06
N ARG C 141 19.86 18.75 -0.41
CA ARG C 141 21.28 19.07 -0.51
C ARG C 141 21.60 19.50 -1.93
N TYR C 142 22.01 20.76 -2.10
CA TYR C 142 22.41 21.29 -3.39
C TYR C 142 23.93 21.39 -3.48
N GLY C 143 24.43 21.45 -4.71
CA GLY C 143 25.85 21.60 -4.94
C GLY C 143 26.13 21.87 -6.41
N ALA C 144 27.38 22.21 -6.68
CA ALA C 144 27.82 22.36 -8.07
C ALA C 144 27.71 21.03 -8.79
N ALA C 145 27.34 21.09 -10.06
CA ALA C 145 27.00 19.88 -10.81
C ALA C 145 28.24 19.21 -11.39
N PRO C 146 28.61 18.03 -10.88
CA PRO C 146 29.83 17.37 -11.39
C PRO C 146 29.74 16.97 -12.86
N ALA C 147 28.54 16.69 -13.37
CA ALA C 147 28.38 16.18 -14.73
C ALA C 147 27.74 17.19 -15.68
N ALA C 148 27.94 18.49 -15.40
CA ALA C 148 27.37 19.53 -16.25
C ALA C 148 27.80 19.31 -17.70
N PRO C 149 26.93 19.60 -18.69
CA PRO C 149 25.63 20.25 -18.52
C PRO C 149 24.44 19.31 -18.26
N ARG C 150 24.71 18.12 -17.73
CA ARG C 150 23.65 17.27 -17.18
C ARG C 150 23.50 17.60 -15.70
N CYS C 151 22.30 18.00 -15.29
CA CYS C 151 22.10 18.54 -13.95
C CYS C 151 20.96 17.80 -13.26
N ASP C 152 20.83 18.05 -11.96
CA ASP C 152 19.66 17.67 -11.17
C ASP C 152 18.68 18.81 -10.99
N ALA C 153 19.17 20.04 -10.88
CA ALA C 153 18.33 21.20 -10.69
C ALA C 153 18.96 22.38 -11.41
N LEU C 154 18.18 23.45 -11.53
CA LEU C 154 18.64 24.69 -12.13
C LEU C 154 18.44 25.83 -11.15
N ASP C 155 19.38 26.78 -11.17
CA ASP C 155 19.26 28.04 -10.45
C ASP C 155 19.27 29.15 -11.48
N GLY C 156 18.16 29.87 -11.60
CA GLY C 156 18.05 30.98 -12.51
C GLY C 156 16.91 30.80 -13.49
N ASP C 157 16.94 31.61 -14.54
CA ASP C 157 15.86 31.68 -15.51
C ASP C 157 16.16 30.79 -16.71
N ALA C 158 15.22 29.89 -17.01
CA ALA C 158 15.36 29.00 -18.16
C ALA C 158 13.98 28.58 -18.63
N VAL C 159 13.90 28.30 -19.93
CA VAL C 159 12.76 27.55 -20.46
C VAL C 159 13.03 26.08 -20.22
N VAL C 160 12.11 25.40 -19.55
CA VAL C 160 12.23 23.97 -19.28
C VAL C 160 11.17 23.25 -20.10
N LEU C 161 11.62 22.30 -20.92
CA LEU C 161 10.74 21.51 -21.77
C LEU C 161 10.77 20.06 -21.32
N LEU C 162 9.60 19.49 -21.11
CA LEU C 162 9.46 18.08 -20.76
C LEU C 162 8.12 17.61 -21.30
N ARG C 163 7.91 16.29 -21.23
CA ARG C 163 6.66 15.72 -21.70
C ARG C 163 5.52 16.10 -20.76
N ALA C 164 4.37 16.44 -21.35
CA ALA C 164 3.20 16.79 -20.55
C ALA C 164 2.83 15.69 -19.59
N ARG C 165 2.90 14.43 -20.05
CA ARG C 165 2.51 13.31 -19.20
C ARG C 165 3.45 13.17 -18.01
N ASP C 166 4.71 13.59 -18.18
CA ASP C 166 5.64 13.61 -17.05
C ASP C 166 5.32 14.74 -16.09
N LEU C 167 5.18 15.97 -16.61
CA LEU C 167 4.92 17.11 -15.73
C LEU C 167 3.67 16.90 -14.90
N PHE C 168 2.59 16.47 -15.54
CA PHE C 168 1.29 16.39 -14.86
C PHE C 168 1.07 15.08 -14.12
N ASN C 169 2.02 14.14 -14.13
CA ASN C 169 1.97 13.05 -13.15
C ASN C 169 2.64 13.42 -11.83
N LEU C 170 3.39 14.51 -11.80
CA LEU C 170 3.92 14.96 -10.51
C LEU C 170 2.76 15.39 -9.61
N SER C 171 2.99 15.29 -8.31
CA SER C 171 1.96 15.66 -7.35
C SER C 171 1.68 17.16 -7.37
N ALA C 172 2.72 17.97 -7.45
CA ALA C 172 2.59 19.43 -7.40
C ALA C 172 3.28 20.06 -8.61
N PRO C 173 2.75 19.84 -9.81
CA PRO C 173 3.49 20.23 -11.02
C PRO C 173 3.71 21.73 -11.16
N LEU C 174 2.86 22.56 -10.59
CA LEU C 174 2.93 24.01 -10.78
C LEU C 174 3.02 24.74 -9.45
N ALA C 175 3.53 24.09 -8.42
CA ALA C 175 3.65 24.74 -7.12
C ALA C 175 4.78 25.78 -7.15
N ARG C 176 4.55 26.88 -6.50
CA ARG C 176 5.53 27.93 -6.66
C ARG C 176 6.47 28.00 -5.46
N PRO C 177 7.73 28.42 -5.65
CA PRO C 177 8.34 28.75 -6.95
C PRO C 177 8.60 27.49 -7.76
N VAL C 178 8.32 27.53 -9.07
CA VAL C 178 8.56 26.36 -9.91
C VAL C 178 10.03 26.00 -9.91
N GLY C 179 10.90 27.01 -9.92
CA GLY C 179 12.34 26.81 -9.87
C GLY C 179 12.81 25.93 -8.73
N THR C 180 12.03 25.88 -7.66
CA THR C 180 12.30 25.02 -6.52
C THR C 180 11.47 23.74 -6.53
N SER C 181 10.17 23.86 -6.82
CA SER C 181 9.25 22.72 -6.66
C SER C 181 9.48 21.66 -7.73
N LEU C 182 9.75 22.08 -8.97
CA LEU C 182 9.89 21.12 -10.06
C LEU C 182 11.09 20.20 -9.85
N PHE C 183 12.25 20.77 -9.52
CA PHE C 183 13.46 19.97 -9.45
C PHE C 183 13.55 19.17 -8.16
N LEU C 184 12.89 19.60 -7.09
CA LEU C 184 12.76 18.73 -5.92
C LEU C 184 12.04 17.44 -6.28
N GLN C 185 11.00 17.54 -7.12
CA GLN C 185 10.23 16.37 -7.51
C GLN C 185 10.95 15.54 -8.57
N THR C 186 11.57 16.20 -9.56
CA THR C 186 12.23 15.44 -10.61
C THR C 186 13.52 14.80 -10.10
N ALA C 187 14.28 15.50 -9.26
CA ALA C 187 15.51 14.92 -8.72
C ALA C 187 15.23 13.72 -7.85
N LEU C 188 14.18 13.79 -7.00
CA LEU C 188 13.82 12.65 -6.18
C LEU C 188 13.49 11.44 -7.04
N ARG C 189 12.93 11.66 -8.22
CA ARG C 189 12.60 10.59 -9.14
C ARG C 189 13.81 10.10 -9.94
N GLY C 190 14.99 10.69 -9.72
CA GLY C 190 16.16 10.29 -10.48
C GLY C 190 16.22 10.85 -11.88
N TRP C 191 15.39 11.85 -12.19
CA TRP C 191 15.41 12.46 -13.50
C TRP C 191 16.48 13.54 -13.58
N ALA C 192 17.07 13.67 -14.76
CA ALA C 192 18.03 14.73 -15.02
C ALA C 192 17.42 15.78 -15.93
N VAL C 193 17.95 16.99 -15.81
CA VAL C 193 17.68 18.06 -16.76
C VAL C 193 18.98 18.33 -17.50
N GLN C 194 18.89 18.52 -18.81
CA GLN C 194 20.05 18.81 -19.65
C GLN C 194 19.99 20.27 -20.06
N LEU C 195 21.00 21.04 -19.68
CA LEU C 195 21.06 22.46 -20.01
C LEU C 195 21.68 22.61 -21.39
N LEU C 196 20.87 23.00 -22.37
CA LEU C 196 21.30 23.04 -23.75
C LEU C 196 22.11 24.31 -24.04
N ASP C 197 22.81 24.28 -25.16
CA ASP C 197 23.52 25.46 -25.68
C ASP C 197 22.57 26.29 -26.56
N LEU C 198 21.48 26.72 -25.94
CA LEU C 198 20.50 27.59 -26.56
C LEU C 198 20.11 28.67 -25.56
N THR C 199 19.83 29.87 -26.07
CA THR C 199 19.47 30.97 -25.20
C THR C 199 18.22 31.67 -25.73
N PHE C 200 17.23 31.82 -24.86
CA PHE C 200 16.08 32.65 -25.15
C PHE C 200 16.41 34.11 -24.81
N ALA C 201 15.93 35.03 -25.64
CA ALA C 201 16.15 36.43 -25.37
C ALA C 201 15.29 36.89 -24.19
N ALA C 202 15.69 38.00 -23.59
CA ALA C 202 14.91 38.61 -22.52
C ALA C 202 13.90 39.59 -23.11
N ALA C 203 12.86 39.88 -22.32
CA ALA C 203 11.85 40.83 -22.75
C ALA C 203 12.46 42.20 -22.94
N ARG C 204 11.96 42.93 -23.94
CA ARG C 204 12.53 44.24 -24.25
C ARG C 204 12.19 45.29 -23.21
N GLN C 205 11.05 45.11 -22.51
CA GLN C 205 10.77 45.86 -21.28
C GLN C 205 10.72 44.85 -20.15
N PRO C 206 11.83 44.60 -19.46
CA PRO C 206 11.85 43.51 -18.48
C PRO C 206 10.97 43.85 -17.28
N PRO C 207 10.44 42.84 -16.61
CA PRO C 207 9.61 43.11 -15.43
C PRO C 207 10.46 43.34 -14.19
N LEU C 208 9.82 43.94 -13.18
CA LEU C 208 10.45 44.17 -11.87
C LEU C 208 11.75 44.95 -12.02
N ALA C 209 11.70 46.05 -12.78
CA ALA C 209 12.90 46.80 -13.12
C ALA C 209 13.34 47.76 -12.03
N THR C 210 12.45 48.12 -11.10
CA THR C 210 12.79 49.03 -10.02
C THR C 210 13.14 48.24 -8.77
N ALA C 211 13.98 48.85 -7.92
CA ALA C 211 14.34 48.21 -6.65
C ALA C 211 13.11 47.90 -5.82
N HIS C 212 12.09 48.76 -5.88
CA HIS C 212 10.89 48.54 -5.09
C HIS C 212 10.11 47.33 -5.58
N ALA C 213 9.88 47.25 -6.90
CA ALA C 213 9.17 46.10 -7.45
C ALA C 213 9.90 44.81 -7.14
N ARG C 214 11.21 44.78 -7.34
CA ARG C 214 11.99 43.58 -7.03
C ARG C 214 11.86 43.22 -5.55
N TRP C 215 11.89 44.22 -4.66
CA TRP C 215 11.76 43.93 -3.23
C TRP C 215 10.44 43.25 -2.91
N LYS C 216 9.35 43.71 -3.53
CA LYS C 216 8.05 43.08 -3.28
C LYS C 216 7.99 41.68 -3.87
N ALA C 217 8.50 41.51 -5.09
CA ALA C 217 8.52 40.19 -5.70
C ALA C 217 9.34 39.21 -4.87
N GLU C 218 10.52 39.65 -4.40
CA GLU C 218 11.38 38.77 -3.63
C GLU C 218 10.74 38.41 -2.28
N ARG C 219 10.07 39.36 -1.65
CA ARG C 219 9.43 39.07 -0.38
C ARG C 219 8.32 38.03 -0.54
N GLU C 220 7.48 38.20 -1.56
CA GLU C 220 6.43 37.22 -1.82
C GLU C 220 7.02 35.89 -2.26
N GLY C 221 8.06 35.93 -3.10
CA GLY C 221 8.67 34.69 -3.56
C GLY C 221 9.29 33.88 -2.44
N ARG C 222 9.97 34.56 -1.50
CA ARG C 222 10.55 33.84 -0.38
C ARG C 222 9.46 33.27 0.53
N ALA C 223 8.37 34.01 0.71
CA ALA C 223 7.25 33.49 1.50
C ALA C 223 6.64 32.25 0.84
N ARG C 224 6.51 32.27 -0.48
CA ARG C 224 5.98 31.09 -1.18
C ARG C 224 6.94 29.92 -1.07
N ARG C 225 8.24 30.18 -1.19
CA ARG C 225 9.23 29.12 -1.04
C ARG C 225 9.17 28.48 0.35
N ALA C 226 9.07 29.32 1.39
CA ALA C 226 9.03 28.81 2.76
C ALA C 226 7.80 27.93 2.97
N ALA C 227 6.63 28.40 2.52
CA ALA C 227 5.42 27.59 2.62
C ALA C 227 5.55 26.29 1.82
N LEU C 228 6.18 26.35 0.65
CA LEU C 228 6.34 25.15 -0.16
C LEU C 228 7.21 24.10 0.54
N LEU C 229 8.32 24.53 1.14
CA LEU C 229 9.21 23.58 1.77
C LEU C 229 8.59 22.94 3.00
N ARG C 230 7.89 23.73 3.82
CA ARG C 230 7.19 23.17 4.96
C ARG C 230 6.11 22.18 4.51
N ALA C 231 5.29 22.57 3.53
CA ALA C 231 4.23 21.71 3.05
C ALA C 231 4.77 20.39 2.53
N LEU C 232 5.95 20.41 1.91
CA LEU C 232 6.55 19.23 1.31
C LEU C 232 7.53 18.50 2.22
N GLY C 233 7.70 18.97 3.45
CA GLY C 233 8.57 18.26 4.37
C GLY C 233 10.04 18.38 4.04
N ILE C 234 10.48 19.55 3.59
CA ILE C 234 11.90 19.87 3.49
C ILE C 234 12.22 20.81 4.65
N ARG C 235 12.89 20.29 5.67
CA ARG C 235 13.20 21.08 6.85
C ARG C 235 14.54 21.80 6.77
N LEU C 236 15.39 21.42 5.83
CA LEU C 236 16.74 21.97 5.77
C LEU C 236 17.22 21.95 4.33
N VAL C 237 17.73 23.09 3.86
CA VAL C 237 18.36 23.22 2.56
C VAL C 237 19.81 23.60 2.77
N SER C 238 20.71 22.95 2.04
CA SER C 238 22.13 23.19 2.19
C SER C 238 22.77 23.36 0.82
N TRP C 239 23.86 24.12 0.79
CA TRP C 239 24.70 24.26 -0.39
C TRP C 239 26.09 23.75 -0.05
N GLU C 240 26.54 22.73 -0.77
CA GLU C 240 27.82 22.06 -0.52
C GLU C 240 27.99 21.73 0.96
N GLY C 241 26.89 21.30 1.59
CA GLY C 241 26.89 21.00 3.01
C GLY C 241 26.95 22.20 3.92
N GLY C 242 26.94 23.42 3.38
CA GLY C 242 26.96 24.63 4.18
C GLY C 242 25.88 25.60 3.79
N ARG C 243 26.03 26.87 4.19
CA ARG C 243 25.02 27.90 3.92
C ARG C 243 23.62 27.40 4.27
N LEU C 244 23.51 26.86 5.48
CA LEU C 244 22.29 26.17 5.88
C LEU C 244 21.09 27.12 5.91
N GLU C 245 19.94 26.60 5.47
CA GLU C 245 18.67 27.32 5.47
C GLU C 245 17.66 26.42 6.16
N TRP C 246 17.07 26.91 7.25
CA TRP C 246 16.19 26.09 8.08
C TRP C 246 14.74 26.44 7.84
N PHE C 247 13.88 25.42 7.94
CA PHE C 247 12.44 25.60 7.74
C PHE C 247 11.65 24.74 8.72
N GLY C 248 12.21 24.50 9.91
CA GLY C 248 11.56 23.67 10.91
C GLY C 248 11.34 24.37 12.23
N CYS C 249 11.63 23.68 13.33
CA CYS C 249 11.39 24.24 14.65
C CYS C 249 12.62 25.01 15.14
N ASN C 250 12.45 25.74 16.23
CA ASN C 250 13.53 26.53 16.83
C ASN C 250 13.18 26.80 18.28
N LYS C 251 13.96 27.70 18.91
CA LYS C 251 13.79 27.98 20.32
C LYS C 251 12.42 28.56 20.64
N GLU C 252 11.78 29.22 19.67
CA GLU C 252 10.54 29.94 19.90
C GLU C 252 9.30 29.20 19.45
N THR C 253 9.44 28.00 18.88
CA THR C 253 8.28 27.25 18.41
C THR C 253 8.13 25.95 19.19
N THR C 254 7.04 25.26 18.90
CA THR C 254 6.89 23.87 19.33
C THR C 254 7.88 22.99 18.57
N ARG C 255 8.19 21.84 19.15
CA ARG C 255 8.96 20.87 18.39
C ARG C 255 8.09 20.29 17.28
N CYS C 256 8.76 19.72 16.27
CA CYS C 256 8.06 19.38 15.03
C CYS C 256 6.98 18.32 15.25
N PHE C 257 7.26 17.30 16.06
CA PHE C 257 6.35 16.16 16.13
C PHE C 257 5.43 16.18 17.34
N GLY C 258 5.69 17.01 18.35
CA GLY C 258 4.74 17.04 19.45
C GLY C 258 4.79 15.77 20.30
N THR C 259 3.68 15.52 21.00
CA THR C 259 3.66 14.50 22.04
C THR C 259 3.74 13.09 21.44
N VAL C 260 4.69 12.30 21.96
CA VAL C 260 4.90 10.92 21.52
C VAL C 260 3.98 10.01 22.30
N VAL C 261 3.15 9.25 21.60
CA VAL C 261 2.25 8.28 22.22
C VAL C 261 2.71 6.85 22.03
N GLY C 262 3.78 6.62 21.27
CA GLY C 262 4.11 5.28 20.84
C GLY C 262 4.65 4.29 21.86
N ASP C 263 5.89 4.42 22.36
CA ASP C 263 6.85 5.50 22.10
C ASP C 263 7.42 5.52 20.69
N THR C 264 6.61 6.01 19.76
CA THR C 264 6.86 5.96 18.33
C THR C 264 6.42 7.34 17.83
N PRO C 265 7.37 8.24 17.59
CA PRO C 265 6.99 9.59 17.18
C PRO C 265 6.37 9.59 15.80
N ALA C 266 5.71 10.70 15.48
CA ALA C 266 4.90 10.76 14.27
C ALA C 266 5.75 10.55 13.02
N TYR C 267 7.02 10.95 13.04
CA TYR C 267 7.82 10.87 11.82
C TYR C 267 8.09 9.44 11.39
N LEU C 268 8.01 8.47 12.30
CA LEU C 268 8.22 7.07 11.90
C LEU C 268 7.05 6.54 11.09
N TYR C 269 5.82 6.92 11.45
CA TYR C 269 4.66 6.54 10.64
C TYR C 269 4.67 7.23 9.29
N GLU C 270 5.35 8.37 9.17
CA GLU C 270 5.54 9.04 7.89
C GLU C 270 6.73 8.49 7.13
N GLU C 271 7.33 7.40 7.61
CA GLU C 271 8.42 6.70 6.95
C GLU C 271 9.63 7.62 6.75
N ARG C 272 9.89 8.44 7.77
CA ARG C 272 11.04 9.34 7.80
C ARG C 272 11.77 9.16 9.12
N TRP C 273 12.87 9.89 9.28
CA TRP C 273 13.62 9.93 10.52
C TRP C 273 13.34 11.23 11.25
N THR C 274 14.15 11.53 12.26
CA THR C 274 13.96 12.74 13.05
C THR C 274 14.26 13.97 12.21
N PRO C 275 13.41 15.00 12.23
CA PRO C 275 13.72 16.25 11.53
C PRO C 275 15.08 16.80 11.95
N PRO C 276 15.88 17.27 10.98
CA PRO C 276 17.25 17.72 11.29
C PRO C 276 17.23 18.92 12.22
N CYS C 277 16.28 19.78 11.89
CA CYS C 277 15.59 20.71 12.74
C CYS C 277 15.55 20.30 14.22
N CYS C 278 14.99 19.12 14.55
CA CYS C 278 14.94 18.70 15.95
C CYS C 278 16.28 18.18 16.45
N LEU C 279 17.00 17.42 15.62
CA LEU C 279 18.32 16.91 16.01
C LEU C 279 19.24 18.05 16.41
N ARG C 280 19.24 19.15 15.64
CA ARG C 280 20.08 20.29 15.95
C ARG C 280 19.78 20.83 17.34
N ALA C 281 18.50 20.95 17.69
CA ALA C 281 18.14 21.42 19.03
C ALA C 281 18.62 20.43 20.10
N LEU C 282 18.53 19.13 19.82
CA LEU C 282 19.01 18.13 20.78
C LEU C 282 20.51 18.24 20.96
N ARG C 283 21.26 18.41 19.88
CA ARG C 283 22.71 18.59 19.99
C ARG C 283 23.03 19.85 20.79
N GLU C 284 22.33 20.94 20.48
CA GLU C 284 22.51 22.19 21.23
C GLU C 284 22.26 21.98 22.71
N THR C 285 21.18 21.29 23.05
CA THR C 285 20.83 21.10 24.46
C THR C 285 21.81 20.18 25.15
N ALA C 286 22.21 19.09 24.49
CA ALA C 286 23.20 18.19 25.08
C ALA C 286 24.52 18.90 25.35
N ARG C 287 24.96 19.73 24.40
CA ARG C 287 26.18 20.49 24.59
C ARG C 287 26.06 21.45 25.76
N TYR C 288 24.94 22.16 25.85
CA TYR C 288 24.76 23.14 26.91
C TYR C 288 24.68 22.47 28.29
N VAL C 289 23.91 21.39 28.38
CA VAL C 289 23.78 20.66 29.65
C VAL C 289 25.13 20.12 30.09
N VAL C 290 25.84 19.45 29.16
CA VAL C 290 27.17 18.93 29.50
C VAL C 290 28.09 20.06 29.96
N GLY C 291 28.03 21.21 29.27
CA GLY C 291 28.78 22.36 29.73
C GLY C 291 28.43 22.76 31.14
N VAL C 292 27.14 22.74 31.47
CA VAL C 292 26.70 23.12 32.82
C VAL C 292 27.15 22.08 33.84
N LEU C 293 27.00 20.79 33.51
CA LEU C 293 27.37 19.74 34.45
C LEU C 293 28.87 19.74 34.74
N GLU C 294 29.69 19.99 33.71
CA GLU C 294 31.13 19.99 33.91
C GLU C 294 31.57 21.21 34.71
N ALA C 295 30.99 22.37 34.43
CA ALA C 295 31.35 23.57 35.18
C ALA C 295 30.93 23.47 36.63
N ALA C 296 29.83 22.78 36.92
CA ALA C 296 29.35 22.64 38.29
C ALA C 296 30.02 21.49 39.04
N GLY C 297 30.78 20.64 38.34
CA GLY C 297 31.41 19.51 38.97
C GLY C 297 30.45 18.35 39.16
N VAL C 298 29.71 18.02 38.11
CA VAL C 298 28.78 16.89 38.12
C VAL C 298 29.36 15.79 37.25
N ARG C 299 29.58 14.62 37.84
CA ARG C 299 30.02 13.47 37.07
C ARG C 299 28.88 12.97 36.20
N TYR C 300 29.09 12.96 34.88
CA TYR C 300 28.10 12.48 33.92
C TYR C 300 28.75 11.48 32.98
N TRP C 301 27.92 10.72 32.27
CA TRP C 301 28.37 9.87 31.18
C TRP C 301 27.22 9.67 30.20
N LEU C 302 27.58 9.43 28.94
CA LEU C 302 26.57 9.10 27.93
C LEU C 302 25.91 7.76 28.28
N GLU C 303 24.60 7.68 28.07
CA GLU C 303 23.83 6.51 28.43
C GLU C 303 22.95 6.07 27.25
N GLY C 304 22.46 4.83 27.35
CA GLY C 304 21.52 4.27 26.40
C GLY C 304 21.85 4.50 24.94
N GLY C 305 20.86 4.98 24.19
CA GLY C 305 21.05 5.22 22.76
C GLY C 305 22.00 6.35 22.44
N SER C 306 22.23 7.28 23.38
CA SER C 306 23.22 8.32 23.15
C SER C 306 24.63 7.74 23.16
N LEU C 307 24.95 6.93 24.16
CA LEU C 307 26.23 6.23 24.15
C LEU C 307 26.34 5.32 22.93
N LEU C 308 25.25 4.66 22.56
CA LEU C 308 25.25 3.80 21.38
C LEU C 308 25.55 4.60 20.13
N GLY C 309 24.88 5.75 19.96
CA GLY C 309 25.13 6.58 18.79
C GLY C 309 26.54 7.16 18.79
N ALA C 310 27.05 7.55 19.96
CA ALA C 310 28.42 8.03 20.03
C ALA C 310 29.41 6.94 19.63
N ALA C 311 29.18 5.70 20.09
CA ALA C 311 30.09 4.62 19.75
C ALA C 311 29.96 4.24 18.27
N ARG C 312 28.76 4.34 17.71
CA ARG C 312 28.55 3.93 16.32
C ARG C 312 29.15 4.95 15.36
N HIS C 313 28.72 6.20 15.46
CA HIS C 313 29.13 7.23 14.51
C HIS C 313 29.32 8.59 15.17
N GLY C 314 29.50 8.63 16.49
CA GLY C 314 29.76 9.88 17.17
C GLY C 314 28.66 10.92 17.12
N ASP C 315 27.40 10.50 16.91
CA ASP C 315 26.31 11.46 16.90
C ASP C 315 25.03 10.79 17.35
N ILE C 316 23.98 11.60 17.51
CA ILE C 316 22.65 11.09 17.79
C ILE C 316 22.24 10.12 16.70
N ILE C 317 21.61 9.02 17.10
CA ILE C 317 21.04 8.08 16.14
C ILE C 317 19.96 8.83 15.37
N PRO C 318 20.03 8.87 14.04
CA PRO C 318 19.24 9.85 13.28
C PRO C 318 17.73 9.65 13.36
N TRP C 319 17.23 8.59 14.00
CA TRP C 319 15.80 8.44 14.24
C TRP C 319 15.44 8.55 15.71
N ASP C 320 16.41 8.80 16.60
CA ASP C 320 16.11 9.02 18.00
C ASP C 320 15.63 10.46 18.22
N TYR C 321 15.02 10.71 19.38
CA TYR C 321 14.41 12.01 19.60
C TYR C 321 14.70 12.59 20.99
N ASP C 322 15.68 12.07 21.71
CA ASP C 322 16.14 12.69 22.95
C ASP C 322 17.57 12.24 23.22
N VAL C 323 18.15 12.76 24.30
CA VAL C 323 19.50 12.41 24.74
C VAL C 323 19.41 11.96 26.19
N ASP C 324 20.15 10.91 26.53
CA ASP C 324 20.16 10.36 27.88
C ASP C 324 21.57 10.42 28.45
N LEU C 325 21.69 10.94 29.66
CA LEU C 325 22.95 10.97 30.39
C LEU C 325 22.73 10.38 31.77
N GLY C 326 23.71 9.61 32.24
CA GLY C 326 23.76 9.23 33.63
C GLY C 326 24.56 10.24 34.43
N ILE C 327 24.20 10.37 35.71
CA ILE C 327 24.92 11.25 36.63
C ILE C 327 24.99 10.56 37.98
N TYR C 328 26.01 10.92 38.76
CA TYR C 328 26.06 10.52 40.15
C TYR C 328 25.01 11.29 40.94
N LEU C 329 24.22 10.57 41.74
CA LEU C 329 23.17 11.23 42.51
C LEU C 329 23.74 12.19 43.54
N GLU C 330 24.85 11.79 44.19
CA GLU C 330 25.47 12.64 45.20
C GLU C 330 26.06 13.92 44.62
N ASP C 331 26.15 14.04 43.30
CA ASP C 331 26.66 15.25 42.66
C ASP C 331 25.55 16.24 42.32
N VAL C 332 24.28 15.85 42.46
CA VAL C 332 23.16 16.70 42.08
C VAL C 332 23.25 18.07 42.77
N GLY C 333 23.58 18.06 44.06
CA GLY C 333 23.64 19.29 44.82
C GLY C 333 24.61 20.33 44.28
N ASN C 334 25.58 19.91 43.46
CA ASN C 334 26.58 20.83 42.94
C ASN C 334 26.04 21.73 41.83
N CYS C 335 24.84 21.48 41.32
CA CYS C 335 24.31 22.20 40.17
C CYS C 335 23.02 22.89 40.57
N GLU C 336 23.01 24.23 40.46
CA GLU C 336 21.89 25.02 40.94
C GLU C 336 20.61 24.73 40.17
N GLN C 337 20.71 24.53 38.85
CA GLN C 337 19.52 24.20 38.06
C GLN C 337 18.90 22.89 38.54
N LEU C 338 19.73 21.91 38.89
CA LEU C 338 19.20 20.63 39.34
C LEU C 338 18.64 20.73 40.75
N ARG C 339 19.29 21.49 41.63
CA ARG C 339 18.72 21.75 42.94
C ARG C 339 17.41 22.49 42.82
N GLY C 340 17.33 23.46 41.91
CA GLY C 340 16.06 24.14 41.66
C GLY C 340 15.02 23.24 41.02
N ALA C 341 15.46 22.24 40.25
CA ALA C 341 14.53 21.36 39.57
C ALA C 341 13.76 20.45 40.53
N GLU C 342 14.30 20.19 41.71
CA GLU C 342 13.59 19.35 42.68
C GLU C 342 12.47 20.10 43.38
N ALA C 343 12.54 21.43 43.43
CA ALA C 343 11.49 22.24 44.02
C ALA C 343 10.44 22.69 43.00
N GLY C 344 10.64 22.40 41.72
CA GLY C 344 9.74 22.83 40.69
C GLY C 344 10.45 23.19 39.40
N SER C 345 9.69 23.52 38.36
CA SER C 345 10.26 23.79 37.04
C SER C 345 11.00 25.12 37.05
N VAL C 346 12.24 25.11 36.55
CA VAL C 346 13.09 26.30 36.54
C VAL C 346 13.51 26.60 35.10
N VAL C 347 13.20 27.80 34.64
CA VAL C 347 13.73 28.34 33.39
C VAL C 347 15.01 29.10 33.72
N ASP C 348 16.12 28.69 33.12
CA ASP C 348 17.38 29.32 33.46
C ASP C 348 17.63 30.50 32.52
N GLU C 349 18.82 31.10 32.66
CA GLU C 349 19.15 32.36 32.02
C GLU C 349 19.20 32.25 30.50
N ARG C 350 19.35 31.04 29.97
CA ARG C 350 19.46 30.82 28.53
C ARG C 350 18.22 30.14 27.95
N GLY C 351 17.12 30.13 28.70
CA GLY C 351 15.86 29.61 28.20
C GLY C 351 15.64 28.13 28.38
N PHE C 352 16.65 27.38 28.80
CA PHE C 352 16.46 25.95 29.02
C PHE C 352 15.62 25.71 30.26
N VAL C 353 14.79 24.67 30.22
CA VAL C 353 13.86 24.35 31.31
C VAL C 353 14.33 23.07 31.98
N TRP C 354 14.74 23.18 33.24
CA TRP C 354 15.18 22.04 34.03
C TRP C 354 14.02 21.62 34.94
N GLU C 355 13.61 20.36 34.83
CA GLU C 355 12.49 19.86 35.62
C GLU C 355 12.81 18.47 36.14
N LYS C 356 12.18 18.11 37.25
CA LYS C 356 12.30 16.79 37.85
C LYS C 356 11.01 16.03 37.58
N ALA C 357 11.05 15.13 36.59
CA ALA C 357 9.92 14.26 36.32
C ALA C 357 9.63 13.39 37.54
N VAL C 358 8.53 13.68 38.24
CA VAL C 358 8.19 12.94 39.46
C VAL C 358 7.93 11.47 39.14
N GLU C 359 7.51 11.18 37.90
CA GLU C 359 7.17 9.80 37.53
C GLU C 359 8.35 8.87 37.69
N GLY C 360 9.48 9.21 37.08
CA GLY C 360 10.62 8.31 37.03
C GLY C 360 11.78 8.63 37.93
N ASP C 361 11.67 9.64 38.80
CA ASP C 361 12.78 10.07 39.67
C ASP C 361 14.05 10.34 38.86
N PHE C 362 13.89 11.04 37.74
CA PHE C 362 15.00 11.49 36.92
C PHE C 362 14.80 12.98 36.62
N PHE C 363 15.77 13.58 35.94
CA PHE C 363 15.72 14.98 35.57
C PHE C 363 15.58 15.11 34.06
N ARG C 364 15.03 16.24 33.63
CA ARG C 364 14.73 16.49 32.23
C ARG C 364 15.02 17.96 31.94
N VAL C 365 15.78 18.22 30.89
CA VAL C 365 16.16 19.58 30.52
C VAL C 365 15.62 19.85 29.13
N GLN C 366 14.62 20.74 29.04
CA GLN C 366 14.01 21.07 27.76
C GLN C 366 14.81 22.16 27.05
N TYR C 367 14.72 22.15 25.72
CA TYR C 367 15.42 23.15 24.91
C TYR C 367 14.89 24.55 25.18
N SER C 368 13.59 24.69 25.38
CA SER C 368 12.97 25.97 25.70
C SER C 368 11.58 25.68 26.24
N GLU C 369 10.90 26.75 26.68
CA GLU C 369 9.59 26.58 27.27
C GLU C 369 8.58 26.05 26.27
N SER C 370 8.73 26.40 25.00
CA SER C 370 7.83 25.95 23.95
C SER C 370 8.32 24.72 23.20
N ASN C 371 9.64 24.54 23.08
CA ASN C 371 10.22 23.45 22.30
C ASN C 371 10.72 22.38 23.27
N HIS C 372 9.98 21.26 23.34
CA HIS C 372 10.18 20.26 24.39
C HIS C 372 11.13 19.14 23.97
N LEU C 373 12.09 19.40 23.10
CA LEU C 373 13.18 18.46 22.91
C LEU C 373 14.08 18.51 24.15
N HIS C 374 14.45 17.35 24.68
CA HIS C 374 15.03 17.34 26.01
C HIS C 374 16.19 16.37 26.13
N VAL C 375 17.10 16.71 27.03
CA VAL C 375 18.14 15.82 27.51
C VAL C 375 17.69 15.27 28.85
N ASP C 376 17.74 13.95 29.00
CA ASP C 376 17.34 13.30 30.24
C ASP C 376 18.59 12.97 31.06
N LEU C 377 18.47 13.12 32.38
CA LEU C 377 19.57 12.89 33.30
C LEU C 377 19.12 11.82 34.30
N TRP C 378 19.85 10.72 34.35
CA TRP C 378 19.47 9.59 35.19
C TRP C 378 20.44 9.46 36.36
N PRO C 379 20.04 9.83 37.57
CA PRO C 379 20.95 9.72 38.73
C PRO C 379 21.10 8.29 39.18
N PHE C 380 22.35 7.83 39.25
CA PHE C 380 22.69 6.55 39.85
C PHE C 380 23.50 6.81 41.12
N TYR C 381 23.48 5.83 42.02
CA TYR C 381 24.32 5.90 43.21
C TYR C 381 24.93 4.53 43.44
N PRO C 382 26.17 4.47 43.92
CA PRO C 382 26.78 3.17 44.21
C PRO C 382 26.40 2.67 45.58
N ARG C 383 25.86 1.46 45.62
CA ARG C 383 26.03 0.55 46.74
C ARG C 383 26.78 -0.67 46.23
N ASN C 384 27.56 -1.28 47.11
CA ASN C 384 28.26 -2.54 46.87
C ASN C 384 29.04 -2.55 45.55
N GLY C 385 29.46 -1.39 45.06
CA GLY C 385 30.22 -1.33 43.82
C GLY C 385 29.40 -1.53 42.57
N VAL C 386 28.08 -1.58 42.68
CA VAL C 386 27.19 -1.59 41.52
C VAL C 386 26.48 -0.25 41.49
N MET C 387 26.43 0.37 40.31
CA MET C 387 25.60 1.55 40.16
C MET C 387 24.14 1.12 40.09
N THR C 388 23.29 1.80 40.84
CA THR C 388 21.88 1.44 40.88
C THR C 388 21.04 2.69 41.10
N LYS C 389 19.74 2.54 40.82
CA LYS C 389 18.73 3.51 41.22
C LYS C 389 17.52 2.72 41.71
N ASP C 390 16.56 3.44 42.28
CA ASP C 390 15.43 2.80 42.95
C ASP C 390 14.15 2.79 42.11
N THR C 391 14.20 3.27 40.88
CA THR C 391 13.05 3.24 39.98
C THR C 391 13.51 2.86 38.58
N TRP C 392 12.64 2.19 37.84
CA TRP C 392 12.97 1.78 36.48
C TRP C 392 11.79 1.97 35.53
N VAL C 399 18.82 -1.03 33.53
CA VAL C 399 19.69 -2.06 34.07
C VAL C 399 20.77 -1.42 34.96
N GLU C 400 21.12 -2.09 36.06
CA GLU C 400 22.23 -1.69 36.90
C GLU C 400 23.53 -2.32 36.40
N PHE C 401 24.64 -1.64 36.66
CA PHE C 401 25.93 -2.02 36.10
C PHE C 401 27.04 -1.80 37.11
N PRO C 402 28.15 -2.52 36.99
CA PRO C 402 29.26 -2.34 37.94
C PRO C 402 29.93 -0.99 37.79
N GLU C 403 30.35 -0.43 38.93
CA GLU C 403 30.86 0.94 38.93
C GLU C 403 32.19 1.07 38.20
N HIS C 404 32.99 -0.01 38.13
CA HIS C 404 34.30 0.07 37.50
C HIS C 404 34.22 0.56 36.05
N PHE C 405 33.05 0.45 35.41
CA PHE C 405 32.87 1.04 34.10
C PHE C 405 32.99 2.56 34.13
N LEU C 406 32.82 3.18 35.30
CA LEU C 406 32.94 4.62 35.46
C LEU C 406 34.29 5.04 36.03
N GLN C 407 35.19 4.10 36.31
CA GLN C 407 36.46 4.38 36.96
C GLN C 407 37.61 3.92 36.06
N PRO C 408 38.10 4.79 35.16
CA PRO C 408 37.61 6.15 34.96
C PRO C 408 36.71 6.27 33.75
N LEU C 409 36.24 7.47 33.47
CA LEU C 409 35.50 7.74 32.25
C LEU C 409 36.45 8.15 31.14
N VAL C 410 36.05 7.90 29.91
CA VAL C 410 36.90 8.14 28.75
C VAL C 410 36.22 9.20 27.89
N PRO C 411 36.99 9.92 27.08
CA PRO C 411 36.39 10.85 26.13
C PRO C 411 35.89 10.12 24.90
N LEU C 412 34.80 10.66 24.33
CA LEU C 412 34.17 10.05 23.16
C LEU C 412 33.46 11.15 22.39
N PRO C 413 33.74 11.31 21.09
CA PRO C 413 33.02 12.31 20.31
C PRO C 413 31.53 12.03 20.26
N PHE C 414 30.73 13.09 20.36
CA PHE C 414 29.28 12.94 20.35
C PHE C 414 28.65 14.29 20.03
N ALA C 415 27.96 14.37 18.89
CA ALA C 415 27.07 15.49 18.58
C ALA C 415 27.81 16.82 18.50
N GLY C 416 29.04 16.78 17.99
CA GLY C 416 29.81 17.98 17.75
C GLY C 416 30.75 18.40 18.86
N PHE C 417 30.76 17.70 19.98
CA PHE C 417 31.68 17.98 21.08
C PHE C 417 32.20 16.66 21.63
N VAL C 418 33.12 16.76 22.58
CA VAL C 418 33.72 15.59 23.21
C VAL C 418 32.98 15.33 24.52
N ALA C 419 32.40 14.15 24.65
CA ALA C 419 31.59 13.79 25.81
C ALA C 419 32.29 12.71 26.62
N GLN C 420 31.78 12.49 27.83
CA GLN C 420 32.29 11.44 28.69
C GLN C 420 31.47 10.17 28.51
N ALA C 421 32.17 9.05 28.44
CA ALA C 421 31.57 7.73 28.28
C ALA C 421 32.16 6.77 29.29
N PRO C 422 31.43 5.72 29.66
CA PRO C 422 32.04 4.68 30.49
C PRO C 422 33.24 4.08 29.76
N ASN C 423 34.24 3.68 30.54
CA ASN C 423 35.32 2.94 29.93
C ASN C 423 34.80 1.58 29.46
N ASN C 424 35.48 1.03 28.45
CA ASN C 424 35.05 -0.22 27.82
C ASN C 424 33.59 -0.12 27.37
N TYR C 425 33.27 1.01 26.73
CA TYR C 425 31.87 1.31 26.41
C TYR C 425 31.28 0.28 25.47
N ARG C 426 32.11 -0.32 24.61
CA ARG C 426 31.63 -1.38 23.74
C ARG C 426 31.15 -2.59 24.56
N ARG C 427 31.91 -2.95 25.59
CA ARG C 427 31.41 -3.94 26.54
C ARG C 427 30.18 -3.41 27.26
N PHE C 428 30.27 -2.22 27.83
CA PHE C 428 29.12 -1.57 28.46
C PHE C 428 27.88 -1.67 27.59
N LEU C 429 27.99 -1.25 26.32
CA LEU C 429 26.83 -1.26 25.43
C LEU C 429 26.33 -2.68 25.21
N GLU C 430 27.25 -3.63 25.10
CA GLU C 430 26.86 -5.00 24.83
C GLU C 430 26.10 -5.61 26.00
N LEU C 431 26.44 -5.23 27.23
CA LEU C 431 25.71 -5.74 28.37
C LEU C 431 24.32 -5.09 28.48
N LYS C 432 24.19 -3.83 28.06
CA LYS C 432 22.89 -3.17 28.10
C LYS C 432 22.00 -3.60 26.93
N PHE C 433 22.55 -3.62 25.73
CA PHE C 433 21.74 -3.86 24.53
C PHE C 433 21.91 -5.27 23.94
N GLY C 434 23.01 -5.94 24.20
CA GLY C 434 23.28 -7.23 23.59
C GLY C 434 24.49 -7.16 22.68
N PRO C 435 25.04 -8.32 22.32
CA PRO C 435 26.26 -8.33 21.49
C PRO C 435 25.99 -7.91 20.06
N GLY C 436 26.94 -7.16 19.50
CA GLY C 436 26.90 -6.72 18.13
C GLY C 436 26.02 -5.51 17.85
N VAL C 437 25.40 -4.91 18.87
CA VAL C 437 24.41 -3.86 18.64
C VAL C 437 25.04 -2.66 17.95
N ILE C 438 26.31 -2.36 18.24
CA ILE C 438 26.98 -1.25 17.57
C ILE C 438 27.03 -1.48 16.07
N GLU C 439 27.22 -2.74 15.66
CA GLU C 439 27.38 -3.08 14.24
C GLU C 439 26.06 -3.32 13.52
N ASN C 440 24.97 -3.55 14.25
CA ASN C 440 23.70 -3.95 13.67
C ASN C 440 22.62 -2.97 14.11
N PRO C 441 22.51 -1.82 13.46
CA PRO C 441 21.48 -0.84 13.84
C PRO C 441 20.09 -1.37 13.56
N GLN C 442 19.18 -1.09 14.48
CA GLN C 442 17.76 -1.42 14.29
C GLN C 442 17.15 -0.32 13.44
N TYR C 443 17.40 -0.40 12.13
CA TYR C 443 16.91 0.61 11.22
C TYR C 443 15.38 0.66 11.27
N PRO C 444 14.78 1.85 11.18
CA PRO C 444 13.31 1.94 11.16
C PRO C 444 12.71 1.04 10.09
N ASN C 445 11.55 0.48 10.40
CA ASN C 445 10.91 -0.53 9.55
C ASN C 445 9.45 -0.13 9.35
N PRO C 446 9.16 0.68 8.33
CA PRO C 446 7.76 1.08 8.09
C PRO C 446 6.82 -0.09 7.93
N ALA C 447 7.22 -1.13 7.20
CA ALA C 447 6.37 -2.31 7.02
C ALA C 447 6.02 -2.94 8.36
N LEU C 448 7.03 -3.18 9.20
CA LEU C 448 6.78 -3.79 10.50
C LEU C 448 5.93 -2.89 11.39
N LEU C 449 6.26 -1.60 11.43
CA LEU C 449 5.45 -0.65 12.18
C LEU C 449 4.00 -0.67 11.72
N SER C 450 3.79 -0.78 10.40
CA SER C 450 2.44 -0.92 9.87
C SER C 450 1.75 -2.17 10.40
N LEU C 451 2.52 -3.20 10.75
CA LEU C 451 1.97 -4.48 11.19
C LEU C 451 1.72 -4.50 12.69
N THR C 452 2.70 -4.09 13.49
CA THR C 452 2.57 -4.15 14.95
C THR C 452 1.75 -2.98 15.49
N GLY C 453 2.03 -1.77 15.01
CA GLY C 453 1.40 -0.58 15.55
C GLY C 453 2.41 0.33 16.21
N PRO D 7 -25.62 -2.45 -5.81
CA PRO D 7 -25.89 -1.71 -4.57
C PRO D 7 -24.66 -1.64 -3.66
N ARG D 8 -23.52 -1.27 -4.22
CA ARG D 8 -22.27 -1.20 -3.48
C ARG D 8 -21.95 0.26 -3.15
N VAL D 9 -21.70 0.54 -1.87
CA VAL D 9 -21.52 1.89 -1.37
C VAL D 9 -20.20 1.97 -0.62
N THR D 10 -19.42 3.03 -0.90
CA THR D 10 -18.17 3.28 -0.21
C THR D 10 -18.41 4.28 0.92
N VAL D 11 -18.02 3.88 2.13
CA VAL D 11 -18.06 4.78 3.28
C VAL D 11 -16.85 5.70 3.19
N LEU D 12 -17.09 7.01 3.22
CA LEU D 12 -16.04 8.01 3.08
C LEU D 12 -16.07 8.91 4.32
N VAL D 13 -14.97 8.88 5.07
CA VAL D 13 -14.86 9.62 6.33
C VAL D 13 -13.90 10.79 6.12
N ARG D 14 -14.37 12.01 6.42
CA ARG D 14 -13.55 13.20 6.20
C ARG D 14 -13.53 14.11 7.43
N GLU D 15 -14.62 14.14 8.19
CA GLU D 15 -14.76 15.09 9.29
C GLU D 15 -14.42 14.39 10.60
N PHE D 16 -13.19 14.59 11.05
CA PHE D 16 -12.73 14.08 12.34
C PHE D 16 -11.50 14.87 12.74
N GLU D 17 -11.17 14.81 14.04
CA GLU D 17 -9.99 15.47 14.57
C GLU D 17 -8.97 14.41 14.95
N ALA D 18 -7.72 14.62 14.54
CA ALA D 18 -6.66 13.66 14.87
C ALA D 18 -6.45 13.56 16.38
N PHE D 19 -6.58 14.67 17.11
CA PHE D 19 -6.28 14.63 18.54
C PHE D 19 -7.36 13.92 19.34
N ASP D 20 -8.54 13.72 18.77
CA ASP D 20 -9.68 13.17 19.49
C ASP D 20 -10.77 12.74 18.51
N ASN D 21 -10.89 11.45 18.24
CA ASN D 21 -11.87 10.98 17.28
C ASN D 21 -12.40 9.61 17.68
N ALA D 22 -13.44 9.19 16.97
CA ALA D 22 -14.03 7.86 17.10
C ALA D 22 -13.99 7.11 15.76
N VAL D 23 -13.02 7.47 14.91
CA VAL D 23 -12.93 6.85 13.59
C VAL D 23 -12.69 5.34 13.69
N PRO D 24 -11.80 4.83 14.56
CA PRO D 24 -11.64 3.37 14.64
C PRO D 24 -12.94 2.63 14.94
N GLU D 25 -13.74 3.12 15.89
CA GLU D 25 -15.03 2.50 16.16
C GLU D 25 -15.95 2.60 14.93
N LEU D 26 -15.99 3.78 14.30
CA LEU D 26 -16.79 3.97 13.10
C LEU D 26 -16.47 2.91 12.05
N VAL D 27 -15.19 2.72 11.75
CA VAL D 27 -14.80 1.80 10.69
C VAL D 27 -15.13 0.37 11.07
N ASP D 28 -14.86 -0.02 12.32
CA ASP D 28 -15.12 -1.39 12.74
C ASP D 28 -16.61 -1.72 12.75
N SER D 29 -17.46 -0.72 13.00
CA SER D 29 -18.90 -0.97 13.00
C SER D 29 -19.40 -1.33 11.60
N PHE D 30 -18.91 -0.62 10.57
CA PHE D 30 -19.30 -0.96 9.21
C PHE D 30 -18.69 -2.29 8.79
N LEU D 31 -17.48 -2.58 9.27
CA LEU D 31 -16.83 -3.84 8.92
C LEU D 31 -17.54 -5.04 9.52
N GLN D 32 -18.25 -4.84 10.64
CA GLN D 32 -18.98 -5.95 11.24
C GLN D 32 -20.21 -6.32 10.42
N GLN D 33 -20.85 -5.34 9.79
CA GLN D 33 -21.98 -5.65 8.93
C GLN D 33 -21.53 -6.32 7.63
N ASP D 34 -20.35 -5.94 7.12
CA ASP D 34 -19.77 -6.53 5.93
C ASP D 34 -18.24 -6.48 6.06
N PRO D 35 -17.57 -7.64 6.11
CA PRO D 35 -16.10 -7.62 6.27
C PRO D 35 -15.38 -7.00 5.09
N ALA D 36 -15.98 -7.03 3.89
CA ALA D 36 -15.38 -6.48 2.69
C ALA D 36 -15.92 -5.09 2.35
N GLN D 37 -16.58 -4.44 3.30
CA GLN D 37 -17.11 -3.11 3.10
C GLN D 37 -16.02 -2.14 2.68
N PRO D 38 -16.09 -1.53 1.50
CA PRO D 38 -15.08 -0.54 1.10
C PRO D 38 -15.20 0.71 1.97
N VAL D 39 -14.07 1.12 2.54
CA VAL D 39 -14.01 2.26 3.46
C VAL D 39 -12.79 3.10 3.09
N VAL D 40 -13.01 4.40 2.87
CA VAL D 40 -11.94 5.35 2.58
C VAL D 40 -11.96 6.42 3.67
N VAL D 41 -10.87 6.52 4.43
CA VAL D 41 -10.67 7.61 5.37
C VAL D 41 -9.74 8.62 4.71
N ALA D 42 -10.22 9.86 4.58
CA ALA D 42 -9.50 10.91 3.90
C ALA D 42 -8.94 11.91 4.92
N ALA D 43 -7.72 12.37 4.67
CA ALA D 43 -7.10 13.35 5.55
C ALA D 43 -6.11 14.16 4.73
N ASP D 44 -5.79 15.35 5.25
CA ASP D 44 -4.81 16.19 4.57
C ASP D 44 -3.39 15.69 4.84
N THR D 45 -3.10 15.36 6.09
CA THR D 45 -1.84 14.73 6.45
C THR D 45 -2.13 13.49 7.27
N LEU D 46 -1.14 12.62 7.36
CA LEU D 46 -1.25 11.39 8.13
C LEU D 46 -1.64 11.71 9.58
N PRO D 47 -2.81 11.25 10.04
CA PRO D 47 -3.21 11.59 11.41
C PRO D 47 -2.31 10.94 12.45
N TYR D 48 -1.97 11.74 13.47
CA TYR D 48 -1.25 11.26 14.65
C TYR D 48 -1.97 11.77 15.89
N PRO D 49 -2.17 10.93 16.91
CA PRO D 49 -1.79 9.51 17.05
C PRO D 49 -2.39 8.61 15.97
N PRO D 50 -1.79 7.43 15.76
CA PRO D 50 -2.20 6.58 14.63
C PRO D 50 -3.66 6.15 14.76
N LEU D 51 -4.39 6.25 13.64
CA LEU D 51 -5.75 5.73 13.59
C LEU D 51 -5.79 4.22 13.83
N ALA D 52 -4.73 3.52 13.43
CA ALA D 52 -4.62 2.07 13.62
C ALA D 52 -5.77 1.33 12.97
N LEU D 53 -6.18 1.80 11.79
CA LEU D 53 -7.23 1.14 11.02
C LEU D 53 -6.81 -0.31 10.71
N PRO D 54 -7.77 -1.17 10.40
CA PRO D 54 -7.41 -2.51 9.90
C PRO D 54 -6.65 -2.37 8.59
N ARG D 55 -5.48 -3.03 8.52
CA ARG D 55 -4.65 -2.99 7.31
C ARG D 55 -5.11 -4.06 6.34
N ILE D 56 -6.31 -3.84 5.80
CA ILE D 56 -6.95 -4.79 4.89
C ILE D 56 -7.22 -4.06 3.57
N PRO D 57 -7.28 -4.75 2.44
CA PRO D 57 -7.36 -4.05 1.15
C PRO D 57 -8.57 -3.15 0.98
N ASN D 58 -9.69 -3.45 1.63
CA ASN D 58 -10.90 -2.66 1.40
C ASN D 58 -10.98 -1.42 2.28
N VAL D 59 -10.06 -1.24 3.21
CA VAL D 59 -9.98 -0.05 4.06
C VAL D 59 -8.73 0.70 3.68
N ARG D 60 -8.89 1.97 3.27
CA ARG D 60 -7.78 2.73 2.72
C ARG D 60 -7.78 4.14 3.28
N LEU D 61 -6.57 4.66 3.45
CA LEU D 61 -6.34 6.02 3.95
C LEU D 61 -5.87 6.87 2.78
N ALA D 62 -6.66 7.89 2.43
CA ALA D 62 -6.35 8.76 1.30
C ALA D 62 -5.82 10.09 1.85
N LEU D 63 -4.55 10.37 1.58
CA LEU D 63 -3.91 11.62 2.00
C LEU D 63 -4.00 12.61 0.84
N LEU D 64 -4.60 13.76 1.10
CA LEU D 64 -4.99 14.68 0.04
C LEU D 64 -3.99 15.81 -0.20
N GLN D 65 -2.94 15.91 0.58
CA GLN D 65 -2.02 16.99 0.26
C GLN D 65 -0.94 16.53 -0.70
N PRO D 66 -0.36 17.44 -1.46
CA PRO D 66 0.76 17.07 -2.34
C PRO D 66 1.94 16.52 -1.56
N ALA D 67 2.73 15.69 -2.23
CA ALA D 67 3.89 15.05 -1.64
C ALA D 67 4.94 14.85 -2.73
N LEU D 68 6.20 15.05 -2.36
CA LEU D 68 7.29 14.94 -3.33
C LEU D 68 7.39 13.54 -3.93
N ASP D 69 6.95 12.51 -3.21
CA ASP D 69 7.16 11.12 -3.63
C ASP D 69 5.85 10.43 -4.00
N ARG D 70 4.89 11.15 -4.55
CA ARG D 70 3.60 10.55 -4.86
C ARG D 70 3.11 11.09 -6.20
N PRO D 71 2.42 10.25 -6.99
CA PRO D 71 1.84 10.75 -8.24
C PRO D 71 0.68 11.70 -7.96
N ALA D 72 0.32 12.44 -9.01
CA ALA D 72 -0.85 13.32 -8.93
C ALA D 72 -2.09 12.55 -8.49
N ALA D 73 -2.24 11.31 -8.97
CA ALA D 73 -3.44 10.54 -8.70
C ALA D 73 -3.59 10.23 -7.20
N ALA D 74 -2.47 10.16 -6.48
CA ALA D 74 -2.52 9.75 -5.07
C ALA D 74 -3.32 10.70 -4.19
N SER D 75 -3.53 11.94 -4.60
CA SER D 75 -4.31 12.88 -3.81
C SER D 75 -5.69 13.17 -4.39
N ARG D 76 -6.07 12.50 -5.48
CA ARG D 76 -7.38 12.71 -6.08
C ARG D 76 -8.34 11.64 -5.56
N PRO D 77 -9.33 12.00 -4.74
CA PRO D 77 -10.07 10.96 -3.99
C PRO D 77 -10.91 10.02 -4.83
N GLU D 78 -11.42 10.46 -6.00
CA GLU D 78 -12.21 9.55 -6.84
C GLU D 78 -11.43 8.29 -7.18
N THR D 79 -10.10 8.38 -7.23
CA THR D 79 -9.27 7.23 -7.56
C THR D 79 -9.25 6.19 -6.45
N TYR D 80 -9.73 6.53 -5.25
CA TYR D 80 -9.91 5.56 -4.17
C TYR D 80 -11.31 4.95 -4.13
N VAL D 81 -12.24 5.48 -4.91
CA VAL D 81 -13.65 5.07 -4.85
C VAL D 81 -13.99 4.41 -6.18
N ALA D 82 -14.27 3.10 -6.14
CA ALA D 82 -14.65 2.36 -7.32
C ALA D 82 -16.16 2.17 -7.47
N THR D 83 -16.92 2.36 -6.39
CA THR D 83 -18.34 2.04 -6.40
C THR D 83 -19.16 3.18 -7.00
N GLU D 84 -20.42 2.87 -7.29
CA GLU D 84 -21.32 3.86 -7.89
C GLU D 84 -21.75 4.91 -6.86
N PHE D 85 -21.94 4.50 -5.62
CA PHE D 85 -22.43 5.39 -4.57
C PHE D 85 -21.39 5.58 -3.48
N VAL D 86 -21.45 6.73 -2.82
CA VAL D 86 -20.54 7.07 -1.74
C VAL D 86 -21.34 7.69 -0.61
N ALA D 87 -20.98 7.35 0.62
CA ALA D 87 -21.68 7.83 1.82
C ALA D 87 -20.69 8.56 2.71
N LEU D 88 -20.87 9.87 2.85
CA LEU D 88 -20.07 10.67 3.77
C LEU D 88 -20.59 10.46 5.17
N VAL D 89 -19.75 9.93 6.05
CA VAL D 89 -20.11 9.62 7.43
C VAL D 89 -19.28 10.50 8.35
N PRO D 90 -19.91 11.30 9.21
CA PRO D 90 -19.14 12.10 10.17
C PRO D 90 -18.64 11.25 11.33
N ASP D 91 -17.55 11.72 11.92
CA ASP D 91 -17.06 11.11 13.16
C ASP D 91 -18.14 11.22 14.24
N GLY D 92 -18.26 10.17 15.05
CA GLY D 92 -19.32 10.08 16.03
C GLY D 92 -20.47 9.20 15.62
N ALA D 93 -20.53 8.77 14.37
CA ALA D 93 -21.54 7.85 13.88
C ALA D 93 -21.02 6.41 13.92
N ARG D 94 -21.94 5.47 14.05
CA ARG D 94 -21.59 4.06 13.98
C ARG D 94 -22.75 3.30 13.34
N ALA D 95 -22.42 2.24 12.63
CA ALA D 95 -23.41 1.37 12.02
C ALA D 95 -23.87 0.34 13.05
N GLU D 96 -25.18 0.28 13.27
CA GLU D 96 -25.74 -0.73 14.15
C GLU D 96 -26.62 -1.69 13.35
N ALA D 97 -27.82 -1.26 13.01
CA ALA D 97 -28.69 -2.08 12.17
C ALA D 97 -28.07 -2.25 10.78
N PRO D 98 -28.26 -3.40 10.15
CA PRO D 98 -27.68 -3.63 8.83
C PRO D 98 -28.58 -3.06 7.74
N GLY D 99 -28.00 -2.96 6.54
CA GLY D 99 -28.76 -2.55 5.38
C GLY D 99 -29.22 -1.11 5.38
N LEU D 100 -28.63 -0.24 6.21
CA LEU D 100 -29.03 1.16 6.19
C LEU D 100 -28.55 1.85 4.92
N LEU D 101 -27.31 1.56 4.50
CA LEU D 101 -26.79 2.18 3.28
C LEU D 101 -27.61 1.77 2.06
N GLU D 102 -28.01 0.49 2.00
CA GLU D 102 -28.85 0.04 0.89
C GLU D 102 -30.19 0.74 0.89
N ARG D 103 -30.79 0.93 2.07
CA ARG D 103 -32.05 1.65 2.16
C ARG D 103 -31.91 3.09 1.69
N MET D 104 -30.77 3.72 2.00
CA MET D 104 -30.52 5.07 1.51
C MET D 104 -30.35 5.10 0.00
N VAL D 105 -29.78 4.04 -0.59
CA VAL D 105 -29.59 4.01 -2.03
C VAL D 105 -30.93 3.89 -2.75
N GLU D 106 -31.79 2.98 -2.27
CA GLU D 106 -33.10 2.82 -2.90
C GLU D 106 -33.95 4.07 -2.71
N ALA D 107 -33.79 4.78 -1.58
CA ALA D 107 -34.46 6.06 -1.42
C ALA D 107 -33.99 7.06 -2.46
N LEU D 108 -32.68 7.10 -2.70
CA LEU D 108 -32.12 8.05 -3.67
C LEU D 108 -32.62 7.76 -5.07
N ARG D 109 -32.61 6.48 -5.47
CA ARG D 109 -33.10 6.12 -6.80
C ARG D 109 -34.60 6.35 -6.93
N ALA D 110 -35.35 6.16 -5.85
CA ALA D 110 -36.80 6.37 -5.90
C ALA D 110 -37.14 7.84 -6.02
N GLY D 111 -36.39 8.71 -5.34
CA GLY D 111 -36.75 10.11 -5.24
C GLY D 111 -36.26 10.95 -6.42
N SER D 112 -36.21 12.26 -6.19
CA SER D 112 -35.75 13.21 -7.19
C SER D 112 -34.63 14.10 -6.70
N ALA D 113 -34.20 13.95 -5.44
CA ALA D 113 -33.08 14.69 -4.90
C ALA D 113 -31.79 13.93 -5.17
N ARG D 114 -30.77 14.64 -5.65
CA ARG D 114 -29.50 13.98 -5.96
C ARG D 114 -28.70 13.61 -4.72
N LEU D 115 -29.10 14.11 -3.55
CA LEU D 115 -28.46 13.75 -2.29
C LEU D 115 -29.55 13.32 -1.32
N VAL D 116 -29.30 12.22 -0.60
CA VAL D 116 -30.14 11.84 0.51
C VAL D 116 -29.27 11.84 1.77
N ALA D 117 -29.92 12.04 2.91
CA ALA D 117 -29.19 12.18 4.15
C ALA D 117 -29.98 11.54 5.28
N ALA D 118 -29.25 10.97 6.24
CA ALA D 118 -29.84 10.35 7.42
C ALA D 118 -29.14 10.93 8.64
N PRO D 119 -29.86 11.59 9.53
CA PRO D 119 -29.20 12.18 10.70
C PRO D 119 -28.57 11.13 11.59
N VAL D 120 -27.48 11.51 12.23
CA VAL D 120 -26.87 10.71 13.29
C VAL D 120 -27.42 11.20 14.62
N ALA D 121 -27.73 10.26 15.51
CA ALA D 121 -28.35 10.59 16.79
C ALA D 121 -27.31 11.08 17.80
N THR D 122 -26.61 12.15 17.41
CA THR D 122 -25.68 12.82 18.30
C THR D 122 -26.43 13.89 19.09
N ALA D 123 -25.68 14.77 19.75
CA ALA D 123 -26.30 15.92 20.40
C ALA D 123 -26.78 16.95 19.39
N ASN D 124 -26.31 16.87 18.14
CA ASN D 124 -26.67 17.83 17.11
C ASN D 124 -27.00 17.08 15.82
N PRO D 125 -28.15 16.43 15.77
CA PRO D 125 -28.55 15.73 14.54
C PRO D 125 -29.00 16.70 13.47
N ALA D 126 -28.75 16.32 12.22
CA ALA D 126 -28.90 17.24 11.09
C ALA D 126 -30.33 17.76 10.98
N ARG D 127 -30.44 19.05 10.70
CA ARG D 127 -31.71 19.70 10.43
C ARG D 127 -31.68 20.29 9.02
N CYS D 128 -32.84 20.35 8.39
CA CYS D 128 -32.96 20.95 7.07
C CYS D 128 -32.72 22.46 7.15
N LEU D 129 -32.18 23.01 6.06
CA LEU D 129 -32.01 24.45 5.93
C LEU D 129 -32.17 24.86 4.47
N ALA D 130 -32.70 26.05 4.27
CA ALA D 130 -32.63 26.71 2.98
C ALA D 130 -31.30 27.42 2.83
N LEU D 131 -30.85 27.54 1.59
CA LEU D 131 -29.54 28.13 1.32
C LEU D 131 -29.50 28.66 -0.11
N ASN D 132 -29.06 29.93 -0.23
CA ASN D 132 -29.04 30.74 -1.44
C ASN D 132 -27.64 31.29 -1.55
N VAL D 133 -26.91 30.94 -2.62
CA VAL D 133 -25.55 31.43 -2.77
C VAL D 133 -25.49 32.50 -3.85
N SER D 134 -24.89 33.65 -3.52
CA SER D 134 -24.74 34.73 -4.49
C SER D 134 -23.25 35.07 -4.59
N LEU D 135 -22.56 34.44 -5.56
CA LEU D 135 -21.14 34.72 -5.74
C LEU D 135 -20.91 36.18 -6.09
N ARG D 136 -21.75 36.73 -6.96
CA ARG D 136 -21.66 38.14 -7.32
C ARG D 136 -21.60 39.03 -6.09
N GLU D 137 -22.36 38.68 -5.04
CA GLU D 137 -22.41 39.45 -3.81
C GLU D 137 -21.53 38.86 -2.71
N TRP D 138 -20.76 37.82 -3.01
CA TRP D 138 -19.87 37.18 -2.04
C TRP D 138 -20.64 36.70 -0.80
N THR D 139 -21.88 36.27 -0.97
CA THR D 139 -22.77 36.04 0.17
C THR D 139 -23.46 34.69 0.06
N ALA D 140 -23.60 34.02 1.22
CA ALA D 140 -24.47 32.86 1.38
C ALA D 140 -25.50 33.16 2.45
N ARG D 141 -26.76 32.98 2.12
CA ARG D 141 -27.85 33.23 3.04
C ARG D 141 -28.54 31.92 3.37
N TYR D 142 -28.65 31.62 4.67
CA TYR D 142 -29.34 30.44 5.15
C TYR D 142 -30.66 30.84 5.78
N GLY D 143 -31.57 29.88 5.87
CA GLY D 143 -32.84 30.10 6.54
C GLY D 143 -33.55 28.79 6.77
N ALA D 144 -34.72 28.91 7.41
CA ALA D 144 -35.58 27.74 7.57
C ALA D 144 -36.03 27.24 6.20
N ALA D 145 -36.08 25.92 6.04
CA ALA D 145 -36.41 25.33 4.76
C ALA D 145 -37.92 25.17 4.63
N PRO D 146 -38.57 25.80 3.66
CA PRO D 146 -40.02 25.68 3.55
C PRO D 146 -40.49 24.29 3.12
N ALA D 147 -39.71 23.61 2.27
CA ALA D 147 -40.14 22.36 1.67
C ALA D 147 -39.53 21.14 2.36
N ALA D 148 -39.14 21.25 3.63
CA ALA D 148 -38.62 20.10 4.35
C ALA D 148 -39.63 18.96 4.30
N PRO D 149 -39.17 17.70 4.15
CA PRO D 149 -37.80 17.18 4.26
C PRO D 149 -36.89 17.39 3.04
N ARG D 150 -37.29 18.22 2.09
CA ARG D 150 -36.45 18.59 0.96
C ARG D 150 -35.81 19.94 1.26
N CYS D 151 -34.47 19.99 1.25
CA CYS D 151 -33.77 21.23 1.60
C CYS D 151 -32.53 21.39 0.74
N ASP D 152 -31.92 22.57 0.89
CA ASP D 152 -30.70 22.94 0.18
C ASP D 152 -29.44 22.56 0.94
N ALA D 153 -29.51 22.57 2.27
CA ALA D 153 -28.33 22.34 3.10
C ALA D 153 -28.76 21.72 4.41
N LEU D 154 -27.79 21.21 5.15
CA LEU D 154 -28.01 20.60 6.45
C LEU D 154 -27.14 21.28 7.49
N ASP D 155 -27.69 21.45 8.69
CA ASP D 155 -26.92 21.86 9.86
C ASP D 155 -26.91 20.70 10.84
N GLY D 156 -25.74 20.20 11.17
CA GLY D 156 -25.60 19.11 12.12
C GLY D 156 -25.09 17.85 11.45
N ASP D 157 -25.18 16.77 12.21
CA ASP D 157 -24.54 15.50 11.84
C ASP D 157 -25.48 14.65 11.01
N ALA D 158 -24.98 14.14 9.88
CA ALA D 158 -25.75 13.25 9.03
C ALA D 158 -24.82 12.44 8.15
N VAL D 159 -25.25 11.24 7.81
CA VAL D 159 -24.68 10.50 6.69
C VAL D 159 -25.31 11.02 5.41
N VAL D 160 -24.48 11.44 4.46
CA VAL D 160 -24.95 11.93 3.17
C VAL D 160 -24.53 10.93 2.10
N LEU D 161 -25.47 10.57 1.24
CA LEU D 161 -25.23 9.60 0.18
C LEU D 161 -25.54 10.23 -1.16
N LEU D 162 -24.64 10.06 -2.12
CA LEU D 162 -24.84 10.53 -3.48
C LEU D 162 -24.00 9.65 -4.40
N ARG D 163 -24.19 9.82 -5.70
CA ARG D 163 -23.38 9.08 -6.66
C ARG D 163 -21.97 9.65 -6.71
N ALA D 164 -21.00 8.76 -6.89
CA ALA D 164 -19.60 9.17 -6.88
C ALA D 164 -19.29 10.12 -8.03
N ARG D 165 -19.90 9.90 -9.19
CA ARG D 165 -19.72 10.82 -10.30
C ARG D 165 -20.23 12.22 -9.96
N ASP D 166 -21.27 12.31 -9.13
CA ASP D 166 -21.79 13.62 -8.73
C ASP D 166 -20.87 14.28 -7.72
N LEU D 167 -20.41 13.53 -6.71
CA LEU D 167 -19.57 14.11 -5.68
C LEU D 167 -18.25 14.60 -6.23
N PHE D 168 -17.60 13.77 -7.05
CA PHE D 168 -16.22 14.04 -7.44
C PHE D 168 -16.08 14.91 -8.68
N ASN D 169 -17.18 15.29 -9.30
CA ASN D 169 -17.11 16.33 -10.32
C ASN D 169 -17.22 17.73 -9.72
N LEU D 170 -17.58 17.85 -8.44
CA LEU D 170 -17.53 19.13 -7.76
C LEU D 170 -16.08 19.64 -7.72
N SER D 171 -15.94 20.96 -7.60
CA SER D 171 -14.60 21.53 -7.64
C SER D 171 -13.80 21.22 -6.37
N ALA D 172 -14.48 21.10 -5.23
CA ALA D 172 -13.82 20.88 -3.95
C ALA D 172 -14.66 19.93 -3.12
N PRO D 173 -14.69 18.64 -3.50
CA PRO D 173 -15.68 17.73 -2.90
C PRO D 173 -15.43 17.44 -1.43
N LEU D 174 -14.19 17.44 -0.97
CA LEU D 174 -13.86 17.07 0.40
C LEU D 174 -13.27 18.23 1.20
N ALA D 175 -13.48 19.47 0.75
CA ALA D 175 -12.99 20.62 1.51
C ALA D 175 -13.73 20.71 2.85
N ARG D 176 -12.98 20.99 3.89
CA ARG D 176 -13.53 21.05 5.23
C ARG D 176 -13.89 22.49 5.60
N PRO D 177 -14.95 22.70 6.41
CA PRO D 177 -15.89 21.68 6.90
C PRO D 177 -16.82 21.18 5.80
N VAL D 178 -16.96 19.85 5.68
CA VAL D 178 -17.78 19.26 4.64
C VAL D 178 -19.21 19.78 4.72
N GLY D 179 -19.73 19.92 5.94
CA GLY D 179 -21.10 20.37 6.11
C GLY D 179 -21.37 21.75 5.54
N THR D 180 -20.34 22.60 5.45
CA THR D 180 -20.46 23.90 4.81
C THR D 180 -20.12 23.81 3.33
N SER D 181 -18.95 23.22 3.02
CA SER D 181 -18.43 23.23 1.65
C SER D 181 -19.33 22.46 0.69
N LEU D 182 -19.88 21.33 1.14
CA LEU D 182 -20.60 20.46 0.20
C LEU D 182 -21.89 21.11 -0.28
N PHE D 183 -22.67 21.66 0.65
CA PHE D 183 -23.97 22.20 0.29
C PHE D 183 -23.87 23.58 -0.38
N LEU D 184 -22.80 24.33 -0.13
CA LEU D 184 -22.54 25.51 -0.94
C LEU D 184 -22.43 25.12 -2.41
N GLN D 185 -21.72 24.03 -2.70
CA GLN D 185 -21.51 23.62 -4.08
C GLN D 185 -22.75 23.00 -4.69
N THR D 186 -23.48 22.19 -3.92
CA THR D 186 -24.67 21.55 -4.46
C THR D 186 -25.86 22.52 -4.55
N ALA D 187 -25.98 23.46 -3.62
CA ALA D 187 -27.06 24.44 -3.72
C ALA D 187 -26.85 25.37 -4.91
N LEU D 188 -25.60 25.75 -5.16
CA LEU D 188 -25.29 26.59 -6.31
C LEU D 188 -25.67 25.92 -7.63
N ARG D 189 -25.57 24.60 -7.69
CA ARG D 189 -25.96 23.84 -8.87
C ARG D 189 -27.44 23.51 -8.90
N GLY D 190 -28.21 23.97 -7.92
CA GLY D 190 -29.63 23.67 -7.88
C GLY D 190 -29.97 22.27 -7.43
N TRP D 191 -29.04 21.56 -6.80
CA TRP D 191 -29.33 20.23 -6.29
C TRP D 191 -29.99 20.33 -4.92
N ALA D 192 -30.77 19.30 -4.58
CA ALA D 192 -31.45 19.23 -3.30
C ALA D 192 -30.99 18.00 -2.53
N VAL D 193 -31.10 18.07 -1.21
CA VAL D 193 -30.82 16.93 -0.34
C VAL D 193 -32.12 16.57 0.37
N GLN D 194 -32.47 15.28 0.34
CA GLN D 194 -33.68 14.78 0.98
C GLN D 194 -33.29 14.22 2.34
N LEU D 195 -33.78 14.85 3.40
CA LEU D 195 -33.50 14.41 4.77
C LEU D 195 -34.41 13.23 5.08
N LEU D 196 -33.89 12.02 4.92
CA LEU D 196 -34.67 10.81 5.12
C LEU D 196 -35.04 10.61 6.58
N ASP D 197 -35.88 9.62 6.84
CA ASP D 197 -36.31 9.32 8.20
C ASP D 197 -35.39 8.33 8.91
N LEU D 198 -34.42 7.75 8.21
CA LEU D 198 -33.50 6.85 8.87
C LEU D 198 -32.61 7.60 9.85
N THR D 199 -32.06 6.86 10.81
CA THR D 199 -31.16 7.43 11.81
C THR D 199 -30.01 6.48 12.02
N PHE D 200 -28.79 7.02 11.99
CA PHE D 200 -27.61 6.27 12.40
C PHE D 200 -27.36 6.50 13.88
N ALA D 201 -26.98 5.44 14.58
CA ALA D 201 -26.67 5.56 15.99
C ALA D 201 -25.37 6.32 16.20
N ALA D 202 -25.19 6.81 17.43
CA ALA D 202 -23.96 7.48 17.80
C ALA D 202 -22.91 6.47 18.25
N ALA D 203 -21.65 6.89 18.19
CA ALA D 203 -20.57 6.05 18.68
C ALA D 203 -20.78 5.73 20.15
N ARG D 204 -20.51 4.49 20.53
CA ARG D 204 -20.70 4.07 21.91
C ARG D 204 -19.71 4.74 22.85
N GLN D 205 -18.56 5.18 22.33
CA GLN D 205 -17.61 6.01 23.06
C GLN D 205 -17.36 7.25 22.21
N PRO D 206 -18.16 8.29 22.38
CA PRO D 206 -18.12 9.43 21.46
C PRO D 206 -16.84 10.24 21.63
N PRO D 207 -16.42 10.96 20.60
CA PRO D 207 -15.24 11.82 20.72
C PRO D 207 -15.59 13.17 21.34
N LEU D 208 -14.53 13.89 21.73
CA LEU D 208 -14.67 15.21 22.35
C LEU D 208 -15.56 15.15 23.59
N ALA D 209 -15.21 14.23 24.50
CA ALA D 209 -16.04 13.98 25.68
C ALA D 209 -15.82 15.01 26.78
N THR D 210 -14.65 15.63 26.83
CA THR D 210 -14.37 16.64 27.84
C THR D 210 -14.67 18.04 27.29
N ALA D 211 -14.71 19.01 28.20
CA ALA D 211 -14.97 20.38 27.79
C ALA D 211 -13.76 21.00 27.09
N HIS D 212 -12.55 20.67 27.55
CA HIS D 212 -11.35 21.15 26.89
C HIS D 212 -11.28 20.64 25.45
N ALA D 213 -11.47 19.34 25.27
CA ALA D 213 -11.42 18.75 23.93
C ALA D 213 -12.40 19.42 22.99
N ARG D 214 -13.65 19.58 23.44
CA ARG D 214 -14.68 20.16 22.57
C ARG D 214 -14.35 21.60 22.22
N TRP D 215 -13.83 22.36 23.18
CA TRP D 215 -13.47 23.76 22.92
C TRP D 215 -12.28 23.85 21.96
N LYS D 216 -11.32 22.94 22.11
CA LYS D 216 -10.21 22.86 21.16
C LYS D 216 -10.70 22.55 19.76
N ALA D 217 -11.63 21.62 19.62
CA ALA D 217 -12.13 21.24 18.30
C ALA D 217 -12.93 22.36 17.68
N GLU D 218 -13.75 23.07 18.47
CA GLU D 218 -14.56 24.14 17.92
C GLU D 218 -13.70 25.30 17.44
N ARG D 219 -12.59 25.59 18.15
CA ARG D 219 -11.71 26.67 17.74
C ARG D 219 -11.03 26.35 16.40
N GLU D 220 -10.52 25.12 16.25
CA GLU D 220 -9.88 24.75 14.99
C GLU D 220 -10.90 24.57 13.88
N GLY D 221 -12.13 24.19 14.21
CA GLY D 221 -13.18 24.11 13.20
C GLY D 221 -13.59 25.48 12.70
N ARG D 222 -13.69 26.46 13.61
CA ARG D 222 -13.98 27.82 13.19
C ARG D 222 -12.87 28.38 12.30
N ALA D 223 -11.62 28.01 12.56
CA ALA D 223 -10.52 28.43 11.71
C ALA D 223 -10.61 27.80 10.32
N ARG D 224 -10.94 26.50 10.25
CA ARG D 224 -11.09 25.85 8.95
C ARG D 224 -12.25 26.44 8.16
N ARG D 225 -13.38 26.69 8.83
CA ARG D 225 -14.52 27.30 8.15
C ARG D 225 -14.17 28.67 7.59
N ALA D 226 -13.41 29.46 8.36
CA ALA D 226 -13.03 30.80 7.90
C ALA D 226 -12.10 30.72 6.70
N ALA D 227 -11.13 29.79 6.73
CA ALA D 227 -10.22 29.64 5.59
C ALA D 227 -10.95 29.12 4.36
N LEU D 228 -11.93 28.24 4.57
CA LEU D 228 -12.73 27.74 3.45
C LEU D 228 -13.50 28.88 2.77
N LEU D 229 -14.25 29.66 3.55
CA LEU D 229 -15.07 30.72 2.96
C LEU D 229 -14.20 31.76 2.26
N ARG D 230 -13.04 32.09 2.84
CA ARG D 230 -12.15 33.03 2.19
C ARG D 230 -11.62 32.48 0.88
N ALA D 231 -11.29 31.19 0.84
CA ALA D 231 -10.78 30.60 -0.38
C ALA D 231 -11.85 30.51 -1.47
N LEU D 232 -13.12 30.39 -1.10
CA LEU D 232 -14.20 30.19 -2.05
C LEU D 232 -14.96 31.46 -2.39
N GLY D 233 -14.61 32.60 -1.78
CA GLY D 233 -15.26 33.84 -2.14
C GLY D 233 -16.57 34.12 -1.43
N ILE D 234 -16.74 33.64 -0.21
CA ILE D 234 -17.87 33.98 0.63
C ILE D 234 -17.35 34.91 1.71
N ARG D 235 -17.68 36.20 1.60
CA ARG D 235 -17.30 37.18 2.60
C ARG D 235 -18.32 37.33 3.69
N LEU D 236 -19.55 36.85 3.48
CA LEU D 236 -20.64 37.09 4.40
C LEU D 236 -21.55 35.87 4.41
N VAL D 237 -21.74 35.29 5.58
CA VAL D 237 -22.79 34.32 5.83
C VAL D 237 -23.86 35.01 6.66
N SER D 238 -25.10 34.95 6.20
CA SER D 238 -26.21 35.57 6.91
C SER D 238 -27.31 34.54 7.11
N TRP D 239 -28.13 34.79 8.12
CA TRP D 239 -29.19 33.89 8.51
C TRP D 239 -30.52 34.63 8.54
N GLU D 240 -31.60 33.89 8.25
CA GLU D 240 -32.93 34.37 8.61
C GLU D 240 -32.95 34.69 10.10
N GLY D 241 -33.45 35.87 10.43
CA GLY D 241 -33.39 36.39 11.79
C GLY D 241 -32.40 37.51 11.97
N GLY D 242 -31.40 37.62 11.09
CA GLY D 242 -30.50 38.75 11.09
C GLY D 242 -29.05 38.45 11.41
N ARG D 243 -28.73 37.28 11.96
CA ARG D 243 -27.35 37.01 12.35
C ARG D 243 -26.43 37.07 11.14
N LEU D 244 -25.29 37.74 11.31
CA LEU D 244 -24.31 37.93 10.24
C LEU D 244 -22.98 37.33 10.68
N GLU D 245 -22.31 36.68 9.73
CA GLU D 245 -20.98 36.12 9.93
C GLU D 245 -20.05 36.73 8.90
N TRP D 246 -19.04 37.47 9.35
CA TRP D 246 -18.15 38.19 8.45
C TRP D 246 -16.84 37.42 8.25
N PHE D 247 -16.36 37.42 7.01
CA PHE D 247 -15.13 36.73 6.64
C PHE D 247 -14.34 37.55 5.63
N GLY D 248 -14.29 38.87 5.82
CA GLY D 248 -13.60 39.75 4.91
C GLY D 248 -12.73 40.75 5.66
N CYS D 249 -12.61 41.94 5.08
CA CYS D 249 -11.76 42.98 5.64
C CYS D 249 -12.41 43.62 6.86
N ASN D 250 -11.60 44.35 7.61
CA ASN D 250 -12.07 45.09 8.78
C ASN D 250 -11.10 46.25 9.02
N LYS D 251 -11.22 46.88 10.20
CA LYS D 251 -10.46 48.08 10.49
C LYS D 251 -8.96 47.80 10.57
N GLU D 252 -8.57 46.59 10.95
CA GLU D 252 -7.16 46.27 11.16
C GLU D 252 -6.52 45.55 9.98
N THR D 253 -7.26 45.33 8.90
CA THR D 253 -6.72 44.70 7.70
C THR D 253 -6.70 45.71 6.54
N THR D 254 -6.16 45.26 5.41
CA THR D 254 -6.32 46.00 4.18
C THR D 254 -7.70 45.72 3.60
N ARG D 255 -8.14 46.61 2.71
CA ARG D 255 -9.38 46.32 1.98
C ARG D 255 -9.16 45.14 1.03
N CYS D 256 -10.26 44.62 0.52
CA CYS D 256 -10.19 43.31 -0.14
C CYS D 256 -9.55 43.37 -1.52
N PHE D 257 -9.60 44.52 -2.21
CA PHE D 257 -9.21 44.50 -3.62
C PHE D 257 -7.95 45.29 -3.96
N GLY D 258 -7.54 46.25 -3.15
CA GLY D 258 -6.33 47.00 -3.42
C GLY D 258 -6.42 47.86 -4.67
N THR D 259 -5.28 48.47 -5.01
CA THR D 259 -5.25 49.63 -5.90
C THR D 259 -6.00 49.38 -7.21
N VAL D 260 -6.97 50.25 -7.48
CA VAL D 260 -7.72 50.22 -8.73
C VAL D 260 -6.89 50.88 -9.82
N VAL D 261 -6.95 50.33 -11.03
CA VAL D 261 -6.35 50.94 -12.21
C VAL D 261 -7.44 51.11 -13.26
N GLY D 262 -7.41 52.25 -13.95
CA GLY D 262 -8.38 52.52 -14.99
C GLY D 262 -9.82 52.54 -14.51
N ASP D 263 -10.04 52.90 -13.24
CA ASP D 263 -11.39 53.05 -12.69
C ASP D 263 -12.20 51.76 -12.80
N THR D 264 -11.54 50.61 -12.74
CA THR D 264 -12.22 49.31 -12.77
C THR D 264 -11.56 48.41 -11.73
N PRO D 265 -12.18 48.23 -10.57
CA PRO D 265 -11.58 47.40 -9.53
C PRO D 265 -11.51 45.94 -9.94
N ALA D 266 -10.66 45.20 -9.22
CA ALA D 266 -10.39 43.81 -9.60
C ALA D 266 -11.65 42.94 -9.58
N TYR D 267 -12.57 43.19 -8.65
CA TYR D 267 -13.72 42.31 -8.52
C TYR D 267 -14.64 42.35 -9.73
N LEU D 268 -14.60 43.42 -10.52
CA LEU D 268 -15.46 43.50 -11.70
C LEU D 268 -14.99 42.52 -12.78
N TYR D 269 -13.68 42.33 -12.92
CA TYR D 269 -13.17 41.35 -13.87
C TYR D 269 -13.45 39.92 -13.42
N GLU D 270 -13.64 39.71 -12.12
CA GLU D 270 -14.05 38.42 -11.61
C GLU D 270 -15.56 38.22 -11.67
N GLU D 271 -16.25 39.09 -12.42
CA GLU D 271 -17.70 39.04 -12.59
C GLU D 271 -18.43 39.05 -11.25
N ARG D 272 -17.88 39.81 -10.30
CA ARG D 272 -18.47 40.01 -8.99
C ARG D 272 -18.64 41.51 -8.75
N TRP D 273 -19.41 41.84 -7.72
CA TRP D 273 -19.61 43.20 -7.29
C TRP D 273 -18.68 43.48 -6.10
N THR D 274 -18.90 44.60 -5.42
CA THR D 274 -18.05 44.97 -4.29
C THR D 274 -18.25 43.98 -3.14
N PRO D 275 -17.18 43.49 -2.53
CA PRO D 275 -17.31 42.63 -1.36
C PRO D 275 -18.13 43.31 -0.28
N PRO D 276 -19.06 42.59 0.35
CA PRO D 276 -19.96 43.24 1.31
C PRO D 276 -19.24 43.82 2.52
N CYS D 277 -18.11 43.25 2.90
CA CYS D 277 -17.33 43.81 4.00
C CYS D 277 -16.78 45.17 3.62
N CYS D 278 -16.37 45.35 2.36
CA CYS D 278 -15.89 46.65 1.91
C CYS D 278 -17.01 47.69 1.91
N LEU D 279 -18.21 47.31 1.45
CA LEU D 279 -19.35 48.21 1.50
C LEU D 279 -19.70 48.57 2.94
N ARG D 280 -19.60 47.60 3.85
CA ARG D 280 -19.86 47.88 5.26
C ARG D 280 -18.90 48.94 5.80
N ALA D 281 -17.62 48.81 5.47
CA ALA D 281 -16.64 49.80 5.93
C ALA D 281 -16.90 51.16 5.32
N LEU D 282 -17.30 51.20 4.05
CA LEU D 282 -17.64 52.47 3.40
C LEU D 282 -18.85 53.11 4.07
N ARG D 283 -19.89 52.33 4.35
CA ARG D 283 -21.06 52.87 5.03
C ARG D 283 -20.69 53.41 6.41
N GLU D 284 -19.86 52.67 7.15
CA GLU D 284 -19.47 53.10 8.48
C GLU D 284 -18.59 54.35 8.43
N THR D 285 -17.75 54.46 7.39
CA THR D 285 -16.95 55.66 7.23
C THR D 285 -17.80 56.85 6.80
N ALA D 286 -18.77 56.61 5.91
CA ALA D 286 -19.70 57.67 5.52
C ALA D 286 -20.48 58.18 6.72
N ARG D 287 -20.95 57.27 7.57
CA ARG D 287 -21.67 57.70 8.77
C ARG D 287 -20.77 58.49 9.70
N TYR D 288 -19.53 58.02 9.90
CA TYR D 288 -18.62 58.71 10.80
C TYR D 288 -18.29 60.10 10.29
N VAL D 289 -17.94 60.22 9.00
CA VAL D 289 -17.53 61.50 8.44
C VAL D 289 -18.68 62.50 8.48
N VAL D 290 -19.88 62.07 8.07
CA VAL D 290 -21.05 62.93 8.15
C VAL D 290 -21.24 63.43 9.58
N GLY D 291 -21.12 62.52 10.56
CA GLY D 291 -21.25 62.93 11.95
C GLY D 291 -20.23 63.99 12.33
N VAL D 292 -18.98 63.79 11.91
CA VAL D 292 -17.93 64.78 12.20
C VAL D 292 -18.27 66.11 11.53
N LEU D 293 -18.69 66.06 10.26
CA LEU D 293 -19.00 67.28 9.52
C LEU D 293 -20.19 68.02 10.13
N GLU D 294 -21.26 67.29 10.47
CA GLU D 294 -22.41 67.93 11.10
C GLU D 294 -22.06 68.47 12.48
N ALA D 295 -21.16 67.80 13.20
CA ALA D 295 -20.73 68.30 14.51
C ALA D 295 -19.99 69.62 14.36
N ALA D 296 -19.13 69.73 13.35
CA ALA D 296 -18.36 70.95 13.13
C ALA D 296 -19.16 72.03 12.40
N GLY D 297 -20.41 71.75 12.04
CA GLY D 297 -21.19 72.74 11.32
C GLY D 297 -20.79 72.94 9.89
N VAL D 298 -20.32 71.89 9.22
CA VAL D 298 -19.91 71.97 7.83
C VAL D 298 -21.09 71.56 6.95
N ARG D 299 -21.36 72.35 5.92
CA ARG D 299 -22.42 72.03 4.98
C ARG D 299 -21.95 70.94 4.03
N TYR D 300 -22.64 69.81 4.04
CA TYR D 300 -22.34 68.69 3.14
C TYR D 300 -23.59 68.29 2.39
N TRP D 301 -23.37 67.64 1.24
CA TRP D 301 -24.46 67.01 0.50
C TRP D 301 -23.91 65.81 -0.26
N LEU D 302 -24.78 64.82 -0.48
CA LEU D 302 -24.40 63.67 -1.26
C LEU D 302 -24.07 64.08 -2.69
N GLU D 303 -23.04 63.45 -3.26
CA GLU D 303 -22.58 63.78 -4.60
C GLU D 303 -22.40 62.51 -5.42
N GLY D 304 -22.36 62.71 -6.74
CA GLY D 304 -22.00 61.65 -7.67
C GLY D 304 -22.77 60.37 -7.47
N GLY D 305 -22.05 59.24 -7.54
CA GLY D 305 -22.67 57.94 -7.39
C GLY D 305 -23.28 57.68 -6.03
N SER D 306 -22.83 58.40 -5.00
CA SER D 306 -23.43 58.25 -3.68
C SER D 306 -24.85 58.82 -3.66
N LEU D 307 -25.03 60.01 -4.23
CA LEU D 307 -26.38 60.55 -4.38
C LEU D 307 -27.22 59.66 -5.29
N LEU D 308 -26.63 59.16 -6.36
CA LEU D 308 -27.35 58.27 -7.26
C LEU D 308 -27.84 57.03 -6.53
N GLY D 309 -26.95 56.35 -5.81
CA GLY D 309 -27.36 55.18 -5.04
C GLY D 309 -28.39 55.53 -3.98
N ALA D 310 -28.24 56.68 -3.34
CA ALA D 310 -29.24 57.13 -2.37
C ALA D 310 -30.60 57.29 -3.03
N ALA D 311 -30.65 57.91 -4.21
CA ALA D 311 -31.92 58.09 -4.90
C ALA D 311 -32.49 56.76 -5.38
N ARG D 312 -31.62 55.85 -5.83
CA ARG D 312 -32.09 54.59 -6.40
C ARG D 312 -32.65 53.66 -5.33
N HIS D 313 -31.83 53.32 -4.33
CA HIS D 313 -32.27 52.38 -3.31
C HIS D 313 -31.77 52.76 -1.92
N GLY D 314 -31.35 53.99 -1.72
CA GLY D 314 -30.91 54.44 -0.41
C GLY D 314 -29.66 53.79 0.11
N ASP D 315 -28.73 53.44 -0.78
CA ASP D 315 -27.52 52.74 -0.35
C ASP D 315 -26.43 52.96 -1.39
N ILE D 316 -25.23 52.51 -1.05
CA ILE D 316 -24.12 52.53 -2.00
C ILE D 316 -24.45 51.61 -3.17
N ILE D 317 -24.19 52.08 -4.38
CA ILE D 317 -24.34 51.26 -5.58
C ILE D 317 -23.47 50.02 -5.39
N PRO D 318 -24.04 48.82 -5.50
CA PRO D 318 -23.35 47.63 -4.97
C PRO D 318 -22.05 47.27 -5.67
N TRP D 319 -21.67 47.98 -6.74
CA TRP D 319 -20.37 47.77 -7.36
C TRP D 319 -19.46 48.99 -7.24
N ASP D 320 -19.89 50.04 -6.56
CA ASP D 320 -19.03 51.17 -6.29
C ASP D 320 -18.10 50.86 -5.13
N TYR D 321 -17.03 51.65 -5.03
CA TYR D 321 -16.00 51.36 -4.02
C TYR D 321 -15.54 52.61 -3.27
N ASP D 322 -16.33 53.68 -3.29
CA ASP D 322 -16.04 54.87 -2.50
C ASP D 322 -17.33 55.65 -2.33
N VAL D 323 -17.24 56.74 -1.57
CA VAL D 323 -18.37 57.64 -1.33
C VAL D 323 -17.92 59.06 -1.61
N ASP D 324 -18.77 59.83 -2.29
CA ASP D 324 -18.46 61.20 -2.67
C ASP D 324 -19.45 62.14 -2.01
N LEU D 325 -18.91 63.13 -1.29
CA LEU D 325 -19.71 64.19 -0.68
C LEU D 325 -19.20 65.53 -1.15
N GLY D 326 -20.13 66.46 -1.39
CA GLY D 326 -19.77 67.84 -1.62
C GLY D 326 -19.86 68.64 -0.33
N ILE D 327 -18.99 69.63 -0.20
CA ILE D 327 -19.01 70.52 0.96
C ILE D 327 -18.81 71.96 0.50
N TYR D 328 -19.29 72.89 1.30
CA TYR D 328 -19.01 74.29 1.05
C TYR D 328 -17.56 74.59 1.41
N LEU D 329 -16.82 75.17 0.46
CA LEU D 329 -15.42 75.51 0.69
C LEU D 329 -15.27 76.44 1.88
N GLU D 330 -16.29 77.25 2.16
CA GLU D 330 -16.20 78.26 3.21
C GLU D 330 -16.20 77.67 4.61
N ASP D 331 -16.84 76.51 4.80
CA ASP D 331 -16.96 75.90 6.12
C ASP D 331 -15.80 74.96 6.47
N VAL D 332 -14.85 74.79 5.55
CA VAL D 332 -13.77 73.84 5.73
C VAL D 332 -13.04 74.09 7.04
N GLY D 333 -12.79 75.35 7.37
CA GLY D 333 -12.02 75.72 8.55
C GLY D 333 -12.65 75.36 9.87
N ASN D 334 -13.95 75.03 9.89
CA ASN D 334 -14.63 74.77 11.15
C ASN D 334 -14.37 73.38 11.71
N CYS D 335 -13.75 72.47 10.95
CA CYS D 335 -13.55 71.09 11.36
C CYS D 335 -12.05 70.84 11.58
N GLU D 336 -11.71 70.38 12.79
CA GLU D 336 -10.31 70.24 13.18
C GLU D 336 -9.57 69.24 12.30
N GLN D 337 -10.17 68.07 12.06
CA GLN D 337 -9.53 67.06 11.22
C GLN D 337 -9.13 67.63 9.86
N LEU D 338 -9.92 68.56 9.34
CA LEU D 338 -9.69 69.04 7.98
C LEU D 338 -8.61 70.12 7.94
N ARG D 339 -8.61 71.06 8.88
CA ARG D 339 -7.50 72.00 8.93
C ARG D 339 -6.20 71.28 9.23
N GLY D 340 -6.26 70.21 10.02
CA GLY D 340 -5.09 69.38 10.21
C GLY D 340 -4.66 68.67 8.94
N ALA D 341 -5.65 68.25 8.13
CA ALA D 341 -5.34 67.58 6.87
C ALA D 341 -4.59 68.47 5.90
N GLU D 342 -4.68 69.79 6.07
CA GLU D 342 -3.91 70.69 5.21
C GLU D 342 -2.41 70.55 5.47
N ALA D 343 -2.01 70.47 6.74
CA ALA D 343 -0.59 70.34 7.06
C ALA D 343 -0.07 68.96 6.66
N GLY D 344 -0.85 67.92 6.90
CA GLY D 344 -0.43 66.57 6.58
C GLY D 344 -1.53 65.58 6.92
N SER D 345 -1.20 64.30 6.81
CA SER D 345 -2.18 63.26 7.10
C SER D 345 -2.51 63.24 8.59
N VAL D 346 -3.81 63.22 8.91
CA VAL D 346 -4.28 63.22 10.29
C VAL D 346 -4.97 61.90 10.56
N VAL D 347 -4.47 61.18 11.56
CA VAL D 347 -5.17 60.02 12.11
C VAL D 347 -5.84 60.49 13.40
N ASP D 348 -7.17 60.49 13.42
CA ASP D 348 -7.84 61.01 14.59
C ASP D 348 -8.02 59.90 15.62
N GLU D 349 -8.72 60.23 16.70
CA GLU D 349 -8.84 59.36 17.87
C GLU D 349 -9.61 58.08 17.54
N ARG D 350 -10.39 58.07 16.47
CA ARG D 350 -11.21 56.92 16.11
C ARG D 350 -10.59 56.05 15.02
N GLY D 351 -9.39 56.40 14.56
CA GLY D 351 -8.67 55.58 13.60
C GLY D 351 -8.77 56.04 12.15
N PHE D 352 -9.57 57.06 11.87
CA PHE D 352 -9.77 57.51 10.49
C PHE D 352 -8.65 58.43 10.06
N VAL D 353 -8.30 58.36 8.77
CA VAL D 353 -7.13 59.04 8.22
C VAL D 353 -7.62 60.11 7.25
N TRP D 354 -7.40 61.38 7.59
CA TRP D 354 -7.86 62.50 6.78
C TRP D 354 -6.68 63.03 5.96
N GLU D 355 -6.86 63.06 4.64
CA GLU D 355 -5.82 63.46 3.71
C GLU D 355 -6.33 64.56 2.79
N LYS D 356 -5.40 65.32 2.20
CA LYS D 356 -5.73 66.33 1.21
C LYS D 356 -5.18 66.05 -0.18
N ALA D 357 -4.11 65.26 -0.30
CA ALA D 357 -3.52 64.90 -1.59
C ALA D 357 -3.24 66.14 -2.46
N GLY D 360 -4.68 67.27 -6.90
CA GLY D 360 -5.65 67.09 -5.84
C GLY D 360 -6.43 68.34 -5.48
N ASP D 361 -7.76 68.26 -5.62
CA ASP D 361 -8.67 69.33 -5.23
C ASP D 361 -9.29 69.12 -3.88
N PHE D 362 -9.35 67.87 -3.43
CA PHE D 362 -10.38 67.38 -2.52
C PHE D 362 -9.72 66.71 -1.33
N PHE D 363 -10.56 66.37 -0.36
CA PHE D 363 -10.11 65.66 0.82
C PHE D 363 -10.62 64.23 0.79
N ARG D 364 -9.92 63.37 1.53
CA ARG D 364 -10.16 61.94 1.50
C ARG D 364 -10.02 61.41 2.91
N VAL D 365 -11.04 60.70 3.38
CA VAL D 365 -11.04 60.11 4.72
C VAL D 365 -11.08 58.61 4.57
N GLN D 366 -10.04 57.94 5.05
CA GLN D 366 -9.92 56.49 4.91
C GLN D 366 -10.36 55.80 6.20
N TYR D 367 -10.97 54.63 6.03
CA TYR D 367 -11.53 53.87 7.15
C TYR D 367 -10.52 53.69 8.27
N SER D 368 -9.27 53.43 7.92
CA SER D 368 -8.20 53.22 8.89
C SER D 368 -6.87 53.36 8.17
N GLU D 369 -5.78 53.22 8.93
CA GLU D 369 -4.46 53.32 8.34
C GLU D 369 -4.17 52.13 7.42
N SER D 370 -4.72 50.96 7.74
CA SER D 370 -4.51 49.78 6.91
C SER D 370 -5.59 49.58 5.86
N ASN D 371 -6.83 49.99 6.15
CA ASN D 371 -7.97 49.75 5.27
C ASN D 371 -8.29 51.04 4.51
N HIS D 372 -7.97 51.06 3.22
CA HIS D 372 -8.03 52.28 2.41
C HIS D 372 -9.32 52.39 1.62
N LEU D 373 -10.45 52.13 2.28
CA LEU D 373 -11.75 52.48 1.74
C LEU D 373 -12.09 53.89 2.22
N HIS D 374 -12.52 54.76 1.31
CA HIS D 374 -12.47 56.18 1.62
C HIS D 374 -13.73 56.91 1.21
N VAL D 375 -13.94 58.04 1.87
CA VAL D 375 -14.93 59.05 1.51
C VAL D 375 -14.16 60.24 0.95
N ASP D 376 -14.56 60.70 -0.23
CA ASP D 376 -13.96 61.89 -0.84
C ASP D 376 -14.86 63.09 -0.58
N LEU D 377 -14.26 64.17 -0.09
CA LEU D 377 -14.97 65.43 0.16
C LEU D 377 -14.54 66.46 -0.88
N TRP D 378 -15.50 66.94 -1.67
CA TRP D 378 -15.22 67.90 -2.73
C TRP D 378 -15.75 69.28 -2.34
N PRO D 379 -14.89 70.26 -2.06
CA PRO D 379 -15.38 71.59 -1.70
C PRO D 379 -15.77 72.41 -2.93
N PHE D 380 -16.92 73.07 -2.82
CA PHE D 380 -17.40 74.02 -3.83
C PHE D 380 -17.61 75.38 -3.16
N TYR D 381 -17.62 76.43 -3.98
CA TYR D 381 -17.92 77.76 -3.50
C TYR D 381 -18.86 78.47 -4.46
N PRO D 382 -19.74 79.32 -3.94
CA PRO D 382 -20.64 80.09 -4.81
C PRO D 382 -20.01 81.38 -5.25
N ARG D 383 -19.85 81.55 -6.56
CA ARG D 383 -19.31 82.79 -7.12
C ARG D 383 -20.31 83.52 -7.99
N ASN D 384 -21.11 82.79 -8.76
CA ASN D 384 -22.01 83.37 -9.75
C ASN D 384 -23.47 83.06 -9.44
N GLY D 385 -23.77 82.68 -8.20
CA GLY D 385 -24.95 81.86 -7.98
C GLY D 385 -24.78 80.45 -8.50
N VAL D 386 -23.57 80.11 -8.94
CA VAL D 386 -23.22 78.79 -9.44
C VAL D 386 -22.15 78.20 -8.52
N MET D 387 -22.28 76.92 -8.21
CA MET D 387 -21.30 76.21 -7.40
C MET D 387 -20.18 75.70 -8.30
N THR D 388 -18.94 76.02 -7.94
CA THR D 388 -17.79 75.74 -8.81
C THR D 388 -16.58 75.36 -7.98
N LYS D 389 -15.73 74.51 -8.56
CA LYS D 389 -14.41 74.21 -8.05
C LYS D 389 -13.39 74.93 -8.92
N ASP D 390 -12.11 74.58 -8.76
CA ASP D 390 -11.06 75.28 -9.50
C ASP D 390 -10.13 74.37 -10.30
N THR D 391 -10.10 73.07 -10.04
CA THR D 391 -9.40 72.13 -10.90
C THR D 391 -10.31 70.93 -11.13
N TRP D 392 -10.23 70.35 -12.31
CA TRP D 392 -11.24 69.42 -12.78
C TRP D 392 -10.68 68.08 -13.23
N VAL D 399 -18.19 68.85 -12.71
CA VAL D 399 -18.60 70.05 -13.42
C VAL D 399 -19.52 70.87 -12.51
N GLU D 400 -19.85 72.10 -12.92
CA GLU D 400 -20.55 73.04 -12.05
C GLU D 400 -22.06 72.85 -12.11
N PHE D 401 -22.76 73.45 -11.14
CA PHE D 401 -24.21 73.34 -11.04
C PHE D 401 -24.75 74.55 -10.31
N PRO D 402 -26.01 74.94 -10.55
CA PRO D 402 -26.55 76.15 -9.92
C PRO D 402 -26.77 75.97 -8.42
N GLU D 403 -26.51 77.05 -7.66
CA GLU D 403 -26.55 76.99 -6.21
C GLU D 403 -27.95 76.71 -5.65
N HIS D 404 -29.01 77.00 -6.41
CA HIS D 404 -30.35 76.82 -5.87
C HIS D 404 -30.65 75.34 -5.57
N PHE D 405 -29.89 74.42 -6.14
CA PHE D 405 -30.06 73.01 -5.80
C PHE D 405 -29.65 72.70 -4.38
N LEU D 406 -28.91 73.58 -3.72
CA LEU D 406 -28.51 73.37 -2.33
C LEU D 406 -29.30 74.22 -1.34
N GLN D 407 -30.21 75.07 -1.81
CA GLN D 407 -31.03 75.90 -0.93
C GLN D 407 -32.50 75.61 -1.17
N PRO D 408 -33.12 74.72 -0.36
CA PRO D 408 -32.44 74.03 0.74
C PRO D 408 -31.90 72.65 0.37
N LEU D 409 -31.41 71.93 1.38
CA LEU D 409 -31.08 70.53 1.29
C LEU D 409 -32.23 69.71 1.85
N VAL D 410 -32.33 68.46 1.39
CA VAL D 410 -33.45 67.61 1.78
C VAL D 410 -32.95 66.31 2.41
N PRO D 411 -33.67 65.76 3.40
CA PRO D 411 -33.25 64.50 3.99
C PRO D 411 -33.45 63.33 3.03
N LEU D 412 -32.44 62.47 2.98
CA LEU D 412 -32.47 61.32 2.08
C LEU D 412 -31.78 60.13 2.75
N PRO D 413 -32.47 59.00 2.91
CA PRO D 413 -31.82 57.81 3.48
C PRO D 413 -30.66 57.34 2.62
N PHE D 414 -29.56 56.99 3.29
CA PHE D 414 -28.35 56.53 2.60
C PHE D 414 -27.47 55.77 3.59
N ALA D 415 -27.16 54.51 3.26
CA ALA D 415 -26.16 53.71 3.97
C ALA D 415 -26.47 53.55 5.45
N GLY D 416 -27.75 53.48 5.81
CA GLY D 416 -28.16 53.26 7.18
C GLY D 416 -28.46 54.50 8.00
N PHE D 417 -28.30 55.70 7.45
CA PHE D 417 -28.59 56.93 8.17
C PHE D 417 -29.26 57.92 7.23
N VAL D 418 -29.74 59.03 7.79
CA VAL D 418 -30.40 60.07 7.00
C VAL D 418 -29.34 61.09 6.59
N ALA D 419 -29.06 61.15 5.28
CA ALA D 419 -28.09 62.06 4.74
C ALA D 419 -28.77 63.31 4.19
N GLN D 420 -27.96 64.25 3.73
CA GLN D 420 -28.45 65.47 3.11
C GLN D 420 -28.17 65.41 1.62
N ALA D 421 -29.16 65.81 0.83
CA ALA D 421 -29.10 65.76 -0.62
C ALA D 421 -29.56 67.09 -1.18
N PRO D 422 -29.14 67.42 -2.40
CA PRO D 422 -29.72 68.59 -3.07
C PRO D 422 -31.23 68.43 -3.18
N ASN D 423 -31.94 69.56 -3.08
CA ASN D 423 -33.36 69.51 -3.38
C ASN D 423 -33.53 69.17 -4.86
N ASN D 424 -34.69 68.58 -5.19
CA ASN D 424 -35.01 68.19 -6.56
C ASN D 424 -33.90 67.30 -7.13
N TYR D 425 -33.42 66.35 -6.31
CA TYR D 425 -32.18 65.65 -6.62
C TYR D 425 -32.29 64.74 -7.85
N ARG D 426 -33.51 64.35 -8.25
CA ARG D 426 -33.63 63.60 -9.50
C ARG D 426 -33.28 64.48 -10.68
N ARG D 427 -33.74 65.74 -10.66
CA ARG D 427 -33.31 66.72 -11.66
C ARG D 427 -31.80 66.95 -11.57
N PHE D 428 -31.28 67.08 -10.35
CA PHE D 428 -29.84 67.22 -10.16
C PHE D 428 -29.08 66.03 -10.73
N LEU D 429 -29.66 64.83 -10.64
CA LEU D 429 -28.95 63.64 -11.13
C LEU D 429 -29.01 63.51 -12.64
N GLU D 430 -30.13 63.91 -13.26
CA GLU D 430 -30.15 64.00 -14.72
C GLU D 430 -29.26 65.12 -15.22
N LEU D 431 -29.01 66.13 -14.39
CA LEU D 431 -28.01 67.15 -14.70
C LEU D 431 -26.64 66.53 -14.91
N LYS D 432 -26.20 65.68 -13.98
CA LYS D 432 -24.82 65.19 -13.98
C LYS D 432 -24.62 63.91 -14.77
N PHE D 433 -25.68 63.13 -15.00
CA PHE D 433 -25.53 61.80 -15.59
C PHE D 433 -26.38 61.58 -16.84
N GLY D 434 -27.31 62.46 -17.16
CA GLY D 434 -28.19 62.24 -18.29
C GLY D 434 -29.54 61.71 -17.85
N PRO D 435 -30.51 61.72 -18.77
CA PRO D 435 -31.88 61.34 -18.39
C PRO D 435 -32.00 59.84 -18.12
N GLY D 436 -32.89 59.51 -17.18
CA GLY D 436 -33.18 58.13 -16.86
C GLY D 436 -32.12 57.42 -16.06
N VAL D 437 -31.20 58.16 -15.42
CA VAL D 437 -30.06 57.55 -14.75
C VAL D 437 -30.53 56.61 -13.64
N ILE D 438 -31.58 57.01 -12.90
CA ILE D 438 -31.96 56.28 -11.69
C ILE D 438 -32.58 54.94 -12.04
N GLU D 439 -33.38 54.91 -13.11
CA GLU D 439 -34.10 53.71 -13.50
C GLU D 439 -33.27 52.77 -14.36
N ASN D 440 -32.15 53.24 -14.92
CA ASN D 440 -31.31 52.46 -15.83
C ASN D 440 -29.91 52.32 -15.23
N PRO D 441 -29.73 51.40 -14.27
CA PRO D 441 -28.40 51.21 -13.69
C PRO D 441 -27.43 50.67 -14.73
N GLN D 442 -26.19 51.16 -14.69
CA GLN D 442 -25.15 50.71 -15.61
C GLN D 442 -24.50 49.47 -15.01
N TYR D 443 -25.18 48.34 -15.20
CA TYR D 443 -24.70 47.09 -14.65
C TYR D 443 -23.36 46.72 -15.29
N PRO D 444 -22.39 46.24 -14.50
CA PRO D 444 -21.16 45.72 -15.08
C PRO D 444 -21.45 44.46 -15.91
N ASN D 445 -20.58 44.22 -16.88
CA ASN D 445 -20.71 43.03 -17.72
C ASN D 445 -19.37 42.34 -17.92
ZN ZN E . 20.74 -17.45 -1.17
C1 NAG F . 15.74 -10.83 20.40
C2 NAG F . 17.04 -11.45 20.96
C3 NAG F . 17.45 -10.77 22.27
C4 NAG F . 17.45 -9.25 22.13
C5 NAG F . 16.11 -8.78 21.58
C6 NAG F . 16.05 -7.29 21.34
C7 NAG F . 17.34 -13.79 20.30
C8 NAG F . 17.09 -15.22 20.68
N2 NAG F . 16.89 -12.88 21.15
O3 NAG F . 18.74 -11.21 22.64
O4 NAG F . 17.67 -8.64 23.40
O5 NAG F . 15.88 -9.41 20.32
O6 NAG F . 16.66 -6.94 20.10
O7 NAG F . 17.93 -13.49 19.27
BA BA G . 28.27 -2.45 -5.73
ZN ZN H . -5.12 -44.31 -11.42
C1 NAG I . -23.61 -33.63 -21.42
C2 NAG I . -23.31 -34.37 -22.76
C3 NAG I . -24.57 -34.45 -23.63
C4 NAG I . -25.78 -34.91 -22.85
C5 NAG I . -25.94 -34.05 -21.61
C6 NAG I . -27.11 -34.47 -20.74
C7 NAG I . -20.98 -34.18 -23.54
C8 NAG I . -20.02 -33.35 -24.34
N2 NAG I . -22.23 -33.70 -23.47
O3 NAG I . -24.32 -35.34 -24.71
O4 NAG I . -26.95 -34.81 -23.65
O5 NAG I . -24.76 -34.18 -20.81
O6 NAG I . -27.11 -35.87 -20.50
O7 NAG I . -20.65 -35.21 -22.99
BA BA J . -13.18 -57.67 -4.89
ZN ZN K . 12.09 20.10 14.57
C1 NAG L . 3.07 8.43 -12.74
C2 NAG L . 3.54 7.46 -13.78
C3 NAG L . 3.54 6.08 -13.17
C4 NAG L . 4.50 6.08 -11.99
C5 NAG L . 4.24 7.24 -11.03
C6 NAG L . 5.38 7.45 -10.07
C7 NAG L . 3.19 7.99 -16.13
C8 NAG L . 2.30 7.86 -17.31
N2 NAG L . 2.74 7.47 -14.99
O3 NAG L . 3.91 5.13 -14.15
O4 NAG L . 4.38 4.83 -11.33
O5 NAG L . 4.05 8.50 -11.71
O6 NAG L . 4.93 7.20 -8.74
O7 NAG L . 4.28 8.55 -16.19
BA BA M . 15.89 5.70 24.10
ZN ZN N . -13.69 43.99 2.15
C1 NAG O . -32.82 32.09 -2.63
C2 NAG O . -33.29 32.78 -1.25
C3 NAG O . -34.79 32.86 -1.08
C4 NAG O . -35.42 33.52 -2.28
C5 NAG O . -35.08 32.60 -3.47
C6 NAG O . -35.69 33.12 -4.75
C7 NAG O . -32.70 32.51 1.10
C8 NAG O . -32.07 31.63 2.14
N2 NAG O . -32.74 32.03 -0.13
O3 NAG O . -35.05 33.60 0.11
O4 NAG O . -36.84 33.73 -2.12
O5 NAG O . -33.67 32.51 -3.73
O6 NAG O . -35.22 32.52 -5.95
O7 NAG O . -33.15 33.62 1.37
C1 NAG P . -17.93 13.17 -13.78
C2 NAG P . -17.04 12.00 -13.38
C3 NAG P . -16.71 11.17 -14.61
C4 NAG P . -17.97 10.75 -15.35
C5 NAG P . -18.89 11.94 -15.60
C6 NAG P . -20.26 11.53 -16.12
C7 NAG P . -15.32 11.89 -11.62
C8 NAG P . -16.09 10.73 -11.06
N2 NAG P . -15.83 12.46 -12.73
O3 NAG P . -15.97 10.01 -14.22
O4 NAG P . -17.62 10.18 -16.61
O5 NAG P . -19.13 12.67 -14.39
O6 NAG P . -21.02 10.91 -15.09
O7 NAG P . -14.30 12.31 -11.09
BA BA Q . -18.21 56.99 -8.64
#